data_2YRA
#
_entry.id   2YRA
#
_entity_poly.entity_id   1
_entity_poly.type   'polypeptide(L)'
_entity_poly.pdbx_seq_one_letter_code
;GSSGSSGCSDLPEIQNGWKTTSHTELVRGARITYQCDPGYDIVGSDTLTCQWDLSWSSDPPFCEKTEESGPSSG
;
_entity_poly.pdbx_strand_id   A
#
# COMPACT_ATOMS: atom_id res chain seq x y z
N GLY A 1 -30.26 16.27 -1.82
CA GLY A 1 -28.87 16.10 -1.45
C GLY A 1 -28.14 15.13 -2.36
N SER A 2 -27.94 15.53 -3.61
CA SER A 2 -27.26 14.68 -4.58
C SER A 2 -25.87 15.21 -4.88
N SER A 3 -24.89 14.78 -4.09
CA SER A 3 -23.51 15.21 -4.26
C SER A 3 -22.53 14.19 -3.69
N GLY A 4 -21.48 13.89 -4.45
CA GLY A 4 -20.50 12.93 -3.99
C GLY A 4 -19.15 13.56 -3.70
N SER A 5 -18.18 13.33 -4.57
CA SER A 5 -16.84 13.88 -4.40
C SER A 5 -16.18 13.31 -3.14
N SER A 6 -16.35 12.01 -2.92
CA SER A 6 -15.78 11.36 -1.75
C SER A 6 -14.87 10.20 -2.17
N GLY A 7 -13.69 10.14 -1.58
CA GLY A 7 -12.74 9.08 -1.91
C GLY A 7 -11.39 9.30 -1.28
N CYS A 8 -10.75 8.22 -0.85
CA CYS A 8 -9.44 8.29 -0.22
C CYS A 8 -8.50 9.18 -1.03
N SER A 9 -7.34 9.49 -0.46
CA SER A 9 -6.36 10.34 -1.12
C SER A 9 -5.29 9.49 -1.80
N ASP A 10 -4.91 9.89 -3.01
CA ASP A 10 -3.90 9.17 -3.77
C ASP A 10 -2.69 8.84 -2.89
N LEU A 11 -2.36 7.55 -2.83
CA LEU A 11 -1.22 7.10 -2.02
C LEU A 11 0.10 7.56 -2.64
N PRO A 12 1.06 7.90 -1.76
CA PRO A 12 2.38 8.36 -2.20
C PRO A 12 3.20 7.24 -2.83
N GLU A 13 3.99 7.59 -3.85
CA GLU A 13 4.82 6.61 -4.54
C GLU A 13 5.68 5.83 -3.55
N ILE A 14 5.70 4.51 -3.71
CA ILE A 14 6.49 3.65 -2.83
C ILE A 14 7.81 3.24 -3.49
N GLN A 15 8.86 3.15 -2.68
CA GLN A 15 10.17 2.76 -3.18
C GLN A 15 10.28 1.24 -3.31
N ASN A 16 10.86 0.79 -4.42
CA ASN A 16 11.02 -0.64 -4.67
C ASN A 16 9.68 -1.35 -4.65
N GLY A 17 8.65 -0.69 -5.18
CA GLY A 17 7.33 -1.29 -5.22
C GLY A 17 6.31 -0.39 -5.91
N TRP A 18 5.15 -0.95 -6.24
CA TRP A 18 4.10 -0.19 -6.90
C TRP A 18 2.72 -0.69 -6.48
N LYS A 19 1.74 0.21 -6.49
CA LYS A 19 0.38 -0.14 -6.10
C LYS A 19 -0.43 -0.57 -7.32
N THR A 20 -1.38 -1.48 -7.11
CA THR A 20 -2.23 -1.96 -8.18
C THR A 20 -3.67 -2.11 -7.73
N THR A 21 -4.56 -1.29 -8.28
CA THR A 21 -5.97 -1.35 -7.93
C THR A 21 -6.84 -1.43 -9.18
N SER A 22 -7.95 -2.16 -9.06
CA SER A 22 -8.88 -2.33 -10.18
C SER A 22 -9.50 -1.00 -10.58
N HIS A 23 -10.26 -0.40 -9.66
CA HIS A 23 -10.91 0.87 -9.92
C HIS A 23 -9.94 2.03 -9.71
N THR A 24 -9.81 2.88 -10.73
CA THR A 24 -8.91 4.02 -10.67
C THR A 24 -9.34 5.00 -9.58
N GLU A 25 -10.60 5.45 -9.67
CA GLU A 25 -11.13 6.40 -8.69
C GLU A 25 -11.25 5.75 -7.32
N LEU A 26 -10.43 6.21 -6.38
CA LEU A 26 -10.44 5.68 -5.02
C LEU A 26 -11.76 5.99 -4.32
N VAL A 27 -12.55 4.96 -4.07
CA VAL A 27 -13.84 5.12 -3.41
C VAL A 27 -13.98 4.17 -2.23
N ARG A 28 -15.01 4.37 -1.43
CA ARG A 28 -15.26 3.54 -0.26
C ARG A 28 -15.28 2.07 -0.65
N GLY A 29 -14.57 1.24 0.12
CA GLY A 29 -14.52 -0.18 -0.15
C GLY A 29 -13.33 -0.57 -1.02
N ALA A 30 -12.85 0.38 -1.81
CA ALA A 30 -11.71 0.13 -2.69
C ALA A 30 -10.59 -0.59 -1.94
N ARG A 31 -9.92 -1.51 -2.63
CA ARG A 31 -8.83 -2.26 -2.03
C ARG A 31 -7.52 -2.03 -2.78
N ILE A 32 -6.50 -1.56 -2.05
CA ILE A 32 -5.21 -1.30 -2.65
C ILE A 32 -4.23 -2.44 -2.38
N THR A 33 -3.38 -2.73 -3.36
CA THR A 33 -2.40 -3.80 -3.23
C THR A 33 -0.98 -3.26 -3.40
N TYR A 34 -0.13 -3.54 -2.42
CA TYR A 34 1.26 -3.09 -2.46
C TYR A 34 2.19 -4.22 -2.88
N GLN A 35 2.92 -4.01 -3.96
CA GLN A 35 3.85 -5.01 -4.46
C GLN A 35 5.27 -4.45 -4.55
N CYS A 36 6.23 -5.20 -3.99
CA CYS A 36 7.62 -4.76 -4.01
C CYS A 36 8.45 -5.63 -4.96
N ASP A 37 9.71 -5.26 -5.14
CA ASP A 37 10.60 -5.98 -6.03
C ASP A 37 10.77 -7.43 -5.56
N PRO A 38 11.19 -8.31 -6.48
CA PRO A 38 11.41 -9.72 -6.18
C PRO A 38 12.60 -9.95 -5.26
N GLY A 39 12.33 -10.44 -4.05
CA GLY A 39 13.40 -10.70 -3.10
C GLY A 39 13.21 -9.94 -1.80
N TYR A 40 12.44 -8.85 -1.86
CA TYR A 40 12.18 -8.03 -0.68
C TYR A 40 10.88 -8.45 0.01
N ASP A 41 10.60 -7.85 1.16
CA ASP A 41 9.40 -8.16 1.91
C ASP A 41 8.68 -6.89 2.34
N ILE A 42 7.37 -7.00 2.56
CA ILE A 42 6.57 -5.85 2.97
C ILE A 42 6.38 -5.82 4.48
N VAL A 43 6.43 -4.63 5.06
CA VAL A 43 6.25 -4.46 6.49
C VAL A 43 4.97 -3.70 6.81
N GLY A 44 3.99 -4.41 7.36
CA GLY A 44 2.72 -3.77 7.71
C GLY A 44 1.54 -4.49 7.10
N SER A 45 0.66 -3.73 6.46
CA SER A 45 -0.53 -4.30 5.83
C SER A 45 -0.41 -4.28 4.32
N ASP A 46 -0.23 -5.45 3.72
CA ASP A 46 -0.10 -5.57 2.28
C ASP A 46 -1.33 -5.00 1.57
N THR A 47 -2.48 -5.12 2.23
CA THR A 47 -3.73 -4.63 1.66
C THR A 47 -4.30 -3.48 2.50
N LEU A 48 -4.67 -2.39 1.83
CA LEU A 48 -5.23 -1.24 2.52
C LEU A 48 -6.61 -0.89 1.95
N THR A 49 -7.59 -0.76 2.84
CA THR A 49 -8.96 -0.43 2.43
C THR A 49 -9.31 1.00 2.81
N CYS A 50 -10.32 1.56 2.16
CA CYS A 50 -10.75 2.92 2.44
C CYS A 50 -11.92 2.92 3.44
N GLN A 51 -11.70 3.56 4.59
CA GLN A 51 -12.72 3.63 5.63
C GLN A 51 -13.83 4.60 5.22
N TRP A 52 -14.84 4.70 6.07
CA TRP A 52 -15.97 5.59 5.80
C TRP A 52 -15.57 7.05 6.03
N ASP A 53 -14.37 7.26 6.55
CA ASP A 53 -13.87 8.60 6.80
C ASP A 53 -12.90 9.04 5.71
N LEU A 54 -12.87 8.28 4.62
CA LEU A 54 -11.98 8.58 3.51
C LEU A 54 -10.52 8.52 3.94
N SER A 55 -10.25 7.71 4.96
CA SER A 55 -8.88 7.56 5.47
C SER A 55 -8.52 6.09 5.60
N TRP A 56 -7.39 5.71 5.01
CA TRP A 56 -6.92 4.33 5.07
C TRP A 56 -6.74 3.87 6.51
N SER A 57 -7.12 2.63 6.78
CA SER A 57 -7.00 2.07 8.13
C SER A 57 -5.72 2.57 8.81
N SER A 58 -4.60 2.49 8.09
CA SER A 58 -3.32 2.93 8.63
C SER A 58 -2.37 3.33 7.50
N ASP A 59 -1.27 3.99 7.86
CA ASP A 59 -0.29 4.43 6.89
C ASP A 59 0.15 3.27 6.00
N PRO A 60 0.63 3.60 4.79
CA PRO A 60 1.08 2.60 3.82
C PRO A 60 2.38 1.91 4.25
N PRO A 61 2.50 0.62 3.93
CA PRO A 61 3.67 -0.19 4.27
C PRO A 61 4.91 0.24 3.49
N PHE A 62 5.94 -0.61 3.51
CA PHE A 62 7.18 -0.32 2.80
C PHE A 62 7.90 -1.62 2.43
N CYS A 63 8.94 -1.49 1.61
CA CYS A 63 9.72 -2.65 1.17
C CYS A 63 11.03 -2.75 1.96
N GLU A 64 11.35 -3.96 2.41
CA GLU A 64 12.57 -4.19 3.16
C GLU A 64 13.35 -5.37 2.59
N LYS A 65 14.68 -5.25 2.60
CA LYS A 65 15.54 -6.31 2.09
C LYS A 65 15.73 -7.41 3.12
N THR A 66 15.71 -8.65 2.67
CA THR A 66 15.88 -9.80 3.55
C THR A 66 17.31 -10.34 3.50
N GLU A 67 17.77 -10.88 4.62
CA GLU A 67 19.12 -11.43 4.68
C GLU A 67 19.24 -12.70 3.84
N GLU A 68 19.59 -12.52 2.56
CA GLU A 68 19.74 -13.64 1.65
C GLU A 68 20.82 -13.35 0.61
N SER A 69 21.52 -14.40 0.19
CA SER A 69 22.59 -14.26 -0.79
C SER A 69 22.43 -15.30 -1.90
N GLY A 70 22.09 -14.82 -3.10
CA GLY A 70 21.90 -15.72 -4.23
C GLY A 70 20.52 -16.34 -4.27
N PRO A 71 20.12 -16.81 -5.46
CA PRO A 71 18.80 -17.44 -5.65
C PRO A 71 18.71 -18.80 -4.96
N SER A 72 19.83 -19.52 -4.91
CA SER A 72 19.87 -20.83 -4.27
C SER A 72 20.76 -20.81 -3.03
N SER A 73 20.26 -21.40 -1.95
CA SER A 73 21.01 -21.45 -0.70
C SER A 73 22.47 -21.81 -0.95
N GLY A 74 22.69 -22.97 -1.58
CA GLY A 74 24.03 -23.40 -1.87
C GLY A 74 24.63 -24.21 -0.74
N GLY A 1 -9.74 14.98 -6.71
CA GLY A 1 -11.07 15.25 -7.20
C GLY A 1 -11.49 16.69 -7.00
N SER A 2 -11.39 17.49 -8.05
CA SER A 2 -11.76 18.90 -7.98
C SER A 2 -13.24 19.07 -7.67
N SER A 3 -14.09 18.40 -8.44
CA SER A 3 -15.53 18.46 -8.25
C SER A 3 -15.98 17.49 -7.18
N GLY A 4 -15.21 17.39 -6.11
CA GLY A 4 -15.55 16.49 -5.02
C GLY A 4 -14.71 15.23 -5.03
N SER A 5 -13.84 15.09 -4.04
CA SER A 5 -12.97 13.91 -3.94
C SER A 5 -13.78 12.65 -3.66
N SER A 6 -14.63 12.72 -2.63
CA SER A 6 -15.45 11.58 -2.26
C SER A 6 -14.67 10.27 -2.36
N GLY A 7 -13.44 10.29 -1.86
CA GLY A 7 -12.60 9.11 -1.91
C GLY A 7 -11.27 9.30 -1.22
N CYS A 8 -10.68 8.21 -0.74
CA CYS A 8 -9.40 8.27 -0.05
C CYS A 8 -8.42 9.16 -0.80
N SER A 9 -7.50 9.79 -0.05
CA SER A 9 -6.51 10.67 -0.65
C SER A 9 -5.47 9.87 -1.44
N ASP A 10 -4.96 10.48 -2.50
CA ASP A 10 -3.96 9.82 -3.34
C ASP A 10 -2.70 9.49 -2.53
N LEU A 11 -2.17 8.30 -2.75
CA LEU A 11 -0.97 7.86 -2.04
C LEU A 11 0.28 8.09 -2.88
N PRO A 12 1.39 8.45 -2.22
CA PRO A 12 2.67 8.71 -2.88
C PRO A 12 3.29 7.45 -3.44
N GLU A 13 4.26 7.61 -4.33
CA GLU A 13 4.94 6.47 -4.94
C GLU A 13 5.68 5.65 -3.89
N ILE A 14 5.79 4.35 -4.12
CA ILE A 14 6.48 3.46 -3.20
C ILE A 14 7.86 3.09 -3.71
N GLN A 15 8.78 2.87 -2.78
CA GLN A 15 10.15 2.51 -3.14
C GLN A 15 10.28 1.00 -3.37
N ASN A 16 10.96 0.63 -4.44
CA ASN A 16 11.16 -0.77 -4.76
C ASN A 16 9.83 -1.51 -4.83
N GLY A 17 8.86 -0.90 -5.52
CA GLY A 17 7.54 -1.51 -5.64
C GLY A 17 6.56 -0.63 -6.39
N TRP A 18 5.29 -0.99 -6.35
CA TRP A 18 4.25 -0.23 -7.02
C TRP A 18 2.89 -0.49 -6.39
N LYS A 19 1.88 0.28 -6.81
CA LYS A 19 0.53 0.13 -6.29
C LYS A 19 -0.49 0.15 -7.42
N THR A 20 -1.68 -0.37 -7.15
CA THR A 20 -2.75 -0.41 -8.15
C THR A 20 -4.07 0.06 -7.55
N THR A 21 -5.08 0.16 -8.40
CA THR A 21 -6.40 0.59 -7.96
C THR A 21 -7.50 -0.24 -8.59
N SER A 22 -8.22 -1.01 -7.77
CA SER A 22 -9.29 -1.87 -8.26
C SER A 22 -10.41 -1.03 -8.86
N HIS A 23 -10.98 -0.13 -8.06
CA HIS A 23 -12.06 0.73 -8.52
C HIS A 23 -11.51 2.00 -9.16
N THR A 24 -12.29 2.61 -10.03
CA THR A 24 -11.89 3.84 -10.72
C THR A 24 -11.50 4.91 -9.71
N GLU A 25 -12.38 5.16 -8.73
CA GLU A 25 -12.11 6.16 -7.72
C GLU A 25 -11.91 5.52 -6.36
N LEU A 26 -10.96 6.06 -5.59
CA LEU A 26 -10.66 5.53 -4.26
C LEU A 26 -11.80 5.81 -3.30
N VAL A 27 -12.89 5.05 -3.42
CA VAL A 27 -14.04 5.21 -2.55
C VAL A 27 -14.16 4.05 -1.56
N ARG A 28 -15.12 4.14 -0.66
CA ARG A 28 -15.34 3.11 0.34
C ARG A 28 -15.21 1.72 -0.29
N GLY A 29 -14.52 0.83 0.42
CA GLY A 29 -14.33 -0.52 -0.07
C GLY A 29 -13.10 -0.66 -0.95
N ALA A 30 -12.74 0.43 -1.63
CA ALA A 30 -11.58 0.44 -2.51
C ALA A 30 -10.33 -0.02 -1.77
N ARG A 31 -9.60 -0.96 -2.36
CA ARG A 31 -8.39 -1.49 -1.76
C ARG A 31 -7.18 -1.27 -2.67
N ILE A 32 -6.01 -1.11 -2.07
CA ILE A 32 -4.78 -0.90 -2.83
C ILE A 32 -3.81 -2.06 -2.64
N THR A 33 -3.27 -2.55 -3.74
CA THR A 33 -2.32 -3.66 -3.70
C THR A 33 -0.89 -3.17 -3.91
N TYR A 34 -0.06 -3.34 -2.88
CA TYR A 34 1.34 -2.91 -2.95
C TYR A 34 2.25 -4.08 -3.28
N GLN A 35 3.07 -3.91 -4.31
CA GLN A 35 4.00 -4.95 -4.74
C GLN A 35 5.43 -4.46 -4.71
N CYS A 36 6.34 -5.29 -4.21
CA CYS A 36 7.76 -4.93 -4.13
C CYS A 36 8.60 -5.83 -5.03
N ASP A 37 9.87 -5.49 -5.16
CA ASP A 37 10.79 -6.27 -5.99
C ASP A 37 10.90 -7.71 -5.47
N PRO A 38 11.30 -8.62 -6.37
CA PRO A 38 11.45 -10.05 -6.03
C PRO A 38 12.63 -10.29 -5.10
N GLY A 39 12.35 -10.83 -3.92
CA GLY A 39 13.39 -11.11 -2.95
C GLY A 39 13.22 -10.32 -1.67
N TYR A 40 12.38 -9.30 -1.71
CA TYR A 40 12.14 -8.46 -0.54
C TYR A 40 10.84 -8.85 0.15
N ASP A 41 10.55 -8.21 1.27
CA ASP A 41 9.33 -8.48 2.03
C ASP A 41 8.63 -7.18 2.43
N ILE A 42 7.34 -7.29 2.70
CA ILE A 42 6.54 -6.13 3.10
C ILE A 42 6.39 -6.05 4.61
N VAL A 43 6.49 -4.84 5.15
CA VAL A 43 6.36 -4.63 6.58
C VAL A 43 5.14 -3.78 6.91
N GLY A 44 4.17 -4.38 7.58
CA GLY A 44 2.95 -3.67 7.93
C GLY A 44 1.73 -4.24 7.26
N SER A 45 0.80 -3.36 6.87
CA SER A 45 -0.43 -3.78 6.23
C SER A 45 -0.31 -3.64 4.71
N ASP A 46 -0.11 -4.76 4.03
CA ASP A 46 0.01 -4.77 2.58
C ASP A 46 -1.23 -4.17 1.92
N THR A 47 -2.39 -4.69 2.29
CA THR A 47 -3.65 -4.21 1.73
C THR A 47 -4.17 -3.01 2.52
N LEU A 48 -4.75 -2.04 1.81
CA LEU A 48 -5.29 -0.84 2.44
C LEU A 48 -6.70 -0.55 1.92
N THR A 49 -7.68 -0.67 2.81
CA THR A 49 -9.07 -0.41 2.45
C THR A 49 -9.48 1.00 2.83
N CYS A 50 -10.48 1.53 2.13
CA CYS A 50 -10.97 2.87 2.40
C CYS A 50 -12.18 2.84 3.33
N GLN A 51 -11.98 3.30 4.56
CA GLN A 51 -13.06 3.33 5.55
C GLN A 51 -14.21 4.22 5.08
N TRP A 52 -15.22 4.36 5.93
CA TRP A 52 -16.37 5.18 5.61
C TRP A 52 -16.01 6.66 5.59
N ASP A 53 -14.98 7.03 6.35
CA ASP A 53 -14.53 8.40 6.42
C ASP A 53 -13.53 8.71 5.30
N LEU A 54 -13.55 7.89 4.25
CA LEU A 54 -12.65 8.06 3.12
C LEU A 54 -11.20 8.16 3.60
N SER A 55 -10.82 7.28 4.51
CA SER A 55 -9.46 7.27 5.06
C SER A 55 -8.87 5.86 5.02
N TRP A 56 -7.55 5.78 4.99
CA TRP A 56 -6.86 4.49 4.96
C TRP A 56 -6.71 3.92 6.37
N SER A 57 -7.03 2.64 6.52
CA SER A 57 -6.93 1.97 7.81
C SER A 57 -5.71 2.46 8.58
N SER A 58 -4.56 2.48 7.90
CA SER A 58 -3.32 2.91 8.53
C SER A 58 -2.31 3.35 7.47
N ASP A 59 -1.18 3.88 7.92
CA ASP A 59 -0.14 4.34 7.02
C ASP A 59 0.25 3.24 6.02
N PRO A 60 0.81 3.65 4.88
CA PRO A 60 1.23 2.72 3.83
C PRO A 60 2.45 1.90 4.24
N PRO A 61 2.49 0.63 3.78
CA PRO A 61 3.59 -0.28 4.09
C PRO A 61 4.88 0.12 3.39
N PHE A 62 5.85 -0.78 3.40
CA PHE A 62 7.15 -0.52 2.77
C PHE A 62 7.89 -1.83 2.47
N CYS A 63 8.90 -1.75 1.62
CA CYS A 63 9.69 -2.92 1.26
C CYS A 63 11.01 -2.95 2.02
N GLU A 64 11.35 -4.10 2.58
CA GLU A 64 12.60 -4.25 3.32
C GLU A 64 13.16 -5.65 3.15
N LYS A 65 14.49 -5.74 3.01
CA LYS A 65 15.16 -7.01 2.84
C LYS A 65 14.89 -7.94 4.02
N THR A 66 14.54 -9.19 3.72
CA THR A 66 14.25 -10.17 4.75
C THR A 66 15.40 -10.27 5.75
N GLU A 67 15.06 -10.49 7.01
CA GLU A 67 16.06 -10.60 8.07
C GLU A 67 16.26 -12.06 8.48
N GLU A 68 16.17 -12.95 7.51
CA GLU A 68 16.33 -14.39 7.77
C GLU A 68 17.80 -14.73 8.02
N SER A 69 18.04 -15.86 8.68
CA SER A 69 19.39 -16.30 8.98
C SER A 69 19.77 -17.51 8.13
N GLY A 70 20.80 -17.35 7.30
CA GLY A 70 21.24 -18.43 6.44
C GLY A 70 22.73 -18.69 6.56
N PRO A 71 23.30 -19.37 5.55
CA PRO A 71 24.73 -19.70 5.52
C PRO A 71 25.60 -18.47 5.31
N SER A 72 24.96 -17.31 5.17
CA SER A 72 25.67 -16.07 4.96
C SER A 72 25.25 -15.01 5.99
N SER A 73 26.19 -14.61 6.84
CA SER A 73 25.92 -13.63 7.87
C SER A 73 25.45 -12.32 7.26
N GLY A 74 24.20 -11.96 7.51
CA GLY A 74 23.64 -10.73 6.97
C GLY A 74 22.18 -10.85 6.62
N GLY A 1 -13.36 19.61 -7.34
CA GLY A 1 -12.76 19.35 -6.05
C GLY A 1 -11.25 19.23 -6.12
N SER A 2 -10.66 18.57 -5.13
CA SER A 2 -9.21 18.40 -5.08
C SER A 2 -8.86 17.01 -4.57
N SER A 3 -8.13 16.26 -5.39
CA SER A 3 -7.72 14.91 -5.02
C SER A 3 -8.90 14.09 -4.50
N GLY A 4 -10.03 14.21 -5.19
CA GLY A 4 -11.23 13.50 -4.78
C GLY A 4 -11.86 14.08 -3.54
N SER A 5 -13.03 14.70 -3.70
CA SER A 5 -13.73 15.31 -2.58
C SER A 5 -14.41 14.24 -1.73
N SER A 6 -14.82 13.14 -2.36
CA SER A 6 -15.48 12.05 -1.66
C SER A 6 -14.72 10.74 -1.84
N GLY A 7 -13.96 10.36 -0.82
CA GLY A 7 -13.19 9.13 -0.88
C GLY A 7 -11.74 9.34 -0.49
N CYS A 8 -11.04 8.24 -0.21
CA CYS A 8 -9.64 8.30 0.17
C CYS A 8 -8.83 9.07 -0.87
N SER A 9 -7.74 9.69 -0.42
CA SER A 9 -6.88 10.46 -1.31
C SER A 9 -5.77 9.58 -1.90
N ASP A 10 -5.13 10.07 -2.95
CA ASP A 10 -4.05 9.34 -3.60
C ASP A 10 -2.92 9.03 -2.62
N LEU A 11 -2.12 8.03 -2.94
CA LEU A 11 -0.99 7.64 -2.09
C LEU A 11 0.34 7.99 -2.75
N PRO A 12 1.35 8.30 -1.92
CA PRO A 12 2.68 8.66 -2.39
C PRO A 12 3.42 7.46 -3.01
N GLU A 13 4.23 7.73 -4.02
CA GLU A 13 4.99 6.68 -4.68
C GLU A 13 5.83 5.89 -3.68
N ILE A 14 5.91 4.58 -3.89
CA ILE A 14 6.67 3.72 -2.99
C ILE A 14 7.99 3.31 -3.64
N GLN A 15 9.02 3.15 -2.81
CA GLN A 15 10.34 2.75 -3.30
C GLN A 15 10.45 1.24 -3.38
N ASN A 16 11.04 0.76 -4.47
CA ASN A 16 11.22 -0.68 -4.67
C ASN A 16 9.87 -1.39 -4.68
N GLY A 17 8.92 -0.85 -5.44
CA GLY A 17 7.61 -1.46 -5.53
C GLY A 17 6.62 -0.56 -6.24
N TRP A 18 5.44 -1.10 -6.53
CA TRP A 18 4.39 -0.35 -7.22
C TRP A 18 3.00 -0.82 -6.78
N LYS A 19 2.03 0.09 -6.86
CA LYS A 19 0.66 -0.24 -6.47
C LYS A 19 -0.17 -0.61 -7.69
N THR A 20 -1.37 -1.14 -7.44
CA THR A 20 -2.27 -1.54 -8.53
C THR A 20 -3.70 -1.68 -8.02
N THR A 21 -4.59 -0.89 -8.61
CA THR A 21 -6.00 -0.91 -8.22
C THR A 21 -6.91 -0.64 -9.42
N SER A 22 -7.94 -1.46 -9.58
CA SER A 22 -8.87 -1.31 -10.68
C SER A 22 -10.06 -0.44 -10.27
N HIS A 23 -9.78 0.69 -9.64
CA HIS A 23 -10.82 1.60 -9.19
C HIS A 23 -10.59 3.00 -9.76
N THR A 24 -11.28 3.32 -10.85
CA THR A 24 -11.15 4.62 -11.49
C THR A 24 -11.16 5.74 -10.45
N GLU A 25 -12.13 5.70 -9.54
CA GLU A 25 -12.23 6.71 -8.49
C GLU A 25 -12.18 6.07 -7.11
N LEU A 26 -11.19 6.47 -6.33
CA LEU A 26 -11.03 5.94 -4.98
C LEU A 26 -12.26 6.21 -4.13
N VAL A 27 -13.09 5.19 -3.95
CA VAL A 27 -14.31 5.32 -3.15
C VAL A 27 -14.36 4.27 -2.05
N ARG A 28 -15.34 4.39 -1.17
CA ARG A 28 -15.50 3.45 -0.07
C ARG A 28 -15.41 2.01 -0.56
N GLY A 29 -14.55 1.22 0.08
CA GLY A 29 -14.39 -0.17 -0.32
C GLY A 29 -13.18 -0.38 -1.20
N ALA A 30 -12.69 0.70 -1.80
CA ALA A 30 -11.52 0.63 -2.68
C ALA A 30 -10.33 0.03 -1.95
N ARG A 31 -9.67 -0.93 -2.59
CA ARG A 31 -8.51 -1.59 -2.00
C ARG A 31 -7.33 -1.57 -2.96
N ILE A 32 -6.16 -1.19 -2.45
CA ILE A 32 -4.95 -1.13 -3.27
C ILE A 32 -3.93 -2.16 -2.82
N THR A 33 -3.21 -2.72 -3.78
CA THR A 33 -2.19 -3.74 -3.49
C THR A 33 -0.79 -3.20 -3.73
N TYR A 34 0.09 -3.41 -2.76
CA TYR A 34 1.47 -2.93 -2.87
C TYR A 34 2.41 -4.09 -3.19
N GLN A 35 3.08 -4.00 -4.34
CA GLN A 35 4.01 -5.03 -4.76
C GLN A 35 5.44 -4.53 -4.72
N CYS A 36 6.34 -5.35 -4.20
CA CYS A 36 7.75 -4.99 -4.10
C CYS A 36 8.62 -5.90 -4.97
N ASP A 37 9.90 -5.56 -5.08
CA ASP A 37 10.83 -6.35 -5.89
C ASP A 37 10.94 -7.77 -5.35
N PRO A 38 11.41 -8.68 -6.21
CA PRO A 38 11.58 -10.09 -5.85
C PRO A 38 12.71 -10.31 -4.85
N GLY A 39 12.39 -10.89 -3.70
CA GLY A 39 13.38 -11.14 -2.68
C GLY A 39 13.16 -10.32 -1.43
N TYR A 40 12.43 -9.22 -1.57
CA TYR A 40 12.14 -8.34 -0.44
C TYR A 40 10.90 -8.81 0.31
N ASP A 41 10.55 -8.10 1.38
CA ASP A 41 9.38 -8.44 2.18
C ASP A 41 8.70 -7.19 2.70
N ILE A 42 7.37 -7.16 2.60
CA ILE A 42 6.59 -6.02 3.06
C ILE A 42 6.51 -5.97 4.58
N VAL A 43 6.39 -4.77 5.13
CA VAL A 43 6.30 -4.60 6.57
C VAL A 43 5.10 -3.73 6.94
N GLY A 44 4.09 -4.36 7.54
CA GLY A 44 2.90 -3.64 7.95
C GLY A 44 1.64 -4.22 7.33
N SER A 45 0.79 -3.35 6.81
CA SER A 45 -0.46 -3.78 6.20
C SER A 45 -0.38 -3.70 4.68
N ASP A 46 -0.12 -4.84 4.05
CA ASP A 46 -0.02 -4.90 2.59
C ASP A 46 -1.30 -4.41 1.93
N THR A 47 -2.45 -4.76 2.52
CA THR A 47 -3.73 -4.35 2.00
C THR A 47 -4.22 -3.05 2.65
N LEU A 48 -4.84 -2.19 1.86
CA LEU A 48 -5.34 -0.92 2.35
C LEU A 48 -6.77 -0.67 1.86
N THR A 49 -7.69 -0.55 2.81
CA THR A 49 -9.09 -0.31 2.48
C THR A 49 -9.55 1.05 2.98
N CYS A 50 -10.56 1.61 2.32
CA CYS A 50 -11.09 2.92 2.70
C CYS A 50 -12.26 2.77 3.67
N GLN A 51 -12.12 3.38 4.85
CA GLN A 51 -13.16 3.32 5.86
C GLN A 51 -14.19 4.41 5.66
N TRP A 52 -15.26 4.38 6.45
CA TRP A 52 -16.32 5.37 6.35
C TRP A 52 -15.76 6.79 6.50
N ASP A 53 -14.54 6.88 7.02
CA ASP A 53 -13.89 8.18 7.20
C ASP A 53 -13.00 8.51 6.01
N LEU A 54 -13.31 7.91 4.86
CA LEU A 54 -12.53 8.14 3.65
C LEU A 54 -11.03 8.10 3.94
N SER A 55 -10.67 7.39 5.00
CA SER A 55 -9.26 7.28 5.39
C SER A 55 -8.79 5.83 5.31
N TRP A 56 -7.50 5.64 5.03
CA TRP A 56 -6.93 4.31 4.93
C TRP A 56 -6.71 3.69 6.31
N SER A 57 -6.94 2.39 6.42
CA SER A 57 -6.76 1.69 7.68
C SER A 57 -5.55 2.23 8.45
N SER A 58 -4.46 2.47 7.72
CA SER A 58 -3.25 2.99 8.33
C SER A 58 -2.22 3.37 7.27
N ASP A 59 -1.13 3.98 7.69
CA ASP A 59 -0.08 4.39 6.77
C ASP A 59 0.27 3.27 5.80
N PRO A 60 0.79 3.65 4.62
CA PRO A 60 1.17 2.70 3.58
C PRO A 60 2.39 1.86 3.97
N PRO A 61 2.41 0.59 3.53
CA PRO A 61 3.52 -0.32 3.82
C PRO A 61 4.79 0.06 3.08
N PHE A 62 5.87 -0.70 3.33
CA PHE A 62 7.14 -0.44 2.69
C PHE A 62 7.86 -1.75 2.35
N CYS A 63 8.90 -1.66 1.52
CA CYS A 63 9.66 -2.83 1.12
C CYS A 63 10.97 -2.91 1.89
N GLU A 64 11.20 -4.04 2.56
CA GLU A 64 12.42 -4.24 3.33
C GLU A 64 13.22 -5.42 2.80
N LYS A 65 14.51 -5.23 2.62
CA LYS A 65 15.39 -6.28 2.12
C LYS A 65 15.64 -7.34 3.18
N THR A 66 15.77 -8.59 2.75
CA THR A 66 16.02 -9.69 3.67
C THR A 66 17.32 -9.49 4.43
N GLU A 67 17.30 -9.85 5.72
CA GLU A 67 18.49 -9.71 6.56
C GLU A 67 19.42 -10.90 6.39
N GLU A 68 20.32 -10.81 5.42
CA GLU A 68 21.27 -11.88 5.15
C GLU A 68 22.03 -12.25 6.42
N SER A 69 22.77 -11.30 6.96
CA SER A 69 23.56 -11.53 8.17
C SER A 69 22.91 -10.85 9.38
N GLY A 70 22.59 -9.57 9.23
CA GLY A 70 21.97 -8.83 10.32
C GLY A 70 22.93 -8.58 11.47
N PRO A 71 22.37 -8.31 12.65
CA PRO A 71 23.16 -8.04 13.86
C PRO A 71 23.88 -9.28 14.37
N SER A 72 23.48 -10.45 13.85
CA SER A 72 24.09 -11.71 14.26
C SER A 72 25.60 -11.66 14.09
N SER A 73 26.30 -11.18 15.12
CA SER A 73 27.75 -11.08 15.08
C SER A 73 28.40 -12.30 15.72
N GLY A 74 29.47 -12.79 15.10
CA GLY A 74 30.17 -13.95 15.63
C GLY A 74 30.63 -14.90 14.54
N GLY A 1 -10.98 16.74 -15.11
CA GLY A 1 -11.27 15.41 -14.60
C GLY A 1 -12.73 15.22 -14.25
N SER A 2 -13.09 14.02 -13.83
CA SER A 2 -14.47 13.72 -13.47
C SER A 2 -15.03 14.77 -12.50
N SER A 3 -16.20 15.29 -12.81
CA SER A 3 -16.84 16.31 -11.98
C SER A 3 -17.71 15.66 -10.91
N GLY A 4 -17.11 14.78 -10.12
CA GLY A 4 -17.85 14.11 -9.06
C GLY A 4 -17.21 12.80 -8.65
N SER A 5 -16.19 12.89 -7.80
CA SER A 5 -15.48 11.70 -7.33
C SER A 5 -15.23 11.77 -5.83
N SER A 6 -15.41 10.64 -5.15
CA SER A 6 -15.20 10.58 -3.71
C SER A 6 -14.42 9.34 -3.32
N GLY A 7 -13.83 9.35 -2.12
CA GLY A 7 -13.06 8.22 -1.67
C GLY A 7 -11.76 8.63 -1.00
N CYS A 8 -10.90 7.66 -0.74
CA CYS A 8 -9.60 7.93 -0.10
C CYS A 8 -8.78 8.90 -0.95
N SER A 9 -7.78 9.51 -0.33
CA SER A 9 -6.91 10.46 -1.02
C SER A 9 -5.69 9.75 -1.60
N ASP A 10 -5.25 10.22 -2.76
CA ASP A 10 -4.09 9.63 -3.44
C ASP A 10 -3.01 9.24 -2.42
N LEU A 11 -2.24 8.22 -2.75
CA LEU A 11 -1.19 7.74 -1.87
C LEU A 11 0.18 8.13 -2.41
N PRO A 12 1.15 8.28 -1.49
CA PRO A 12 2.53 8.65 -1.86
C PRO A 12 3.26 7.53 -2.58
N GLU A 13 4.06 7.90 -3.58
CA GLU A 13 4.81 6.91 -4.35
C GLU A 13 5.65 6.03 -3.43
N ILE A 14 5.80 4.76 -3.81
CA ILE A 14 6.58 3.82 -3.03
C ILE A 14 7.97 3.62 -3.62
N GLN A 15 8.94 3.37 -2.75
CA GLN A 15 10.32 3.15 -3.20
C GLN A 15 10.59 1.68 -3.46
N ASN A 16 11.32 1.39 -4.53
CA ASN A 16 11.64 0.02 -4.89
C ASN A 16 10.39 -0.86 -4.91
N GLY A 17 9.31 -0.30 -5.45
CA GLY A 17 8.06 -1.04 -5.53
C GLY A 17 6.97 -0.26 -6.24
N TRP A 18 5.76 -0.81 -6.23
CA TRP A 18 4.62 -0.16 -6.88
C TRP A 18 3.30 -0.65 -6.29
N LYS A 19 2.25 0.14 -6.48
CA LYS A 19 0.92 -0.22 -5.96
C LYS A 19 -0.08 -0.36 -7.10
N THR A 20 -1.10 -1.19 -6.88
CA THR A 20 -2.12 -1.42 -7.89
C THR A 20 -3.51 -1.48 -7.26
N THR A 21 -4.47 -0.82 -7.90
CA THR A 21 -5.84 -0.79 -7.40
C THR A 21 -6.72 -1.79 -8.15
N SER A 22 -7.72 -2.32 -7.46
CA SER A 22 -8.64 -3.29 -8.06
C SER A 22 -9.99 -2.65 -8.34
N HIS A 23 -9.97 -1.44 -8.87
CA HIS A 23 -11.19 -0.71 -9.20
C HIS A 23 -10.91 0.44 -10.15
N THR A 24 -11.96 0.98 -10.76
CA THR A 24 -11.83 2.09 -11.69
C THR A 24 -11.46 3.39 -10.95
N GLU A 25 -12.13 3.63 -9.83
CA GLU A 25 -11.88 4.83 -9.04
C GLU A 25 -11.75 4.49 -7.56
N LEU A 26 -10.78 5.11 -6.89
CA LEU A 26 -10.56 4.87 -5.48
C LEU A 26 -11.77 5.30 -4.65
N VAL A 27 -12.82 4.48 -4.70
CA VAL A 27 -14.04 4.78 -3.95
C VAL A 27 -14.13 3.93 -2.69
N ARG A 28 -14.90 4.40 -1.71
CA ARG A 28 -15.06 3.69 -0.45
C ARG A 28 -15.05 2.19 -0.68
N GLY A 29 -14.38 1.46 0.23
CA GLY A 29 -14.31 0.03 0.11
C GLY A 29 -13.14 -0.43 -0.74
N ALA A 30 -12.70 0.44 -1.64
CA ALA A 30 -11.58 0.11 -2.53
C ALA A 30 -10.33 -0.24 -1.72
N ARG A 31 -9.60 -1.24 -2.19
CA ARG A 31 -8.39 -1.69 -1.52
C ARG A 31 -7.16 -1.44 -2.38
N ILE A 32 -6.00 -1.36 -1.75
CA ILE A 32 -4.75 -1.13 -2.47
C ILE A 32 -3.82 -2.34 -2.36
N THR A 33 -3.15 -2.66 -3.46
CA THR A 33 -2.23 -3.79 -3.49
C THR A 33 -0.79 -3.32 -3.68
N TYR A 34 0.06 -3.63 -2.71
CA TYR A 34 1.46 -3.24 -2.77
C TYR A 34 2.32 -4.39 -3.28
N GLN A 35 3.03 -4.15 -4.38
CA GLN A 35 3.90 -5.17 -4.96
C GLN A 35 5.34 -4.68 -5.04
N CYS A 36 6.25 -5.45 -4.45
CA CYS A 36 7.66 -5.11 -4.45
C CYS A 36 8.47 -6.05 -5.33
N ASP A 37 9.75 -5.76 -5.50
CA ASP A 37 10.63 -6.58 -6.33
C ASP A 37 10.69 -8.00 -5.78
N PRO A 38 11.06 -8.96 -6.66
CA PRO A 38 11.18 -10.37 -6.29
C PRO A 38 12.36 -10.64 -5.37
N GLY A 39 12.06 -10.89 -4.10
CA GLY A 39 13.11 -11.16 -3.13
C GLY A 39 12.94 -10.35 -1.85
N TYR A 40 12.10 -9.34 -1.91
CA TYR A 40 11.85 -8.49 -0.74
C TYR A 40 10.50 -8.81 -0.10
N ASP A 41 10.27 -8.24 1.07
CA ASP A 41 9.02 -8.48 1.78
C ASP A 41 8.38 -7.15 2.19
N ILE A 42 7.08 -7.20 2.49
CA ILE A 42 6.34 -6.00 2.88
C ILE A 42 6.24 -5.90 4.40
N VAL A 43 6.41 -4.69 4.93
CA VAL A 43 6.34 -4.45 6.36
C VAL A 43 5.13 -3.58 6.72
N GLY A 44 4.11 -4.21 7.30
CA GLY A 44 2.92 -3.49 7.68
C GLY A 44 1.65 -4.09 7.10
N SER A 45 0.66 -3.25 6.83
CA SER A 45 -0.61 -3.72 6.29
C SER A 45 -0.51 -3.89 4.78
N ASP A 46 -0.38 -5.14 4.34
CA ASP A 46 -0.29 -5.44 2.91
C ASP A 46 -1.49 -4.90 2.15
N THR A 47 -2.68 -5.10 2.71
CA THR A 47 -3.91 -4.62 2.09
C THR A 47 -4.47 -3.41 2.82
N LEU A 48 -4.68 -2.33 2.09
CA LEU A 48 -5.21 -1.10 2.67
C LEU A 48 -6.60 -0.80 2.12
N THR A 49 -7.59 -0.73 3.01
CA THR A 49 -8.95 -0.45 2.61
C THR A 49 -9.37 0.96 3.03
N CYS A 50 -10.33 1.53 2.31
CA CYS A 50 -10.81 2.86 2.60
C CYS A 50 -12.05 2.82 3.50
N GLN A 51 -11.98 3.52 4.63
CA GLN A 51 -13.09 3.54 5.58
C GLN A 51 -14.21 4.45 5.07
N TRP A 52 -15.30 4.51 5.82
CA TRP A 52 -16.45 5.33 5.44
C TRP A 52 -16.12 6.81 5.58
N ASP A 53 -15.07 7.12 6.35
CA ASP A 53 -14.65 8.50 6.55
C ASP A 53 -13.52 8.86 5.60
N LEU A 54 -13.44 8.16 4.48
CA LEU A 54 -12.40 8.41 3.49
C LEU A 54 -11.02 8.44 4.13
N SER A 55 -10.83 7.60 5.13
CA SER A 55 -9.55 7.53 5.83
C SER A 55 -8.94 6.13 5.73
N TRP A 56 -7.65 6.07 5.45
CA TRP A 56 -6.94 4.80 5.33
C TRP A 56 -6.78 4.14 6.70
N SER A 57 -6.80 2.81 6.71
CA SER A 57 -6.65 2.06 7.95
C SER A 57 -5.45 2.56 8.75
N SER A 58 -4.35 2.83 8.04
CA SER A 58 -3.14 3.31 8.68
C SER A 58 -2.08 3.67 7.64
N ASP A 59 -0.92 4.09 8.11
CA ASP A 59 0.18 4.46 7.22
C ASP A 59 0.50 3.32 6.26
N PRO A 60 0.94 3.68 5.04
CA PRO A 60 1.28 2.69 4.00
C PRO A 60 2.56 1.94 4.33
N PRO A 61 2.59 0.64 3.99
CA PRO A 61 3.74 -0.23 4.24
C PRO A 61 4.94 0.13 3.36
N PHE A 62 5.90 -0.77 3.28
CA PHE A 62 7.10 -0.55 2.48
C PHE A 62 7.82 -1.86 2.20
N CYS A 63 8.86 -1.80 1.37
CA CYS A 63 9.64 -2.99 1.02
C CYS A 63 10.96 -3.01 1.78
N GLU A 64 11.31 -4.18 2.30
CA GLU A 64 12.56 -4.33 3.05
C GLU A 64 13.14 -5.73 2.85
N LYS A 65 14.43 -5.78 2.54
CA LYS A 65 15.11 -7.06 2.32
C LYS A 65 14.86 -8.01 3.48
N THR A 66 14.35 -9.20 3.16
CA THR A 66 14.06 -10.21 4.19
C THR A 66 15.32 -10.59 4.94
N GLU A 67 15.17 -10.85 6.24
CA GLU A 67 16.30 -11.24 7.07
C GLU A 67 16.58 -12.73 6.96
N GLU A 68 16.52 -13.25 5.73
CA GLU A 68 16.77 -14.66 5.48
C GLU A 68 18.14 -15.08 6.01
N SER A 69 19.19 -14.41 5.51
CA SER A 69 20.55 -14.71 5.93
C SER A 69 21.00 -13.75 7.03
N GLY A 70 20.86 -14.20 8.28
CA GLY A 70 21.26 -13.37 9.40
C GLY A 70 22.08 -14.13 10.42
N PRO A 71 22.12 -13.62 11.66
CA PRO A 71 22.88 -14.24 12.75
C PRO A 71 22.24 -15.56 13.21
N SER A 72 22.86 -16.18 14.21
CA SER A 72 22.36 -17.45 14.75
C SER A 72 22.33 -17.42 16.27
N SER A 73 21.47 -18.25 16.85
CA SER A 73 21.35 -18.33 18.30
C SER A 73 20.76 -19.67 18.74
N GLY A 74 21.62 -20.53 19.27
CA GLY A 74 21.16 -21.84 19.72
C GLY A 74 22.25 -22.61 20.45
N GLY A 1 -16.42 26.38 -8.74
CA GLY A 1 -16.82 24.99 -8.68
C GLY A 1 -15.84 24.14 -7.90
N SER A 2 -16.12 22.84 -7.82
CA SER A 2 -15.26 21.92 -7.09
C SER A 2 -14.07 21.49 -7.94
N SER A 3 -12.91 21.36 -7.32
CA SER A 3 -11.69 20.96 -8.02
C SER A 3 -11.28 19.54 -7.62
N GLY A 4 -11.65 19.16 -6.40
CA GLY A 4 -11.30 17.83 -5.91
C GLY A 4 -12.45 16.86 -6.01
N SER A 5 -12.21 15.61 -5.61
CA SER A 5 -13.23 14.58 -5.66
C SER A 5 -13.20 13.73 -4.39
N SER A 6 -14.38 13.46 -3.84
CA SER A 6 -14.50 12.65 -2.63
C SER A 6 -13.74 11.34 -2.78
N GLY A 7 -13.56 10.63 -1.66
CA GLY A 7 -12.87 9.37 -1.69
C GLY A 7 -11.46 9.47 -1.12
N CYS A 8 -10.97 8.38 -0.53
CA CYS A 8 -9.64 8.36 0.04
C CYS A 8 -8.65 9.15 -0.81
N SER A 9 -7.62 9.69 -0.17
CA SER A 9 -6.61 10.48 -0.88
C SER A 9 -5.54 9.57 -1.50
N ASP A 10 -4.89 10.06 -2.53
CA ASP A 10 -3.85 9.30 -3.21
C ASP A 10 -2.68 9.00 -2.26
N LEU A 11 -2.11 7.82 -2.38
CA LEU A 11 -0.99 7.41 -1.54
C LEU A 11 0.34 7.80 -2.17
N PRO A 12 1.34 8.09 -1.32
CA PRO A 12 2.68 8.47 -1.79
C PRO A 12 3.43 7.31 -2.43
N GLU A 13 4.05 7.58 -3.58
CA GLU A 13 4.80 6.55 -4.29
C GLU A 13 5.63 5.71 -3.33
N ILE A 14 5.78 4.43 -3.65
CA ILE A 14 6.56 3.52 -2.81
C ILE A 14 7.94 3.26 -3.41
N GLN A 15 8.91 3.02 -2.54
CA GLN A 15 10.28 2.76 -2.98
C GLN A 15 10.48 1.27 -3.24
N ASN A 16 11.18 0.95 -4.33
CA ASN A 16 11.45 -0.43 -4.69
C ASN A 16 10.16 -1.25 -4.71
N GLY A 17 9.11 -0.66 -5.28
CA GLY A 17 7.83 -1.36 -5.37
C GLY A 17 6.76 -0.50 -6.01
N TRP A 18 5.57 -1.08 -6.18
CA TRP A 18 4.45 -0.37 -6.79
C TRP A 18 3.13 -0.87 -6.24
N LYS A 19 2.04 -0.27 -6.71
CA LYS A 19 0.70 -0.66 -6.26
C LYS A 19 -0.30 -0.56 -7.41
N THR A 20 -1.52 -1.04 -7.16
CA THR A 20 -2.58 -1.01 -8.17
C THR A 20 -3.96 -1.00 -7.52
N THR A 21 -4.61 0.16 -7.55
CA THR A 21 -5.94 0.29 -6.97
C THR A 21 -6.92 -0.68 -7.60
N SER A 22 -7.96 -1.04 -6.85
CA SER A 22 -8.97 -1.97 -7.33
C SER A 22 -9.95 -1.28 -8.27
N HIS A 23 -10.46 -0.13 -7.83
CA HIS A 23 -11.41 0.64 -8.61
C HIS A 23 -10.76 1.91 -9.17
N THR A 24 -11.20 2.34 -10.34
CA THR A 24 -10.66 3.53 -10.98
C THR A 24 -10.72 4.72 -10.03
N GLU A 25 -11.93 5.02 -9.54
CA GLU A 25 -12.12 6.14 -8.63
C GLU A 25 -12.12 5.67 -7.17
N LEU A 26 -11.19 6.21 -6.39
CA LEU A 26 -11.07 5.84 -4.98
C LEU A 26 -12.40 6.04 -4.25
N VAL A 27 -13.13 4.95 -4.04
CA VAL A 27 -14.42 5.02 -3.35
C VAL A 27 -14.44 4.09 -2.14
N ARG A 28 -15.25 4.43 -1.15
CA ARG A 28 -15.37 3.63 0.06
C ARG A 28 -15.39 2.13 -0.27
N GLY A 29 -14.56 1.36 0.43
CA GLY A 29 -14.50 -0.07 0.18
C GLY A 29 -13.33 -0.45 -0.70
N ALA A 30 -12.86 0.50 -1.50
CA ALA A 30 -11.74 0.24 -2.40
C ALA A 30 -10.51 -0.21 -1.63
N ARG A 31 -9.69 -1.06 -2.25
CA ARG A 31 -8.48 -1.57 -1.63
C ARG A 31 -7.32 -1.54 -2.60
N ILE A 32 -6.13 -1.27 -2.08
CA ILE A 32 -4.92 -1.21 -2.90
C ILE A 32 -3.89 -2.24 -2.45
N THR A 33 -3.19 -2.83 -3.41
CA THR A 33 -2.17 -3.83 -3.10
C THR A 33 -0.77 -3.29 -3.37
N TYR A 34 0.21 -3.84 -2.66
CA TYR A 34 1.59 -3.41 -2.82
C TYR A 34 2.47 -4.56 -3.28
N GLN A 35 3.25 -4.33 -4.33
CA GLN A 35 4.13 -5.35 -4.87
C GLN A 35 5.57 -4.84 -4.96
N CYS A 36 6.49 -5.53 -4.30
CA CYS A 36 7.89 -5.15 -4.30
C CYS A 36 8.72 -6.09 -5.17
N ASP A 37 9.99 -5.77 -5.35
CA ASP A 37 10.88 -6.58 -6.16
C ASP A 37 10.99 -7.99 -5.59
N PRO A 38 11.41 -8.94 -6.45
CA PRO A 38 11.57 -10.35 -6.05
C PRO A 38 12.74 -10.55 -5.10
N GLY A 39 12.43 -10.89 -3.85
CA GLY A 39 13.46 -11.11 -2.86
C GLY A 39 13.26 -10.29 -1.61
N TYR A 40 12.38 -9.30 -1.69
CA TYR A 40 12.10 -8.43 -0.55
C TYR A 40 10.74 -8.76 0.06
N ASP A 41 10.44 -8.13 1.19
CA ASP A 41 9.18 -8.37 1.89
C ASP A 41 8.53 -7.05 2.31
N ILE A 42 7.21 -7.02 2.32
CA ILE A 42 6.47 -5.82 2.72
C ILE A 42 6.36 -5.72 4.23
N VAL A 43 6.41 -4.49 4.74
CA VAL A 43 6.30 -4.26 6.17
C VAL A 43 5.07 -3.41 6.50
N GLY A 44 4.05 -4.06 7.05
CA GLY A 44 2.82 -3.36 7.41
C GLY A 44 1.59 -3.98 6.79
N SER A 45 0.59 -3.15 6.52
CA SER A 45 -0.66 -3.64 5.92
C SER A 45 -0.54 -3.69 4.41
N ASP A 46 -0.43 -4.90 3.86
CA ASP A 46 -0.33 -5.09 2.42
C ASP A 46 -1.51 -4.46 1.70
N THR A 47 -2.71 -4.77 2.17
CA THR A 47 -3.93 -4.24 1.56
C THR A 47 -4.50 -3.09 2.39
N LEU A 48 -4.73 -1.96 1.73
CA LEU A 48 -5.27 -0.78 2.40
C LEU A 48 -6.67 -0.46 1.89
N THR A 49 -7.67 -0.65 2.75
CA THR A 49 -9.06 -0.38 2.38
C THR A 49 -9.47 1.02 2.80
N CYS A 50 -10.52 1.53 2.18
CA CYS A 50 -11.03 2.87 2.49
C CYS A 50 -12.19 2.80 3.47
N GLN A 51 -12.00 3.38 4.65
CA GLN A 51 -13.04 3.38 5.68
C GLN A 51 -14.14 4.37 5.34
N TRP A 52 -15.19 4.40 6.16
CA TRP A 52 -16.31 5.30 5.94
C TRP A 52 -15.86 6.76 6.03
N ASP A 53 -14.73 6.99 6.69
CA ASP A 53 -14.19 8.34 6.85
C ASP A 53 -13.27 8.68 5.68
N LEU A 54 -13.42 7.97 4.58
CA LEU A 54 -12.59 8.20 3.39
C LEU A 54 -11.11 8.21 3.76
N SER A 55 -10.76 7.41 4.77
CA SER A 55 -9.36 7.32 5.21
C SER A 55 -8.86 5.88 5.13
N TRP A 56 -7.55 5.74 4.98
CA TRP A 56 -6.93 4.42 4.89
C TRP A 56 -6.68 3.83 6.27
N SER A 57 -6.90 2.54 6.41
CA SER A 57 -6.71 1.86 7.69
C SER A 57 -5.53 2.46 8.44
N SER A 58 -4.43 2.70 7.73
CA SER A 58 -3.24 3.28 8.33
C SER A 58 -2.19 3.59 7.28
N ASP A 59 -1.12 4.25 7.69
CA ASP A 59 -0.05 4.62 6.77
C ASP A 59 0.31 3.46 5.85
N PRO A 60 0.80 3.78 4.64
CA PRO A 60 1.18 2.77 3.65
C PRO A 60 2.44 2.01 4.06
N PRO A 61 2.52 0.73 3.66
CA PRO A 61 3.66 -0.13 3.97
C PRO A 61 4.92 0.29 3.21
N PHE A 62 5.90 -0.61 3.17
CA PHE A 62 7.15 -0.34 2.47
C PHE A 62 7.90 -1.63 2.16
N CYS A 63 8.95 -1.53 1.34
CA CYS A 63 9.74 -2.69 0.96
C CYS A 63 11.06 -2.72 1.72
N GLU A 64 11.27 -3.78 2.50
CA GLU A 64 12.49 -3.93 3.27
C GLU A 64 13.14 -5.28 3.02
N LYS A 65 14.41 -5.26 2.64
CA LYS A 65 15.15 -6.50 2.36
C LYS A 65 15.02 -7.48 3.52
N THR A 66 14.90 -8.76 3.19
CA THR A 66 14.76 -9.80 4.20
C THR A 66 15.68 -9.53 5.40
N GLU A 67 15.20 -9.86 6.59
CA GLU A 67 15.96 -9.65 7.82
C GLU A 67 16.67 -10.93 8.24
N GLU A 68 17.97 -10.83 8.49
CA GLU A 68 18.76 -11.98 8.91
C GLU A 68 18.78 -12.11 10.43
N SER A 69 17.60 -12.23 11.02
CA SER A 69 17.48 -12.36 12.47
C SER A 69 17.29 -13.82 12.88
N GLY A 70 17.81 -14.18 14.04
CA GLY A 70 17.69 -15.53 14.53
C GLY A 70 18.98 -16.06 15.11
N PRO A 71 19.73 -16.82 14.30
CA PRO A 71 21.01 -17.40 14.72
C PRO A 71 22.10 -16.34 14.90
N SER A 72 21.95 -15.22 14.20
CA SER A 72 22.92 -14.14 14.28
C SER A 72 23.20 -13.77 15.73
N SER A 73 24.46 -13.46 16.03
CA SER A 73 24.87 -13.09 17.38
C SER A 73 25.61 -11.76 17.38
N GLY A 74 25.02 -10.77 18.06
CA GLY A 74 25.63 -9.46 18.13
C GLY A 74 24.69 -8.36 17.68
N GLY A 1 -18.23 22.63 -13.05
CA GLY A 1 -18.53 23.45 -11.87
C GLY A 1 -18.30 22.70 -10.58
N SER A 2 -19.38 22.26 -9.95
CA SER A 2 -19.29 21.53 -8.68
C SER A 2 -18.78 20.11 -8.91
N SER A 3 -17.50 19.89 -8.67
CA SER A 3 -16.90 18.57 -8.85
C SER A 3 -17.29 17.64 -7.72
N GLY A 4 -17.99 16.56 -8.07
CA GLY A 4 -18.42 15.59 -7.07
C GLY A 4 -17.41 14.49 -6.85
N SER A 5 -16.14 14.88 -6.65
CA SER A 5 -15.08 13.91 -6.44
C SER A 5 -14.83 13.69 -4.95
N SER A 6 -14.95 12.45 -4.51
CA SER A 6 -14.75 12.11 -3.11
C SER A 6 -14.05 10.76 -2.98
N GLY A 7 -13.48 10.50 -1.79
CA GLY A 7 -12.80 9.24 -1.56
C GLY A 7 -11.42 9.44 -0.98
N CYS A 8 -10.85 8.37 -0.43
CA CYS A 8 -9.52 8.43 0.16
C CYS A 8 -8.58 9.29 -0.69
N SER A 9 -7.58 9.88 -0.03
CA SER A 9 -6.62 10.73 -0.72
C SER A 9 -5.57 9.90 -1.45
N ASP A 10 -5.20 10.33 -2.64
CA ASP A 10 -4.19 9.63 -3.44
C ASP A 10 -3.01 9.21 -2.58
N LEU A 11 -2.50 8.01 -2.83
CA LEU A 11 -1.37 7.48 -2.07
C LEU A 11 -0.05 7.81 -2.77
N PRO A 12 1.02 7.99 -1.97
CA PRO A 12 2.35 8.32 -2.49
C PRO A 12 2.98 7.14 -3.22
N GLU A 13 4.24 7.31 -3.61
CA GLU A 13 4.96 6.26 -4.32
C GLU A 13 5.79 5.42 -3.36
N ILE A 14 5.86 4.11 -3.63
CA ILE A 14 6.62 3.20 -2.79
C ILE A 14 7.97 2.88 -3.41
N GLN A 15 8.99 2.72 -2.55
CA GLN A 15 10.34 2.42 -3.02
C GLN A 15 10.46 0.94 -3.38
N ASN A 16 11.03 0.67 -4.55
CA ASN A 16 11.21 -0.70 -5.01
C ASN A 16 9.88 -1.44 -5.03
N GLY A 17 8.83 -0.76 -5.46
CA GLY A 17 7.51 -1.36 -5.51
C GLY A 17 6.47 -0.47 -6.16
N TRP A 18 5.26 -0.98 -6.32
CA TRP A 18 4.18 -0.21 -6.93
C TRP A 18 2.82 -0.75 -6.51
N LYS A 19 1.79 0.07 -6.68
CA LYS A 19 0.43 -0.33 -6.31
C LYS A 19 -0.42 -0.57 -7.56
N THR A 20 -1.49 -1.33 -7.41
CA THR A 20 -2.39 -1.62 -8.51
C THR A 20 -3.83 -1.79 -8.04
N THR A 21 -4.72 -0.96 -8.54
CA THR A 21 -6.13 -1.02 -8.17
C THR A 21 -7.04 -0.92 -9.40
N SER A 22 -8.00 -1.84 -9.48
CA SER A 22 -8.93 -1.86 -10.61
C SER A 22 -9.84 -0.63 -10.59
N HIS A 23 -10.31 -0.27 -9.40
CA HIS A 23 -11.19 0.87 -9.23
C HIS A 23 -10.42 2.18 -9.44
N THR A 24 -10.96 3.05 -10.28
CA THR A 24 -10.33 4.33 -10.57
C THR A 24 -10.47 5.28 -9.40
N GLU A 25 -11.70 5.70 -9.13
CA GLU A 25 -11.97 6.62 -8.02
C GLU A 25 -11.83 5.92 -6.68
N LEU A 26 -10.77 6.25 -5.96
CA LEU A 26 -10.52 5.64 -4.65
C LEU A 26 -11.61 6.03 -3.65
N VAL A 27 -12.73 5.32 -3.71
CA VAL A 27 -13.86 5.58 -2.81
C VAL A 27 -13.83 4.66 -1.60
N ARG A 28 -14.51 5.06 -0.54
CA ARG A 28 -14.56 4.26 0.68
C ARG A 28 -14.82 2.79 0.36
N GLY A 29 -14.04 1.91 0.97
CA GLY A 29 -14.20 0.48 0.74
C GLY A 29 -13.15 -0.07 -0.21
N ALA A 30 -12.83 0.69 -1.25
CA ALA A 30 -11.84 0.27 -2.23
C ALA A 30 -10.59 -0.26 -1.55
N ARG A 31 -9.83 -1.08 -2.27
CA ARG A 31 -8.61 -1.66 -1.74
C ARG A 31 -7.41 -1.33 -2.62
N ILE A 32 -6.22 -1.68 -2.16
CA ILE A 32 -5.00 -1.42 -2.91
C ILE A 32 -4.00 -2.56 -2.75
N THR A 33 -3.42 -3.00 -3.87
CA THR A 33 -2.45 -4.08 -3.85
C THR A 33 -1.02 -3.55 -3.92
N TYR A 34 -0.26 -3.73 -2.85
CA TYR A 34 1.12 -3.26 -2.79
C TYR A 34 2.09 -4.39 -3.14
N GLN A 35 2.93 -4.14 -4.14
CA GLN A 35 3.91 -5.14 -4.57
C GLN A 35 5.31 -4.54 -4.59
N CYS A 36 6.28 -5.31 -4.11
CA CYS A 36 7.67 -4.86 -4.07
C CYS A 36 8.55 -5.71 -4.98
N ASP A 37 9.81 -5.32 -5.11
CA ASP A 37 10.75 -6.04 -5.96
C ASP A 37 10.92 -7.48 -5.46
N PRO A 38 11.36 -8.37 -6.37
CA PRO A 38 11.57 -9.78 -6.05
C PRO A 38 12.76 -9.99 -5.13
N GLY A 39 12.48 -10.44 -3.91
CA GLY A 39 13.53 -10.68 -2.94
C GLY A 39 13.32 -9.93 -1.64
N TYR A 40 12.53 -8.86 -1.70
CA TYR A 40 12.25 -8.05 -0.53
C TYR A 40 10.94 -8.49 0.13
N ASP A 41 10.60 -7.84 1.24
CA ASP A 41 9.38 -8.15 1.97
C ASP A 41 8.65 -6.87 2.39
N ILE A 42 7.35 -6.99 2.62
CA ILE A 42 6.54 -5.84 3.04
C ILE A 42 6.31 -5.85 4.54
N VAL A 43 6.48 -4.69 5.16
CA VAL A 43 6.29 -4.57 6.60
C VAL A 43 5.06 -3.71 6.93
N GLY A 44 4.00 -4.36 7.39
CA GLY A 44 2.78 -3.66 7.72
C GLY A 44 1.56 -4.25 7.05
N SER A 45 0.58 -3.40 6.75
CA SER A 45 -0.65 -3.85 6.10
C SER A 45 -0.46 -3.95 4.59
N ASP A 46 -0.40 -5.19 4.09
CA ASP A 46 -0.23 -5.42 2.67
C ASP A 46 -1.38 -4.82 1.87
N THR A 47 -2.60 -5.06 2.33
CA THR A 47 -3.79 -4.54 1.67
C THR A 47 -4.34 -3.31 2.39
N LEU A 48 -4.43 -2.20 1.67
CA LEU A 48 -4.94 -0.96 2.24
C LEU A 48 -6.37 -0.70 1.79
N THR A 49 -7.31 -0.73 2.74
CA THR A 49 -8.72 -0.50 2.44
C THR A 49 -9.17 0.85 2.97
N CYS A 50 -10.11 1.47 2.26
CA CYS A 50 -10.63 2.78 2.64
C CYS A 50 -11.87 2.62 3.52
N GLN A 51 -11.95 3.43 4.57
CA GLN A 51 -13.09 3.38 5.48
C GLN A 51 -14.21 4.30 5.00
N TRP A 52 -15.37 4.18 5.62
CA TRP A 52 -16.53 5.00 5.26
C TRP A 52 -16.18 6.48 5.35
N ASP A 53 -15.21 6.81 6.18
CA ASP A 53 -14.78 8.19 6.36
C ASP A 53 -13.74 8.58 5.31
N LEU A 54 -13.70 7.84 4.21
CA LEU A 54 -12.76 8.10 3.13
C LEU A 54 -11.33 8.20 3.68
N SER A 55 -11.02 7.37 4.67
CA SER A 55 -9.69 7.36 5.28
C SER A 55 -9.06 5.99 5.17
N TRP A 56 -7.77 5.97 4.82
CA TRP A 56 -7.04 4.72 4.68
C TRP A 56 -6.86 4.04 6.04
N SER A 57 -6.98 2.71 6.06
CA SER A 57 -6.83 1.95 7.29
C SER A 57 -5.64 2.46 8.10
N SER A 58 -4.50 2.61 7.43
CA SER A 58 -3.29 3.09 8.10
C SER A 58 -2.22 3.44 7.06
N ASP A 59 -1.12 4.01 7.54
CA ASP A 59 -0.02 4.39 6.67
C ASP A 59 0.40 3.23 5.76
N PRO A 60 0.92 3.56 4.58
CA PRO A 60 1.36 2.56 3.61
C PRO A 60 2.61 1.81 4.05
N PRO A 61 2.68 0.52 3.72
CA PRO A 61 3.82 -0.33 4.08
C PRO A 61 5.08 0.04 3.31
N PHE A 62 6.14 -0.74 3.51
CA PHE A 62 7.41 -0.50 2.84
C PHE A 62 8.11 -1.81 2.51
N CYS A 63 9.12 -1.73 1.64
CA CYS A 63 9.87 -2.91 1.23
C CYS A 63 11.23 -2.95 1.93
N GLU A 64 11.53 -4.09 2.55
CA GLU A 64 12.81 -4.26 3.25
C GLU A 64 13.49 -5.55 2.84
N LYS A 65 14.82 -5.56 2.90
CA LYS A 65 15.59 -6.73 2.52
C LYS A 65 15.49 -7.82 3.59
N THR A 66 15.31 -9.05 3.16
CA THR A 66 15.18 -10.18 4.08
C THR A 66 16.53 -10.88 4.27
N GLU A 67 16.85 -11.17 5.52
CA GLU A 67 18.12 -11.84 5.84
C GLU A 67 18.00 -13.35 5.64
N GLU A 68 18.89 -13.90 4.82
CA GLU A 68 18.89 -15.34 4.56
C GLU A 68 20.24 -15.96 4.92
N SER A 69 20.38 -16.34 6.19
CA SER A 69 21.62 -16.95 6.67
C SER A 69 22.79 -16.02 6.46
N GLY A 70 22.60 -14.74 6.81
CA GLY A 70 23.65 -13.77 6.65
C GLY A 70 23.51 -12.61 7.64
N PRO A 71 24.66 -12.07 8.09
CA PRO A 71 24.69 -10.96 9.03
C PRO A 71 24.22 -9.65 8.41
N SER A 72 24.15 -8.60 9.22
CA SER A 72 23.71 -7.29 8.75
C SER A 72 24.31 -6.17 9.60
N SER A 73 24.24 -4.95 9.08
CA SER A 73 24.77 -3.79 9.79
C SER A 73 23.72 -2.69 9.91
N GLY A 74 23.45 -2.27 11.14
CA GLY A 74 22.46 -1.23 11.37
C GLY A 74 21.13 -1.78 11.85
N GLY A 1 -24.19 13.39 -6.88
CA GLY A 1 -23.58 13.40 -5.55
C GLY A 1 -22.66 14.58 -5.33
N SER A 2 -23.20 15.78 -5.56
CA SER A 2 -22.42 17.01 -5.38
C SER A 2 -22.03 17.19 -3.93
N SER A 3 -20.72 17.13 -3.66
CA SER A 3 -20.21 17.29 -2.31
C SER A 3 -20.64 16.13 -1.43
N GLY A 4 -20.59 14.92 -1.99
CA GLY A 4 -20.98 13.74 -1.23
C GLY A 4 -19.80 13.06 -0.57
N SER A 5 -18.83 12.65 -1.37
CA SER A 5 -17.65 11.98 -0.86
C SER A 5 -16.61 11.79 -1.96
N SER A 6 -15.41 12.34 -1.74
CA SER A 6 -14.34 12.24 -2.71
C SER A 6 -13.43 11.05 -2.41
N GLY A 7 -14.03 10.01 -1.84
CA GLY A 7 -13.28 8.81 -1.50
C GLY A 7 -12.04 9.12 -0.67
N CYS A 8 -11.13 8.17 -0.60
CA CYS A 8 -9.90 8.34 0.17
C CYS A 8 -8.88 9.18 -0.60
N SER A 9 -7.99 9.82 0.13
CA SER A 9 -6.96 10.67 -0.48
C SER A 9 -5.90 9.82 -1.16
N ASP A 10 -5.31 10.36 -2.22
CA ASP A 10 -4.27 9.65 -2.97
C ASP A 10 -3.14 9.21 -2.03
N LEU A 11 -2.33 8.27 -2.50
CA LEU A 11 -1.21 7.76 -1.71
C LEU A 11 0.12 8.12 -2.36
N PRO A 12 1.15 8.33 -1.52
CA PRO A 12 2.50 8.67 -2.00
C PRO A 12 3.18 7.49 -2.70
N GLU A 13 3.96 7.80 -3.73
CA GLU A 13 4.66 6.78 -4.48
C GLU A 13 5.51 5.92 -3.56
N ILE A 14 5.64 4.64 -3.92
CA ILE A 14 6.43 3.71 -3.13
C ILE A 14 7.78 3.41 -3.79
N GLN A 15 8.81 3.24 -2.98
CA GLN A 15 10.14 2.94 -3.48
C GLN A 15 10.35 1.45 -3.64
N ASN A 16 11.10 1.06 -4.66
CA ASN A 16 11.38 -0.36 -4.92
C ASN A 16 10.10 -1.18 -4.85
N GLY A 17 9.06 -0.71 -5.53
CA GLY A 17 7.79 -1.41 -5.54
C GLY A 17 6.74 -0.70 -6.37
N TRP A 18 5.55 -1.28 -6.43
CA TRP A 18 4.45 -0.70 -7.21
C TRP A 18 3.11 -1.15 -6.65
N LYS A 19 2.08 -0.34 -6.87
CA LYS A 19 0.73 -0.65 -6.41
C LYS A 19 -0.26 -0.64 -7.56
N THR A 20 -1.40 -1.31 -7.37
CA THR A 20 -2.43 -1.36 -8.40
C THR A 20 -3.82 -1.33 -7.77
N THR A 21 -4.78 -0.74 -8.49
CA THR A 21 -6.14 -0.64 -8.01
C THR A 21 -7.08 -0.16 -9.12
N SER A 22 -8.23 -0.83 -9.22
CA SER A 22 -9.22 -0.48 -10.25
C SER A 22 -10.56 -0.11 -9.61
N HIS A 23 -10.65 1.11 -9.09
CA HIS A 23 -11.87 1.59 -8.46
C HIS A 23 -12.26 2.96 -8.98
N THR A 24 -13.36 3.50 -8.46
CA THR A 24 -13.83 4.82 -8.87
C THR A 24 -13.51 5.87 -7.82
N GLU A 25 -12.53 6.72 -8.13
CA GLU A 25 -12.11 7.78 -7.21
C GLU A 25 -11.75 7.20 -5.85
N LEU A 26 -11.13 6.03 -5.86
CA LEU A 26 -10.72 5.37 -4.62
C LEU A 26 -11.70 5.67 -3.51
N VAL A 27 -12.98 5.40 -3.76
CA VAL A 27 -14.02 5.63 -2.76
C VAL A 27 -14.17 4.43 -1.83
N ARG A 28 -15.04 4.56 -0.83
CA ARG A 28 -15.27 3.49 0.13
C ARG A 28 -15.22 2.12 -0.55
N GLY A 29 -14.57 1.17 0.10
CA GLY A 29 -14.45 -0.17 -0.45
C GLY A 29 -13.21 -0.34 -1.31
N ALA A 30 -12.79 0.74 -1.95
CA ALA A 30 -11.61 0.71 -2.81
C ALA A 30 -10.43 0.10 -2.08
N ARG A 31 -9.82 -0.93 -2.68
CA ARG A 31 -8.68 -1.60 -2.08
C ARG A 31 -7.45 -1.50 -2.99
N ILE A 32 -6.30 -1.31 -2.38
CA ILE A 32 -5.05 -1.19 -3.13
C ILE A 32 -4.05 -2.25 -2.69
N THR A 33 -3.30 -2.79 -3.66
CA THR A 33 -2.29 -3.81 -3.37
C THR A 33 -0.89 -3.25 -3.48
N TYR A 34 0.05 -3.86 -2.77
CA TYR A 34 1.44 -3.41 -2.79
C TYR A 34 2.37 -4.56 -3.18
N GLN A 35 3.10 -4.38 -4.28
CA GLN A 35 4.03 -5.39 -4.75
C GLN A 35 5.45 -4.86 -4.78
N CYS A 36 6.37 -5.60 -4.16
CA CYS A 36 7.77 -5.20 -4.11
C CYS A 36 8.63 -6.12 -4.98
N ASP A 37 9.90 -5.77 -5.12
CA ASP A 37 10.83 -6.56 -5.92
C ASP A 37 10.95 -7.98 -5.38
N PRO A 38 11.40 -8.90 -6.23
CA PRO A 38 11.58 -10.31 -5.86
C PRO A 38 12.72 -10.52 -4.87
N GLY A 39 12.41 -11.07 -3.70
CA GLY A 39 13.43 -11.31 -2.69
C GLY A 39 13.37 -10.30 -1.56
N TYR A 40 12.28 -9.53 -1.51
CA TYR A 40 12.11 -8.53 -0.48
C TYR A 40 10.88 -8.85 0.38
N ASP A 41 10.72 -8.09 1.47
CA ASP A 41 9.59 -8.29 2.37
C ASP A 41 8.84 -6.99 2.59
N ILE A 42 7.56 -7.10 2.93
CA ILE A 42 6.73 -5.92 3.16
C ILE A 42 6.52 -5.69 4.66
N VAL A 43 6.59 -4.42 5.07
CA VAL A 43 6.41 -4.06 6.47
C VAL A 43 5.14 -3.23 6.66
N GLY A 44 4.13 -3.83 7.27
CA GLY A 44 2.88 -3.12 7.50
C GLY A 44 1.68 -3.91 7.02
N SER A 45 0.77 -3.24 6.32
CA SER A 45 -0.43 -3.87 5.80
C SER A 45 -0.38 -4.00 4.29
N ASP A 46 -0.24 -5.23 3.82
CA ASP A 46 -0.17 -5.50 2.38
C ASP A 46 -1.41 -4.97 1.67
N THR A 47 -2.56 -5.10 2.33
CA THR A 47 -3.82 -4.64 1.77
C THR A 47 -4.33 -3.40 2.49
N LEU A 48 -4.76 -2.40 1.72
CA LEU A 48 -5.28 -1.17 2.28
C LEU A 48 -6.66 -0.84 1.73
N THR A 49 -7.65 -0.75 2.61
CA THR A 49 -9.01 -0.44 2.21
C THR A 49 -9.42 0.95 2.69
N CYS A 50 -10.47 1.50 2.06
CA CYS A 50 -10.97 2.81 2.43
C CYS A 50 -12.11 2.72 3.43
N GLN A 51 -12.06 3.55 4.46
CA GLN A 51 -13.09 3.55 5.50
C GLN A 51 -14.21 4.54 5.14
N TRP A 52 -15.23 4.59 5.99
CA TRP A 52 -16.35 5.49 5.78
C TRP A 52 -15.96 6.94 6.06
N ASP A 53 -14.73 7.13 6.51
CA ASP A 53 -14.23 8.46 6.82
C ASP A 53 -13.22 8.92 5.77
N LEU A 54 -13.22 8.25 4.62
CA LEU A 54 -12.31 8.59 3.54
C LEU A 54 -10.86 8.51 4.00
N SER A 55 -10.61 7.64 4.97
CA SER A 55 -9.26 7.46 5.52
C SER A 55 -8.82 6.00 5.40
N TRP A 56 -7.52 5.80 5.23
CA TRP A 56 -6.97 4.45 5.11
C TRP A 56 -6.69 3.85 6.49
N SER A 57 -7.02 2.58 6.65
CA SER A 57 -6.81 1.89 7.92
C SER A 57 -5.53 2.38 8.60
N SER A 58 -4.44 2.41 7.84
CA SER A 58 -3.16 2.86 8.37
C SER A 58 -2.18 3.15 7.24
N ASP A 59 -1.24 4.06 7.49
CA ASP A 59 -0.24 4.43 6.49
C ASP A 59 0.20 3.22 5.68
N PRO A 60 0.65 3.46 4.44
CA PRO A 60 1.10 2.40 3.54
C PRO A 60 2.42 1.77 4.00
N PRO A 61 2.56 0.47 3.75
CA PRO A 61 3.77 -0.28 4.13
C PRO A 61 4.98 0.12 3.29
N PHE A 62 6.02 -0.71 3.34
CA PHE A 62 7.24 -0.45 2.59
C PHE A 62 8.00 -1.73 2.30
N CYS A 63 9.00 -1.65 1.43
CA CYS A 63 9.80 -2.82 1.07
C CYS A 63 11.17 -2.77 1.75
N GLU A 64 11.47 -3.78 2.54
CA GLU A 64 12.74 -3.86 3.24
C GLU A 64 13.41 -5.21 3.02
N LYS A 65 14.62 -5.18 2.48
CA LYS A 65 15.37 -6.40 2.21
C LYS A 65 15.47 -7.27 3.46
N THR A 66 14.95 -8.50 3.37
CA THR A 66 14.98 -9.43 4.48
C THR A 66 16.37 -9.53 5.09
N GLU A 67 16.44 -9.97 6.34
CA GLU A 67 17.72 -10.12 7.03
C GLU A 67 18.50 -11.30 6.48
N GLU A 68 19.80 -11.09 6.25
CA GLU A 68 20.67 -12.15 5.73
C GLU A 68 21.05 -13.14 6.82
N SER A 69 20.77 -14.42 6.58
CA SER A 69 21.07 -15.46 7.55
C SER A 69 22.50 -15.95 7.38
N GLY A 70 23.36 -15.62 8.35
CA GLY A 70 24.75 -16.03 8.29
C GLY A 70 25.09 -17.05 9.36
N PRO A 71 26.31 -17.61 9.26
CA PRO A 71 26.80 -18.61 10.22
C PRO A 71 27.06 -18.02 11.61
N SER A 72 26.95 -18.85 12.63
CA SER A 72 27.17 -18.41 14.00
C SER A 72 28.65 -18.21 14.27
N SER A 73 29.47 -19.16 13.82
CA SER A 73 30.91 -19.09 14.02
C SER A 73 31.53 -18.04 13.11
N GLY A 74 32.48 -17.28 13.65
CA GLY A 74 33.14 -16.25 12.86
C GLY A 74 32.34 -14.97 12.80
N GLY A 1 -21.19 15.53 -15.72
CA GLY A 1 -21.83 16.53 -14.90
C GLY A 1 -22.50 15.94 -13.68
N SER A 2 -21.73 15.78 -12.59
CA SER A 2 -22.26 15.22 -11.36
C SER A 2 -21.64 15.88 -10.14
N SER A 3 -22.36 15.88 -9.03
CA SER A 3 -21.88 16.49 -7.80
C SER A 3 -21.78 15.46 -6.68
N GLY A 4 -20.69 15.52 -5.93
CA GLY A 4 -20.48 14.58 -4.83
C GLY A 4 -19.09 13.99 -4.83
N SER A 5 -18.08 14.84 -5.03
CA SER A 5 -16.70 14.40 -5.05
C SER A 5 -16.30 13.79 -3.71
N SER A 6 -16.00 12.50 -3.72
CA SER A 6 -15.61 11.80 -2.51
C SER A 6 -14.55 10.74 -2.81
N GLY A 7 -13.97 10.18 -1.75
CA GLY A 7 -12.95 9.16 -1.93
C GLY A 7 -11.69 9.46 -1.13
N CYS A 8 -10.98 8.40 -0.74
CA CYS A 8 -9.74 8.56 0.03
C CYS A 8 -8.72 9.39 -0.74
N SER A 9 -7.81 10.02 -0.01
CA SER A 9 -6.78 10.85 -0.63
C SER A 9 -5.75 9.98 -1.34
N ASP A 10 -5.29 10.46 -2.49
CA ASP A 10 -4.30 9.73 -3.28
C ASP A 10 -3.17 9.24 -2.39
N LEU A 11 -2.65 8.05 -2.70
CA LEU A 11 -1.55 7.48 -1.93
C LEU A 11 -0.20 7.85 -2.52
N PRO A 12 0.80 8.05 -1.65
CA PRO A 12 2.16 8.43 -2.06
C PRO A 12 2.88 7.28 -2.77
N GLU A 13 3.87 7.63 -3.59
CA GLU A 13 4.64 6.64 -4.33
C GLU A 13 5.45 5.77 -3.38
N ILE A 14 5.63 4.50 -3.76
CA ILE A 14 6.38 3.56 -2.94
C ILE A 14 7.78 3.34 -3.50
N GLN A 15 8.73 3.06 -2.63
CA GLN A 15 10.11 2.82 -3.05
C GLN A 15 10.35 1.34 -3.32
N ASN A 16 11.14 1.06 -4.36
CA ASN A 16 11.45 -0.31 -4.73
C ASN A 16 10.18 -1.17 -4.75
N GLY A 17 9.15 -0.67 -5.42
CA GLY A 17 7.90 -1.40 -5.51
C GLY A 17 6.83 -0.64 -6.27
N TRP A 18 5.62 -1.18 -6.29
CA TRP A 18 4.51 -0.56 -6.99
C TRP A 18 3.17 -0.97 -6.38
N LYS A 19 2.09 -0.49 -6.96
CA LYS A 19 0.74 -0.81 -6.48
C LYS A 19 -0.20 -1.07 -7.65
N THR A 20 -1.36 -1.65 -7.34
CA THR A 20 -2.35 -1.96 -8.36
C THR A 20 -3.70 -2.30 -7.74
N THR A 21 -4.77 -1.93 -8.42
CA THR A 21 -6.13 -2.19 -7.92
C THR A 21 -7.10 -2.39 -9.08
N SER A 22 -8.14 -3.19 -8.84
CA SER A 22 -9.15 -3.46 -9.86
C SER A 22 -10.38 -2.58 -9.66
N HIS A 23 -10.89 -2.56 -8.44
CA HIS A 23 -12.07 -1.75 -8.12
C HIS A 23 -11.99 -0.39 -8.79
N THR A 24 -13.14 0.25 -8.97
CA THR A 24 -13.20 1.56 -9.59
C THR A 24 -12.30 2.56 -8.87
N GLU A 25 -12.30 3.80 -9.34
CA GLU A 25 -11.48 4.84 -8.75
C GLU A 25 -11.52 4.76 -7.22
N LEU A 26 -10.54 5.39 -6.58
CA LEU A 26 -10.46 5.39 -5.12
C LEU A 26 -11.77 5.89 -4.51
N VAL A 27 -12.60 4.95 -4.05
CA VAL A 27 -13.87 5.30 -3.44
C VAL A 27 -14.09 4.54 -2.14
N ARG A 28 -15.20 4.82 -1.46
CA ARG A 28 -15.51 4.15 -0.21
C ARG A 28 -15.45 2.64 -0.35
N GLY A 29 -14.42 2.04 0.23
CA GLY A 29 -14.26 0.60 0.16
C GLY A 29 -13.19 0.18 -0.84
N ALA A 30 -12.43 1.16 -1.32
CA ALA A 30 -11.37 0.89 -2.29
C ALA A 30 -10.26 0.04 -1.66
N ARG A 31 -9.74 -0.90 -2.44
CA ARG A 31 -8.68 -1.78 -1.97
C ARG A 31 -7.53 -1.83 -2.96
N ILE A 32 -6.34 -1.42 -2.51
CA ILE A 32 -5.16 -1.42 -3.36
C ILE A 32 -4.09 -2.37 -2.83
N THR A 33 -3.37 -3.00 -3.75
CA THR A 33 -2.32 -3.95 -3.37
C THR A 33 -0.94 -3.39 -3.68
N TYR A 34 0.02 -3.68 -2.82
CA TYR A 34 1.39 -3.21 -3.01
C TYR A 34 2.34 -4.37 -3.29
N GLN A 35 3.01 -4.30 -4.44
CA GLN A 35 3.95 -5.34 -4.84
C GLN A 35 5.38 -4.83 -4.78
N CYS A 36 6.29 -5.67 -4.26
CA CYS A 36 7.69 -5.30 -4.14
C CYS A 36 8.56 -6.19 -5.03
N ASP A 37 9.84 -5.84 -5.14
CA ASP A 37 10.77 -6.61 -5.96
C ASP A 37 10.94 -8.02 -5.41
N PRO A 38 11.31 -8.96 -6.29
CA PRO A 38 11.52 -10.36 -5.92
C PRO A 38 12.75 -10.56 -5.05
N GLY A 39 12.54 -10.59 -3.74
CA GLY A 39 13.65 -10.77 -2.82
C GLY A 39 13.53 -9.89 -1.59
N TYR A 40 12.53 -9.03 -1.58
CA TYR A 40 12.30 -8.13 -0.45
C TYR A 40 11.10 -8.56 0.38
N ASP A 41 10.81 -7.82 1.43
CA ASP A 41 9.70 -8.14 2.31
C ASP A 41 8.88 -6.88 2.65
N ILE A 42 7.58 -7.05 2.79
CA ILE A 42 6.70 -5.93 3.10
C ILE A 42 6.53 -5.77 4.61
N VAL A 43 6.47 -4.53 5.06
CA VAL A 43 6.31 -4.23 6.48
C VAL A 43 5.05 -3.40 6.74
N GLY A 44 4.05 -4.05 7.33
CA GLY A 44 2.80 -3.36 7.63
C GLY A 44 1.60 -4.10 7.08
N SER A 45 0.69 -3.36 6.44
CA SER A 45 -0.52 -3.96 5.89
C SER A 45 -0.44 -4.03 4.37
N ASP A 46 -0.36 -5.24 3.84
CA ASP A 46 -0.28 -5.45 2.40
C ASP A 46 -1.52 -4.90 1.70
N THR A 47 -2.67 -5.05 2.35
CA THR A 47 -3.93 -4.57 1.79
C THR A 47 -4.47 -3.38 2.58
N LEU A 48 -4.70 -2.28 1.89
CA LEU A 48 -5.21 -1.07 2.53
C LEU A 48 -6.61 -0.73 2.00
N THR A 49 -7.57 -0.64 2.91
CA THR A 49 -8.94 -0.32 2.55
C THR A 49 -9.31 1.10 2.96
N CYS A 50 -10.30 1.67 2.30
CA CYS A 50 -10.75 3.02 2.61
C CYS A 50 -11.94 3.00 3.55
N GLN A 51 -11.71 3.43 4.80
CA GLN A 51 -12.77 3.46 5.80
C GLN A 51 -13.91 4.37 5.37
N TRP A 52 -15.03 4.30 6.08
CA TRP A 52 -16.19 5.12 5.77
C TRP A 52 -15.87 6.60 5.94
N ASP A 53 -14.79 6.89 6.66
CA ASP A 53 -14.36 8.26 6.90
C ASP A 53 -13.34 8.70 5.86
N LEU A 54 -13.30 8.00 4.74
CA LEU A 54 -12.36 8.32 3.67
C LEU A 54 -10.92 8.36 4.19
N SER A 55 -10.62 7.46 5.12
CA SER A 55 -9.28 7.40 5.70
C SER A 55 -8.76 5.97 5.72
N TRP A 56 -7.61 5.75 5.10
CA TRP A 56 -7.00 4.42 5.05
C TRP A 56 -6.77 3.87 6.44
N SER A 57 -7.14 2.61 6.65
CA SER A 57 -6.98 1.98 7.95
C SER A 57 -5.67 2.41 8.61
N SER A 58 -4.60 2.47 7.81
CA SER A 58 -3.29 2.86 8.31
C SER A 58 -2.36 3.23 7.16
N ASP A 59 -1.26 3.91 7.49
CA ASP A 59 -0.28 4.30 6.48
C ASP A 59 0.16 3.11 5.64
N PRO A 60 0.61 3.39 4.40
CA PRO A 60 1.06 2.35 3.48
C PRO A 60 2.38 1.72 3.93
N PRO A 61 2.53 0.41 3.67
CA PRO A 61 3.73 -0.34 4.03
C PRO A 61 4.94 0.06 3.19
N PHE A 62 5.96 -0.78 3.21
CA PHE A 62 7.19 -0.51 2.45
C PHE A 62 7.95 -1.80 2.18
N CYS A 63 8.90 -1.73 1.25
CA CYS A 63 9.71 -2.89 0.89
C CYS A 63 11.09 -2.82 1.54
N GLU A 64 11.38 -3.79 2.41
CA GLU A 64 12.67 -3.83 3.10
C GLU A 64 13.45 -5.09 2.72
N LYS A 65 14.73 -4.93 2.43
CA LYS A 65 15.58 -6.06 2.05
C LYS A 65 16.05 -6.81 3.29
N THR A 66 15.55 -8.03 3.47
CA THR A 66 15.91 -8.85 4.61
C THR A 66 17.21 -9.61 4.34
N GLU A 67 17.95 -9.90 5.40
CA GLU A 67 19.21 -10.62 5.28
C GLU A 67 19.34 -11.68 6.38
N GLU A 68 20.29 -12.60 6.20
CA GLU A 68 20.51 -13.68 7.16
C GLU A 68 21.62 -13.30 8.13
N SER A 69 22.72 -12.77 7.59
CA SER A 69 23.86 -12.38 8.41
C SER A 69 23.40 -11.65 9.66
N GLY A 70 24.31 -11.54 10.64
CA GLY A 70 23.97 -10.86 11.88
C GLY A 70 25.01 -9.84 12.27
N PRO A 71 25.06 -9.50 13.57
CA PRO A 71 26.01 -8.51 14.10
C PRO A 71 27.44 -9.03 14.09
N SER A 72 28.32 -8.31 13.39
CA SER A 72 29.72 -8.70 13.30
C SER A 72 30.59 -7.83 14.21
N SER A 73 31.65 -8.42 14.74
CA SER A 73 32.56 -7.70 15.63
C SER A 73 33.77 -7.20 14.86
N GLY A 74 34.42 -8.08 14.12
CA GLY A 74 35.58 -7.71 13.35
C GLY A 74 36.74 -8.68 13.54
N GLY A 1 -24.16 21.37 -5.21
CA GLY A 1 -24.13 22.17 -4.00
C GLY A 1 -22.74 22.25 -3.38
N SER A 2 -22.18 21.10 -3.05
CA SER A 2 -20.85 21.05 -2.44
C SER A 2 -20.26 19.65 -2.56
N SER A 3 -18.93 19.58 -2.62
CA SER A 3 -18.23 18.30 -2.73
C SER A 3 -18.36 17.50 -1.44
N GLY A 4 -19.19 16.46 -1.48
CA GLY A 4 -19.39 15.62 -0.31
C GLY A 4 -18.19 14.73 -0.03
N SER A 5 -18.10 13.63 -0.78
CA SER A 5 -16.99 12.69 -0.59
C SER A 5 -16.16 12.57 -1.86
N SER A 6 -14.84 12.67 -1.71
CA SER A 6 -13.92 12.59 -2.83
C SER A 6 -12.96 11.41 -2.67
N GLY A 7 -13.50 10.27 -2.25
CA GLY A 7 -12.67 9.10 -2.07
C GLY A 7 -11.48 9.36 -1.16
N CYS A 8 -10.78 8.29 -0.78
CA CYS A 8 -9.63 8.41 0.10
C CYS A 8 -8.55 9.27 -0.55
N SER A 9 -7.62 9.77 0.26
CA SER A 9 -6.54 10.60 -0.23
C SER A 9 -5.49 9.77 -0.95
N ASP A 10 -4.95 10.32 -2.04
CA ASP A 10 -3.93 9.62 -2.82
C ASP A 10 -2.83 9.07 -1.92
N LEU A 11 -2.15 8.03 -2.39
CA LEU A 11 -1.07 7.42 -1.62
C LEU A 11 0.29 7.79 -2.19
N PRO A 12 1.30 7.87 -1.31
CA PRO A 12 2.67 8.22 -1.70
C PRO A 12 3.34 7.12 -2.52
N GLU A 13 4.43 7.47 -3.18
CA GLU A 13 5.16 6.51 -4.01
C GLU A 13 5.94 5.53 -3.13
N ILE A 14 5.97 4.27 -3.56
CA ILE A 14 6.68 3.23 -2.82
C ILE A 14 8.04 2.94 -3.45
N GLN A 15 8.99 2.53 -2.61
CA GLN A 15 10.34 2.22 -3.08
C GLN A 15 10.48 0.74 -3.36
N ASN A 16 11.21 0.41 -4.43
CA ASN A 16 11.43 -0.98 -4.81
C ASN A 16 10.11 -1.72 -4.96
N GLY A 17 9.14 -1.06 -5.60
CA GLY A 17 7.84 -1.67 -5.81
C GLY A 17 6.80 -0.66 -6.28
N TRP A 18 5.58 -1.14 -6.49
CA TRP A 18 4.49 -0.28 -6.94
C TRP A 18 3.13 -0.84 -6.51
N LYS A 19 2.11 0.00 -6.59
CA LYS A 19 0.76 -0.41 -6.20
C LYS A 19 -0.08 -0.73 -7.44
N THR A 20 -1.11 -1.54 -7.25
CA THR A 20 -2.00 -1.91 -8.35
C THR A 20 -3.46 -1.81 -7.93
N THR A 21 -4.10 -0.71 -8.29
CA THR A 21 -5.50 -0.48 -7.95
C THR A 21 -6.29 -0.03 -9.17
N SER A 22 -6.06 -0.68 -10.29
CA SER A 22 -6.75 -0.34 -11.53
C SER A 22 -8.12 -1.02 -11.61
N HIS A 23 -8.84 -1.00 -10.49
CA HIS A 23 -10.17 -1.61 -10.43
C HIS A 23 -11.26 -0.56 -10.59
N THR A 24 -11.28 0.42 -9.69
CA THR A 24 -12.28 1.48 -9.73
C THR A 24 -11.82 2.70 -8.92
N GLU A 25 -12.20 3.88 -9.39
CA GLU A 25 -11.83 5.12 -8.71
C GLU A 25 -11.80 4.93 -7.20
N LEU A 26 -10.77 5.46 -6.56
CA LEU A 26 -10.62 5.35 -5.11
C LEU A 26 -11.92 5.72 -4.40
N VAL A 27 -12.68 4.71 -4.00
CA VAL A 27 -13.94 4.93 -3.32
C VAL A 27 -14.04 4.07 -2.06
N ARG A 28 -15.17 4.18 -1.36
CA ARG A 28 -15.38 3.41 -0.15
C ARG A 28 -15.34 1.91 -0.43
N GLY A 29 -14.52 1.20 0.33
CA GLY A 29 -14.39 -0.24 0.14
C GLY A 29 -13.22 -0.60 -0.75
N ALA A 30 -12.77 0.34 -1.56
CA ALA A 30 -11.65 0.12 -2.46
C ALA A 30 -10.43 -0.43 -1.71
N ARG A 31 -9.72 -1.36 -2.34
CA ARG A 31 -8.54 -1.96 -1.73
C ARG A 31 -7.32 -1.77 -2.61
N ILE A 32 -6.18 -1.50 -1.98
CA ILE A 32 -4.94 -1.30 -2.70
C ILE A 32 -4.01 -2.50 -2.55
N THR A 33 -3.20 -2.75 -3.58
CA THR A 33 -2.26 -3.87 -3.56
C THR A 33 -0.83 -3.39 -3.73
N TYR A 34 -0.02 -3.55 -2.69
CA TYR A 34 1.37 -3.13 -2.74
C TYR A 34 2.29 -4.31 -3.07
N GLN A 35 3.08 -4.15 -4.12
CA GLN A 35 4.01 -5.20 -4.54
C GLN A 35 5.42 -4.66 -4.67
N CYS A 36 6.40 -5.46 -4.25
CA CYS A 36 7.80 -5.07 -4.32
C CYS A 36 8.59 -6.00 -5.23
N ASP A 37 9.84 -5.64 -5.51
CA ASP A 37 10.69 -6.46 -6.36
C ASP A 37 10.90 -7.84 -5.76
N PRO A 38 11.30 -8.80 -6.62
CA PRO A 38 11.53 -10.18 -6.20
C PRO A 38 12.77 -10.32 -5.32
N GLY A 39 12.55 -10.49 -4.02
CA GLY A 39 13.66 -10.63 -3.09
C GLY A 39 13.45 -9.84 -1.82
N TYR A 40 12.56 -8.86 -1.87
CA TYR A 40 12.27 -8.02 -0.72
C TYR A 40 10.99 -8.47 -0.01
N ASP A 41 10.66 -7.82 1.10
CA ASP A 41 9.46 -8.14 1.85
C ASP A 41 8.72 -6.88 2.27
N ILE A 42 7.40 -6.99 2.42
CA ILE A 42 6.59 -5.85 2.82
C ILE A 42 6.47 -5.76 4.33
N VAL A 43 6.58 -4.54 4.85
CA VAL A 43 6.49 -4.32 6.29
C VAL A 43 5.28 -3.47 6.64
N GLY A 44 4.27 -4.10 7.23
CA GLY A 44 3.06 -3.40 7.61
C GLY A 44 1.80 -4.07 7.07
N SER A 45 0.85 -3.26 6.63
CA SER A 45 -0.41 -3.78 6.10
C SER A 45 -0.44 -3.66 4.58
N ASP A 46 -0.21 -4.78 3.89
CA ASP A 46 -0.22 -4.80 2.44
C ASP A 46 -1.55 -4.30 1.90
N THR A 47 -2.64 -4.89 2.37
CA THR A 47 -3.97 -4.49 1.93
C THR A 47 -4.47 -3.28 2.71
N LEU A 48 -5.01 -2.31 1.98
CA LEU A 48 -5.52 -1.09 2.61
C LEU A 48 -6.96 -0.82 2.17
N THR A 49 -7.86 -0.67 3.13
CA THR A 49 -9.26 -0.41 2.83
C THR A 49 -9.63 1.04 3.14
N CYS A 50 -10.56 1.59 2.38
CA CYS A 50 -11.00 2.96 2.57
C CYS A 50 -12.23 3.02 3.48
N GLN A 51 -12.07 3.63 4.64
CA GLN A 51 -13.16 3.76 5.60
C GLN A 51 -14.21 4.74 5.10
N TRP A 52 -15.35 4.78 5.78
CA TRP A 52 -16.44 5.69 5.40
C TRP A 52 -16.04 7.13 5.62
N ASP A 53 -14.88 7.34 6.24
CA ASP A 53 -14.38 8.69 6.50
C ASP A 53 -13.32 9.09 5.48
N LEU A 54 -13.27 8.35 4.38
CA LEU A 54 -12.30 8.63 3.33
C LEU A 54 -10.88 8.63 3.86
N SER A 55 -10.65 7.81 4.89
CA SER A 55 -9.33 7.71 5.51
C SER A 55 -8.85 6.26 5.54
N TRP A 56 -7.64 6.02 5.06
CA TRP A 56 -7.07 4.68 5.04
C TRP A 56 -6.98 4.11 6.45
N SER A 57 -7.32 2.84 6.59
CA SER A 57 -7.28 2.17 7.89
C SER A 57 -5.95 2.43 8.59
N SER A 58 -4.87 2.43 7.82
CA SER A 58 -3.54 2.66 8.36
C SER A 58 -2.60 3.19 7.28
N ASP A 59 -1.44 3.67 7.72
CA ASP A 59 -0.44 4.21 6.79
C ASP A 59 -0.01 3.14 5.79
N PRO A 60 0.49 3.60 4.63
CA PRO A 60 0.96 2.69 3.57
C PRO A 60 2.24 1.96 3.94
N PRO A 61 2.32 0.68 3.55
CA PRO A 61 3.48 -0.16 3.84
C PRO A 61 4.72 0.26 3.05
N PHE A 62 5.74 -0.58 3.06
CA PHE A 62 6.98 -0.29 2.33
C PHE A 62 7.77 -1.57 2.09
N CYS A 63 8.82 -1.46 1.28
CA CYS A 63 9.66 -2.61 0.97
C CYS A 63 10.96 -2.57 1.76
N GLU A 64 11.47 -3.74 2.13
CA GLU A 64 12.71 -3.84 2.89
C GLU A 64 13.46 -5.12 2.54
N LYS A 65 14.77 -4.98 2.33
CA LYS A 65 15.61 -6.12 1.99
C LYS A 65 15.75 -7.07 3.18
N THR A 66 15.45 -8.35 2.93
CA THR A 66 15.55 -9.35 3.98
C THR A 66 16.91 -9.31 4.66
N GLU A 67 16.91 -9.23 5.99
CA GLU A 67 18.14 -9.19 6.75
C GLU A 67 18.84 -10.55 6.75
N GLU A 68 20.04 -10.59 6.18
CA GLU A 68 20.80 -11.83 6.11
C GLU A 68 22.00 -11.79 7.06
N SER A 69 22.81 -10.75 6.93
CA SER A 69 23.99 -10.60 7.78
C SER A 69 23.59 -10.31 9.23
N GLY A 70 24.19 -11.06 10.16
CA GLY A 70 23.88 -10.86 11.56
C GLY A 70 24.90 -11.51 12.47
N PRO A 71 25.15 -10.89 13.63
CA PRO A 71 26.11 -11.39 14.61
C PRO A 71 25.64 -12.67 15.29
N SER A 72 24.36 -12.98 15.13
CA SER A 72 23.79 -14.19 15.73
C SER A 72 23.73 -15.32 14.71
N SER A 73 23.73 -16.55 15.22
CA SER A 73 23.67 -17.73 14.35
C SER A 73 22.36 -18.47 14.53
N GLY A 74 21.99 -18.71 15.78
CA GLY A 74 20.74 -19.42 16.06
C GLY A 74 20.05 -18.90 17.30
N GLY A 1 -9.44 22.77 -6.25
CA GLY A 1 -9.28 22.70 -7.68
C GLY A 1 -10.55 22.28 -8.39
N SER A 2 -10.54 21.09 -8.99
CA SER A 2 -11.70 20.59 -9.71
C SER A 2 -12.62 19.81 -8.77
N SER A 3 -13.68 20.47 -8.31
CA SER A 3 -14.64 19.84 -7.41
C SER A 3 -15.41 18.74 -8.11
N GLY A 4 -16.07 17.89 -7.33
CA GLY A 4 -16.84 16.79 -7.90
C GLY A 4 -16.41 15.44 -7.36
N SER A 5 -15.14 15.10 -7.56
CA SER A 5 -14.61 13.82 -7.10
C SER A 5 -14.72 13.71 -5.58
N SER A 6 -14.65 12.48 -5.08
CA SER A 6 -14.75 12.24 -3.65
C SER A 6 -14.23 10.84 -3.30
N GLY A 7 -13.22 10.79 -2.43
CA GLY A 7 -12.66 9.52 -2.03
C GLY A 7 -11.36 9.68 -1.27
N CYS A 8 -10.82 8.56 -0.78
CA CYS A 8 -9.58 8.58 -0.02
C CYS A 8 -8.51 9.41 -0.75
N SER A 9 -7.57 9.94 0.02
CA SER A 9 -6.50 10.75 -0.55
C SER A 9 -5.54 9.90 -1.39
N ASP A 10 -4.93 10.51 -2.39
CA ASP A 10 -4.00 9.80 -3.26
C ASP A 10 -2.69 9.54 -2.53
N LEU A 11 -2.14 8.34 -2.75
CA LEU A 11 -0.88 7.96 -2.11
C LEU A 11 0.31 8.25 -3.02
N PRO A 12 1.44 8.60 -2.42
CA PRO A 12 2.67 8.91 -3.16
C PRO A 12 3.29 7.67 -3.80
N GLU A 13 4.41 7.86 -4.49
CA GLU A 13 5.10 6.76 -5.15
C GLU A 13 5.93 5.96 -4.15
N ILE A 14 5.97 4.65 -4.34
CA ILE A 14 6.72 3.77 -3.46
C ILE A 14 8.05 3.37 -4.09
N GLN A 15 9.06 3.15 -3.25
CA GLN A 15 10.38 2.76 -3.73
C GLN A 15 10.54 1.24 -3.71
N ASN A 16 11.14 0.71 -4.78
CA ASN A 16 11.35 -0.73 -4.90
C ASN A 16 10.01 -1.47 -4.95
N GLY A 17 9.03 -0.86 -5.61
CA GLY A 17 7.72 -1.48 -5.72
C GLY A 17 6.71 -0.57 -6.39
N TRP A 18 5.47 -1.04 -6.49
CA TRP A 18 4.40 -0.27 -7.11
C TRP A 18 3.04 -0.70 -6.59
N LYS A 19 2.01 0.08 -6.92
CA LYS A 19 0.66 -0.23 -6.50
C LYS A 19 -0.26 -0.46 -7.70
N THR A 20 -1.40 -1.10 -7.46
CA THR A 20 -2.36 -1.38 -8.52
C THR A 20 -3.79 -1.10 -8.06
N THR A 21 -4.64 -0.71 -9.01
CA THR A 21 -6.03 -0.41 -8.70
C THR A 21 -6.95 -0.87 -9.82
N SER A 22 -8.25 -0.72 -9.61
CA SER A 22 -9.24 -1.12 -10.61
C SER A 22 -10.11 0.07 -11.02
N HIS A 23 -10.92 0.55 -10.09
CA HIS A 23 -11.81 1.69 -10.36
C HIS A 23 -10.99 2.95 -10.65
N THR A 24 -11.54 3.80 -11.52
CA THR A 24 -10.87 5.05 -11.88
C THR A 24 -10.79 6.00 -10.70
N GLU A 25 -11.56 5.71 -9.66
CA GLU A 25 -11.57 6.55 -8.47
C GLU A 25 -11.55 5.70 -7.20
N LEU A 26 -10.85 6.18 -6.18
CA LEU A 26 -10.74 5.47 -4.92
C LEU A 26 -11.94 5.77 -4.01
N VAL A 27 -12.89 4.85 -3.97
CA VAL A 27 -14.08 5.02 -3.15
C VAL A 27 -14.09 4.04 -1.98
N ARG A 28 -15.10 4.16 -1.12
CA ARG A 28 -15.22 3.28 0.03
C ARG A 28 -15.06 1.82 -0.37
N GLY A 29 -14.33 1.07 0.44
CA GLY A 29 -14.10 -0.34 0.15
C GLY A 29 -12.89 -0.56 -0.73
N ALA A 30 -12.60 0.41 -1.59
CA ALA A 30 -11.47 0.31 -2.49
C ALA A 30 -10.26 -0.30 -1.79
N ARG A 31 -9.67 -1.32 -2.41
CA ARG A 31 -8.51 -2.00 -1.84
C ARG A 31 -7.33 -1.95 -2.80
N ILE A 32 -6.18 -1.48 -2.29
CA ILE A 32 -4.98 -1.38 -3.11
C ILE A 32 -3.99 -2.49 -2.76
N THR A 33 -3.20 -2.91 -3.75
CA THR A 33 -2.22 -3.96 -3.55
C THR A 33 -0.81 -3.44 -3.81
N TYR A 34 0.08 -3.61 -2.84
CA TYR A 34 1.45 -3.16 -2.98
C TYR A 34 2.36 -4.30 -3.41
N GLN A 35 3.20 -4.05 -4.41
CA GLN A 35 4.13 -5.05 -4.92
C GLN A 35 5.55 -4.54 -4.91
N CYS A 36 6.43 -5.25 -4.21
CA CYS A 36 7.83 -4.87 -4.12
C CYS A 36 8.70 -5.75 -5.00
N ASP A 37 9.98 -5.42 -5.09
CA ASP A 37 10.92 -6.19 -5.90
C ASP A 37 11.00 -7.63 -5.42
N PRO A 38 11.42 -8.54 -6.32
CA PRO A 38 11.55 -9.96 -6.01
C PRO A 38 12.70 -10.24 -5.04
N GLY A 39 12.36 -10.62 -3.82
CA GLY A 39 13.37 -10.92 -2.82
C GLY A 39 13.15 -10.16 -1.53
N TYR A 40 12.28 -9.17 -1.57
CA TYR A 40 11.99 -8.36 -0.40
C TYR A 40 10.62 -8.73 0.20
N ASP A 41 10.27 -8.07 1.29
CA ASP A 41 8.99 -8.32 1.95
C ASP A 41 8.36 -7.02 2.42
N ILE A 42 7.02 -7.01 2.51
CA ILE A 42 6.29 -5.83 2.94
C ILE A 42 6.10 -5.84 4.46
N VAL A 43 6.33 -4.68 5.08
CA VAL A 43 6.18 -4.55 6.52
C VAL A 43 4.96 -3.71 6.87
N GLY A 44 3.92 -4.38 7.37
CA GLY A 44 2.70 -3.69 7.73
C GLY A 44 1.47 -4.28 7.07
N SER A 45 0.49 -3.43 6.78
CA SER A 45 -0.75 -3.88 6.15
C SER A 45 -0.59 -3.95 4.63
N ASP A 46 -0.43 -5.16 4.11
CA ASP A 46 -0.27 -5.37 2.68
C ASP A 46 -1.48 -4.88 1.92
N THR A 47 -2.66 -5.02 2.53
CA THR A 47 -3.90 -4.58 1.91
C THR A 47 -4.50 -3.40 2.66
N LEU A 48 -4.71 -2.30 1.94
CA LEU A 48 -5.28 -1.10 2.53
C LEU A 48 -6.71 -0.88 2.05
N THR A 49 -7.59 -0.53 2.98
CA THR A 49 -9.00 -0.29 2.65
C THR A 49 -9.40 1.14 2.99
N CYS A 50 -10.36 1.67 2.25
CA CYS A 50 -10.85 3.02 2.47
C CYS A 50 -12.09 3.02 3.37
N GLN A 51 -11.91 3.47 4.61
CA GLN A 51 -13.01 3.52 5.57
C GLN A 51 -14.09 4.48 5.09
N TRP A 52 -15.28 4.34 5.68
CA TRP A 52 -16.40 5.20 5.32
C TRP A 52 -16.06 6.67 5.54
N ASP A 53 -15.01 6.91 6.32
CA ASP A 53 -14.58 8.28 6.62
C ASP A 53 -13.43 8.68 5.71
N LEU A 54 -13.28 7.99 4.58
CA LEU A 54 -12.21 8.27 3.65
C LEU A 54 -10.85 8.23 4.33
N SER A 55 -10.76 7.49 5.42
CA SER A 55 -9.51 7.37 6.17
C SER A 55 -8.92 5.97 6.01
N TRP A 56 -7.66 5.91 5.59
CA TRP A 56 -6.97 4.64 5.40
C TRP A 56 -6.76 3.94 6.73
N SER A 57 -7.02 2.63 6.75
CA SER A 57 -6.86 1.84 7.96
C SER A 57 -5.64 2.31 8.76
N SER A 58 -4.54 2.54 8.05
CA SER A 58 -3.30 2.99 8.68
C SER A 58 -2.25 3.35 7.63
N ASP A 59 -1.19 4.02 8.07
CA ASP A 59 -0.11 4.43 7.18
C ASP A 59 0.24 3.29 6.22
N PRO A 60 0.76 3.65 5.03
CA PRO A 60 1.15 2.68 4.00
C PRO A 60 2.40 1.89 4.41
N PRO A 61 2.45 0.63 3.99
CA PRO A 61 3.59 -0.25 4.28
C PRO A 61 4.86 0.16 3.54
N PHE A 62 5.86 -0.73 3.55
CA PHE A 62 7.12 -0.46 2.87
C PHE A 62 7.81 -1.76 2.50
N CYS A 63 8.87 -1.64 1.70
CA CYS A 63 9.62 -2.81 1.26
C CYS A 63 10.92 -2.96 2.05
N GLU A 64 11.13 -4.14 2.60
CA GLU A 64 12.33 -4.41 3.39
C GLU A 64 12.88 -5.81 3.10
N LYS A 65 14.15 -5.87 2.74
CA LYS A 65 14.80 -7.15 2.43
C LYS A 65 14.53 -8.18 3.53
N THR A 66 14.29 -9.42 3.11
CA THR A 66 14.01 -10.49 4.06
C THR A 66 15.08 -10.56 5.14
N GLU A 67 14.79 -11.30 6.21
CA GLU A 67 15.73 -11.44 7.31
C GLU A 67 16.57 -12.70 7.15
N GLU A 68 17.85 -12.51 6.84
CA GLU A 68 18.76 -13.63 6.65
C GLU A 68 18.09 -14.77 5.90
N SER A 69 17.43 -14.43 4.79
CA SER A 69 16.74 -15.43 3.98
C SER A 69 17.59 -16.69 3.82
N GLY A 70 18.90 -16.52 3.91
CA GLY A 70 19.80 -17.65 3.77
C GLY A 70 21.20 -17.34 4.24
N PRO A 71 21.89 -18.36 4.80
CA PRO A 71 23.26 -18.20 5.30
C PRO A 71 24.27 -18.01 4.17
N SER A 72 24.06 -18.72 3.07
CA SER A 72 24.95 -18.63 1.92
C SER A 72 26.33 -19.19 2.26
N SER A 73 26.35 -20.22 3.11
CA SER A 73 27.60 -20.84 3.52
C SER A 73 28.11 -21.80 2.45
N GLY A 74 27.27 -22.76 2.07
CA GLY A 74 27.65 -23.73 1.06
C GLY A 74 28.02 -25.08 1.65
N GLY A 1 -24.06 11.57 -13.47
CA GLY A 1 -24.29 11.78 -12.06
C GLY A 1 -23.01 11.99 -11.28
N SER A 2 -22.63 11.01 -10.46
CA SER A 2 -21.42 11.10 -9.67
C SER A 2 -21.28 12.50 -9.05
N SER A 3 -22.36 12.97 -8.43
CA SER A 3 -22.37 14.29 -7.81
C SER A 3 -21.49 14.29 -6.54
N GLY A 4 -20.64 15.30 -6.43
CA GLY A 4 -19.77 15.39 -5.27
C GLY A 4 -18.70 14.31 -5.25
N SER A 5 -17.54 14.63 -5.83
CA SER A 5 -16.44 13.68 -5.88
C SER A 5 -15.90 13.39 -4.48
N SER A 6 -16.24 12.22 -3.96
CA SER A 6 -15.79 11.83 -2.63
C SER A 6 -14.96 10.55 -2.70
N GLY A 7 -14.23 10.26 -1.62
CA GLY A 7 -13.41 9.07 -1.58
C GLY A 7 -12.04 9.33 -0.97
N CYS A 8 -11.39 8.27 -0.51
CA CYS A 8 -10.06 8.39 0.09
C CYS A 8 -9.17 9.31 -0.73
N SER A 9 -8.08 9.76 -0.12
CA SER A 9 -7.13 10.65 -0.80
C SER A 9 -6.03 9.85 -1.49
N ASP A 10 -5.33 10.49 -2.41
CA ASP A 10 -4.24 9.84 -3.15
C ASP A 10 -3.14 9.39 -2.19
N LEU A 11 -2.34 8.44 -2.63
CA LEU A 11 -1.25 7.91 -1.82
C LEU A 11 0.10 8.31 -2.41
N PRO A 12 1.11 8.44 -1.53
CA PRO A 12 2.47 8.81 -1.94
C PRO A 12 3.17 7.70 -2.71
N GLU A 13 4.17 8.07 -3.51
CA GLU A 13 4.92 7.10 -4.31
C GLU A 13 5.71 6.16 -3.41
N ILE A 14 5.89 4.93 -3.87
CA ILE A 14 6.62 3.92 -3.11
C ILE A 14 7.97 3.63 -3.76
N GLN A 15 8.95 3.25 -2.94
CA GLN A 15 10.28 2.93 -3.44
C GLN A 15 10.51 1.43 -3.48
N ASN A 16 11.18 0.96 -4.53
CA ASN A 16 11.45 -0.46 -4.69
C ASN A 16 10.17 -1.27 -4.68
N GLY A 17 9.16 -0.78 -5.41
CA GLY A 17 7.88 -1.46 -5.47
C GLY A 17 6.83 -0.68 -6.22
N TRP A 18 5.63 -1.24 -6.32
CA TRP A 18 4.54 -0.58 -7.03
C TRP A 18 3.19 -1.10 -6.55
N LYS A 19 2.14 -0.33 -6.81
CA LYS A 19 0.79 -0.72 -6.41
C LYS A 19 -0.10 -0.94 -7.62
N THR A 20 -1.28 -1.53 -7.40
CA THR A 20 -2.22 -1.80 -8.48
C THR A 20 -3.61 -1.29 -8.12
N THR A 21 -4.07 -0.28 -8.85
CA THR A 21 -5.39 0.30 -8.61
C THR A 21 -6.36 -0.05 -9.74
N SER A 22 -7.38 -0.83 -9.42
CA SER A 22 -8.37 -1.25 -10.41
C SER A 22 -9.69 -0.52 -10.18
N HIS A 23 -9.61 0.75 -9.82
CA HIS A 23 -10.80 1.57 -9.58
C HIS A 23 -10.59 3.00 -10.04
N THR A 24 -11.41 3.44 -11.00
CA THR A 24 -11.31 4.78 -11.53
C THR A 24 -10.99 5.79 -10.43
N GLU A 25 -11.75 5.76 -9.35
CA GLU A 25 -11.54 6.66 -8.23
C GLU A 25 -11.62 5.91 -6.90
N LEU A 26 -10.61 6.11 -6.06
CA LEU A 26 -10.56 5.45 -4.76
C LEU A 26 -11.77 5.81 -3.92
N VAL A 27 -12.73 4.90 -3.85
CA VAL A 27 -13.95 5.12 -3.08
C VAL A 27 -14.01 4.19 -1.88
N ARG A 28 -15.09 4.31 -1.11
CA ARG A 28 -15.27 3.46 0.07
C ARG A 28 -15.29 1.99 -0.30
N GLY A 29 -14.48 1.20 0.41
CA GLY A 29 -14.41 -0.23 0.13
C GLY A 29 -13.23 -0.59 -0.76
N ALA A 30 -12.90 0.30 -1.70
CA ALA A 30 -11.79 0.06 -2.60
C ALA A 30 -10.51 -0.27 -1.84
N ARG A 31 -9.69 -1.15 -2.41
CA ARG A 31 -8.45 -1.56 -1.78
C ARG A 31 -7.30 -1.56 -2.80
N ILE A 32 -6.09 -1.33 -2.31
CA ILE A 32 -4.91 -1.30 -3.17
C ILE A 32 -3.92 -2.38 -2.77
N THR A 33 -3.27 -2.98 -3.77
CA THR A 33 -2.30 -4.03 -3.53
C THR A 33 -0.87 -3.53 -3.71
N TYR A 34 -0.05 -3.68 -2.68
CA TYR A 34 1.33 -3.22 -2.71
C TYR A 34 2.27 -4.38 -3.08
N GLN A 35 3.12 -4.15 -4.07
CA GLN A 35 4.06 -5.16 -4.51
C GLN A 35 5.50 -4.64 -4.48
N CYS A 36 6.44 -5.51 -4.15
CA CYS A 36 7.84 -5.12 -4.07
C CYS A 36 8.70 -6.01 -4.97
N ASP A 37 9.98 -5.68 -5.07
CA ASP A 37 10.90 -6.45 -5.90
C ASP A 37 10.99 -7.89 -5.42
N PRO A 38 11.43 -8.79 -6.31
CA PRO A 38 11.57 -10.21 -6.00
C PRO A 38 12.72 -10.48 -5.03
N GLY A 39 12.38 -10.92 -3.82
CA GLY A 39 13.39 -11.21 -2.82
C GLY A 39 13.17 -10.43 -1.54
N TYR A 40 12.35 -9.40 -1.60
CA TYR A 40 12.06 -8.56 -0.44
C TYR A 40 10.69 -8.89 0.13
N ASP A 41 10.33 -8.21 1.22
CA ASP A 41 9.03 -8.42 1.86
C ASP A 41 8.41 -7.09 2.27
N ILE A 42 7.09 -7.07 2.39
CA ILE A 42 6.37 -5.86 2.79
C ILE A 42 6.20 -5.79 4.31
N VAL A 43 6.50 -4.62 4.87
CA VAL A 43 6.38 -4.41 6.31
C VAL A 43 5.19 -3.52 6.64
N GLY A 44 4.17 -4.09 7.26
CA GLY A 44 2.99 -3.33 7.63
C GLY A 44 1.72 -3.93 7.08
N SER A 45 0.79 -3.08 6.69
CA SER A 45 -0.50 -3.54 6.14
C SER A 45 -0.45 -3.62 4.62
N ASP A 46 -0.27 -4.82 4.10
CA ASP A 46 -0.21 -5.04 2.65
C ASP A 46 -1.45 -4.49 1.97
N THR A 47 -2.62 -4.82 2.51
CA THR A 47 -3.88 -4.37 1.96
C THR A 47 -4.36 -3.10 2.64
N LEU A 48 -4.79 -2.13 1.85
CA LEU A 48 -5.28 -0.86 2.39
C LEU A 48 -6.71 -0.58 1.93
N THR A 49 -7.66 -0.68 2.86
CA THR A 49 -9.06 -0.45 2.55
C THR A 49 -9.47 0.97 2.91
N CYS A 50 -10.52 1.46 2.27
CA CYS A 50 -11.03 2.80 2.53
C CYS A 50 -12.19 2.78 3.50
N GLN A 51 -12.08 3.54 4.58
CA GLN A 51 -13.13 3.60 5.60
C GLN A 51 -14.17 4.65 5.22
N TRP A 52 -15.29 4.65 5.94
CA TRP A 52 -16.36 5.59 5.70
C TRP A 52 -15.92 7.02 6.00
N ASP A 53 -14.74 7.15 6.59
CA ASP A 53 -14.19 8.45 6.95
C ASP A 53 -13.15 8.89 5.92
N LEU A 54 -13.23 8.34 4.72
CA LEU A 54 -12.30 8.68 3.65
C LEU A 54 -10.86 8.57 4.13
N SER A 55 -10.57 7.50 4.88
CA SER A 55 -9.23 7.28 5.41
C SER A 55 -8.81 5.82 5.21
N TRP A 56 -7.50 5.62 5.05
CA TRP A 56 -6.97 4.27 4.86
C TRP A 56 -6.72 3.59 6.20
N SER A 57 -6.94 2.28 6.23
CA SER A 57 -6.74 1.51 7.45
C SER A 57 -5.53 2.03 8.23
N SER A 58 -4.47 2.37 7.51
CA SER A 58 -3.25 2.88 8.13
C SER A 58 -2.27 3.36 7.08
N ASP A 59 -1.09 3.78 7.54
CA ASP A 59 -0.05 4.26 6.63
C ASP A 59 0.33 3.19 5.62
N PRO A 60 0.89 3.63 4.47
CA PRO A 60 1.32 2.72 3.40
C PRO A 60 2.54 1.90 3.79
N PRO A 61 2.55 0.63 3.38
CA PRO A 61 3.65 -0.29 3.67
C PRO A 61 4.92 0.06 2.91
N PHE A 62 5.95 -0.76 3.07
CA PHE A 62 7.22 -0.54 2.40
C PHE A 62 7.97 -1.85 2.18
N CYS A 63 9.05 -1.79 1.41
CA CYS A 63 9.85 -2.98 1.12
C CYS A 63 11.13 -2.98 1.96
N GLU A 64 11.34 -4.07 2.69
CA GLU A 64 12.52 -4.20 3.53
C GLU A 64 13.12 -5.60 3.42
N LYS A 65 14.36 -5.67 2.99
CA LYS A 65 15.06 -6.95 2.84
C LYS A 65 15.00 -7.75 4.14
N THR A 66 14.31 -8.88 4.10
CA THR A 66 14.18 -9.74 5.27
C THR A 66 15.38 -10.67 5.40
N GLU A 67 15.66 -11.09 6.64
CA GLU A 67 16.79 -11.98 6.90
C GLU A 67 16.58 -13.34 6.23
N GLU A 68 17.67 -13.94 5.78
CA GLU A 68 17.60 -15.25 5.13
C GLU A 68 18.85 -16.06 5.41
N SER A 69 18.70 -17.38 5.46
CA SER A 69 19.82 -18.28 5.73
C SER A 69 20.81 -18.26 4.57
N GLY A 70 22.07 -17.92 4.87
CA GLY A 70 23.09 -17.87 3.85
C GLY A 70 24.09 -16.75 4.09
N PRO A 71 24.83 -16.37 3.03
CA PRO A 71 25.84 -15.32 3.11
C PRO A 71 25.22 -13.94 3.31
N SER A 72 25.18 -13.48 4.55
CA SER A 72 24.61 -12.17 4.87
C SER A 72 25.39 -11.50 6.00
N SER A 73 25.00 -10.28 6.33
CA SER A 73 25.66 -9.52 7.38
C SER A 73 24.80 -8.36 7.85
N GLY A 74 24.91 -8.01 9.12
CA GLY A 74 24.13 -6.92 9.68
C GLY A 74 24.52 -6.60 11.10
N GLY A 1 -25.39 19.83 -5.99
CA GLY A 1 -24.46 19.16 -5.11
C GLY A 1 -25.15 18.44 -3.98
N SER A 2 -25.66 17.24 -4.27
CA SER A 2 -26.36 16.45 -3.26
C SER A 2 -25.40 16.02 -2.15
N SER A 3 -24.36 15.29 -2.54
CA SER A 3 -23.37 14.82 -1.58
C SER A 3 -22.01 15.45 -1.84
N GLY A 4 -21.05 15.17 -0.96
CA GLY A 4 -19.71 15.71 -1.11
C GLY A 4 -18.64 14.72 -0.72
N SER A 5 -18.68 13.54 -1.32
CA SER A 5 -17.70 12.50 -1.03
C SER A 5 -16.74 12.33 -2.19
N SER A 6 -15.44 12.34 -1.89
CA SER A 6 -14.41 12.19 -2.90
C SER A 6 -13.50 11.00 -2.59
N GLY A 7 -14.06 9.99 -1.94
CA GLY A 7 -13.30 8.81 -1.60
C GLY A 7 -11.98 9.16 -0.92
N CYS A 8 -11.19 8.14 -0.62
CA CYS A 8 -9.90 8.33 0.03
C CYS A 8 -8.97 9.17 -0.85
N SER A 9 -8.05 9.88 -0.21
CA SER A 9 -7.11 10.73 -0.94
C SER A 9 -6.05 9.89 -1.64
N ASP A 10 -5.31 10.52 -2.54
CA ASP A 10 -4.26 9.83 -3.29
C ASP A 10 -3.16 9.33 -2.36
N LEU A 11 -2.50 8.25 -2.76
CA LEU A 11 -1.42 7.67 -1.95
C LEU A 11 -0.05 8.04 -2.51
N PRO A 12 0.93 8.20 -1.62
CA PRO A 12 2.30 8.54 -2.02
C PRO A 12 3.00 7.41 -2.74
N GLU A 13 4.09 7.73 -3.44
CA GLU A 13 4.86 6.73 -4.17
C GLU A 13 5.70 5.87 -3.22
N ILE A 14 5.82 4.59 -3.54
CA ILE A 14 6.59 3.67 -2.72
C ILE A 14 7.97 3.42 -3.31
N GLN A 15 8.94 3.13 -2.45
CA GLN A 15 10.31 2.87 -2.89
C GLN A 15 10.54 1.38 -3.09
N ASN A 16 11.28 1.04 -4.14
CA ASN A 16 11.58 -0.36 -4.44
C ASN A 16 10.29 -1.18 -4.52
N GLY A 17 9.27 -0.62 -5.14
CA GLY A 17 8.00 -1.31 -5.27
C GLY A 17 6.96 -0.49 -6.02
N TRP A 18 5.75 -1.03 -6.12
CA TRP A 18 4.67 -0.35 -6.82
C TRP A 18 3.31 -0.78 -6.28
N LYS A 19 2.30 0.05 -6.49
CA LYS A 19 0.95 -0.25 -6.04
C LYS A 19 -0.03 -0.31 -7.20
N THR A 20 -1.17 -0.94 -6.97
CA THR A 20 -2.19 -1.07 -8.01
C THR A 20 -3.60 -1.04 -7.41
N THR A 21 -4.34 0.02 -7.69
CA THR A 21 -5.69 0.16 -7.17
C THR A 21 -6.61 -0.92 -7.74
N SER A 22 -7.49 -1.45 -6.89
CA SER A 22 -8.42 -2.49 -7.31
C SER A 22 -9.68 -1.88 -7.90
N HIS A 23 -10.37 -1.06 -7.11
CA HIS A 23 -11.59 -0.42 -7.55
C HIS A 23 -11.28 0.82 -8.39
N THR A 24 -11.98 0.96 -9.52
CA THR A 24 -11.78 2.08 -10.41
C THR A 24 -11.62 3.38 -9.63
N GLU A 25 -12.64 3.72 -8.84
CA GLU A 25 -12.60 4.94 -8.04
C GLU A 25 -12.22 4.63 -6.60
N LEU A 26 -11.24 5.38 -6.09
CA LEU A 26 -10.77 5.18 -4.72
C LEU A 26 -11.80 5.69 -3.71
N VAL A 27 -12.93 4.99 -3.63
CA VAL A 27 -14.00 5.37 -2.71
C VAL A 27 -14.02 4.46 -1.49
N ARG A 28 -14.63 4.94 -0.41
CA ARG A 28 -14.71 4.16 0.83
C ARG A 28 -15.04 2.70 0.53
N GLY A 29 -14.18 1.80 0.99
CA GLY A 29 -14.38 0.39 0.76
C GLY A 29 -13.37 -0.22 -0.18
N ALA A 30 -12.88 0.59 -1.12
CA ALA A 30 -11.89 0.13 -2.08
C ALA A 30 -10.65 -0.40 -1.38
N ARG A 31 -9.84 -1.18 -2.10
CA ARG A 31 -8.63 -1.75 -1.56
C ARG A 31 -7.44 -1.51 -2.47
N ILE A 32 -6.26 -1.34 -1.89
CA ILE A 32 -5.05 -1.09 -2.66
C ILE A 32 -4.08 -2.27 -2.54
N THR A 33 -3.35 -2.55 -3.61
CA THR A 33 -2.39 -3.64 -3.62
C THR A 33 -0.96 -3.11 -3.71
N TYR A 34 -0.03 -3.85 -3.12
CA TYR A 34 1.37 -3.45 -3.12
C TYR A 34 2.27 -4.61 -3.56
N GLN A 35 3.21 -4.32 -4.45
CA GLN A 35 4.13 -5.34 -4.94
C GLN A 35 5.57 -4.83 -4.92
N CYS A 36 6.45 -5.60 -4.29
CA CYS A 36 7.86 -5.23 -4.20
C CYS A 36 8.72 -6.14 -5.07
N ASP A 37 10.01 -5.81 -5.16
CA ASP A 37 10.94 -6.60 -5.96
C ASP A 37 11.01 -8.03 -5.46
N PRO A 38 11.45 -8.95 -6.34
CA PRO A 38 11.58 -10.37 -6.01
C PRO A 38 12.71 -10.64 -5.03
N GLY A 39 12.35 -10.95 -3.79
CA GLY A 39 13.35 -11.22 -2.77
C GLY A 39 13.17 -10.37 -1.53
N TYR A 40 12.29 -9.37 -1.62
CA TYR A 40 12.04 -8.48 -0.50
C TYR A 40 10.67 -8.76 0.11
N ASP A 41 10.42 -8.20 1.29
CA ASP A 41 9.16 -8.38 1.99
C ASP A 41 8.54 -7.04 2.37
N ILE A 42 7.23 -7.04 2.56
CA ILE A 42 6.53 -5.81 2.95
C ILE A 42 6.24 -5.78 4.45
N VAL A 43 6.51 -4.64 5.07
CA VAL A 43 6.28 -4.47 6.50
C VAL A 43 5.06 -3.61 6.77
N GLY A 44 3.99 -4.25 7.24
CA GLY A 44 2.77 -3.53 7.54
C GLY A 44 1.53 -4.21 6.96
N SER A 45 0.69 -3.43 6.29
CA SER A 45 -0.53 -3.96 5.70
C SER A 45 -0.44 -3.96 4.18
N ASP A 46 -0.35 -5.15 3.60
CA ASP A 46 -0.26 -5.29 2.15
C ASP A 46 -1.46 -4.66 1.46
N THR A 47 -2.66 -5.03 1.91
CA THR A 47 -3.88 -4.50 1.34
C THR A 47 -4.42 -3.34 2.17
N LEU A 48 -4.61 -2.19 1.52
CA LEU A 48 -5.12 -1.00 2.20
C LEU A 48 -6.56 -0.72 1.80
N THR A 49 -7.47 -0.86 2.76
CA THR A 49 -8.89 -0.62 2.49
C THR A 49 -9.31 0.75 3.02
N CYS A 50 -10.23 1.39 2.29
CA CYS A 50 -10.72 2.70 2.68
C CYS A 50 -11.99 2.58 3.52
N GLN A 51 -12.09 3.42 4.55
CA GLN A 51 -13.26 3.41 5.43
C GLN A 51 -14.29 4.44 4.99
N TRP A 52 -15.49 4.34 5.53
CA TRP A 52 -16.56 5.27 5.20
C TRP A 52 -16.11 6.71 5.39
N ASP A 53 -15.05 6.90 6.16
CA ASP A 53 -14.51 8.23 6.42
C ASP A 53 -13.49 8.62 5.37
N LEU A 54 -13.57 7.98 4.21
CA LEU A 54 -12.65 8.26 3.11
C LEU A 54 -11.21 8.29 3.61
N SER A 55 -10.90 7.43 4.58
CA SER A 55 -9.56 7.35 5.15
C SER A 55 -8.99 5.94 4.99
N TRP A 56 -7.66 5.84 5.05
CA TRP A 56 -6.99 4.56 4.92
C TRP A 56 -6.67 3.97 6.28
N SER A 57 -6.87 2.66 6.41
CA SER A 57 -6.60 1.97 7.68
C SER A 57 -5.39 2.56 8.38
N SER A 58 -4.31 2.75 7.63
CA SER A 58 -3.07 3.31 8.17
C SER A 58 -2.09 3.64 7.07
N ASP A 59 -0.98 4.27 7.44
CA ASP A 59 0.05 4.65 6.47
C ASP A 59 0.43 3.46 5.59
N PRO A 60 0.95 3.76 4.39
CA PRO A 60 1.35 2.73 3.42
C PRO A 60 2.60 1.98 3.88
N PRO A 61 2.67 0.68 3.54
CA PRO A 61 3.80 -0.17 3.90
C PRO A 61 5.07 0.19 3.14
N PHE A 62 6.07 -0.68 3.20
CA PHE A 62 7.33 -0.45 2.51
C PHE A 62 8.04 -1.76 2.20
N CYS A 63 9.04 -1.71 1.33
CA CYS A 63 9.79 -2.89 0.95
C CYS A 63 11.13 -2.95 1.68
N GLU A 64 11.41 -4.08 2.33
CA GLU A 64 12.65 -4.25 3.06
C GLU A 64 13.28 -5.61 2.76
N LYS A 65 14.61 -5.66 2.70
CA LYS A 65 15.32 -6.90 2.43
C LYS A 65 15.18 -7.87 3.58
N THR A 66 15.04 -9.16 3.26
CA THR A 66 14.90 -10.19 4.27
C THR A 66 16.13 -10.27 5.16
N GLU A 67 15.95 -10.73 6.39
CA GLU A 67 17.05 -10.86 7.34
C GLU A 67 17.83 -12.15 7.10
N GLU A 68 19.06 -12.01 6.62
CA GLU A 68 19.91 -13.17 6.36
C GLU A 68 20.68 -13.58 7.60
N SER A 69 20.47 -14.81 8.05
CA SER A 69 21.14 -15.33 9.24
C SER A 69 22.65 -15.37 9.03
N GLY A 70 23.40 -15.10 10.10
CA GLY A 70 24.84 -15.11 10.01
C GLY A 70 25.42 -13.73 9.83
N PRO A 71 26.76 -13.64 9.75
CA PRO A 71 27.46 -12.37 9.56
C PRO A 71 27.24 -11.78 8.18
N SER A 72 26.86 -12.62 7.23
CA SER A 72 26.63 -12.19 5.86
C SER A 72 25.90 -10.84 5.84
N SER A 73 26.60 -9.81 5.41
CA SER A 73 26.03 -8.47 5.35
C SER A 73 26.40 -7.78 4.03
N GLY A 74 25.56 -6.84 3.61
CA GLY A 74 25.81 -6.12 2.37
C GLY A 74 25.08 -6.73 1.19
N GLY A 1 -13.95 24.28 -0.13
CA GLY A 1 -15.37 24.28 0.10
C GLY A 1 -16.05 23.03 -0.43
N SER A 2 -15.91 22.79 -1.73
CA SER A 2 -16.51 21.62 -2.35
C SER A 2 -15.54 20.97 -3.33
N SER A 3 -15.82 19.72 -3.69
CA SER A 3 -14.97 18.99 -4.62
C SER A 3 -15.78 17.95 -5.39
N GLY A 4 -15.28 17.58 -6.57
CA GLY A 4 -15.97 16.60 -7.39
C GLY A 4 -16.10 15.25 -6.70
N SER A 5 -15.69 14.20 -7.40
CA SER A 5 -15.77 12.85 -6.86
C SER A 5 -15.09 12.78 -5.50
N SER A 6 -15.58 11.87 -4.64
CA SER A 6 -15.01 11.70 -3.31
C SER A 6 -14.27 10.38 -3.20
N GLY A 7 -13.34 10.31 -2.25
CA GLY A 7 -12.58 9.08 -2.06
C GLY A 7 -11.38 9.29 -1.15
N CYS A 8 -10.87 8.19 -0.59
CA CYS A 8 -9.72 8.26 0.31
C CYS A 8 -8.64 9.17 -0.27
N SER A 9 -7.81 9.72 0.62
CA SER A 9 -6.74 10.61 0.21
C SER A 9 -5.71 9.87 -0.65
N ASP A 10 -5.27 10.52 -1.71
CA ASP A 10 -4.29 9.93 -2.62
C ASP A 10 -3.03 9.50 -1.85
N LEU A 11 -2.32 8.54 -2.39
CA LEU A 11 -1.10 8.04 -1.76
C LEU A 11 0.11 8.25 -2.67
N PRO A 12 1.27 8.54 -2.05
CA PRO A 12 2.52 8.76 -2.79
C PRO A 12 3.06 7.49 -3.43
N GLU A 13 4.22 7.61 -4.07
CA GLU A 13 4.84 6.46 -4.73
C GLU A 13 5.73 5.69 -3.75
N ILE A 14 5.83 4.38 -3.96
CA ILE A 14 6.65 3.53 -3.10
C ILE A 14 7.97 3.18 -3.78
N GLN A 15 9.01 3.01 -2.97
CA GLN A 15 10.33 2.67 -3.49
C GLN A 15 10.48 1.16 -3.67
N ASN A 16 11.15 0.75 -4.74
CA ASN A 16 11.36 -0.67 -5.00
C ASN A 16 10.04 -1.43 -4.97
N GLY A 17 9.00 -0.82 -5.53
CA GLY A 17 7.69 -1.46 -5.54
C GLY A 17 6.67 -0.67 -6.34
N TRP A 18 5.47 -1.23 -6.46
CA TRP A 18 4.41 -0.57 -7.21
C TRP A 18 3.04 -0.85 -6.58
N LYS A 19 2.11 0.10 -6.75
CA LYS A 19 0.77 -0.05 -6.20
C LYS A 19 -0.27 -0.04 -7.31
N THR A 20 -1.40 -0.68 -7.06
CA THR A 20 -2.48 -0.75 -8.03
C THR A 20 -3.78 -0.20 -7.46
N THR A 21 -4.64 0.31 -8.32
CA THR A 21 -5.92 0.88 -7.91
C THR A 21 -7.08 0.24 -8.66
N SER A 22 -8.29 0.47 -8.18
CA SER A 22 -9.49 -0.09 -8.80
C SER A 22 -10.22 0.97 -9.62
N HIS A 23 -10.49 0.66 -10.88
CA HIS A 23 -11.19 1.58 -11.77
C HIS A 23 -10.55 2.96 -11.71
N THR A 24 -9.24 3.01 -11.58
CA THR A 24 -8.51 4.27 -11.52
C THR A 24 -9.30 5.31 -10.72
N GLU A 25 -10.08 4.85 -9.75
CA GLU A 25 -10.88 5.74 -8.93
C GLU A 25 -10.99 5.22 -7.50
N LEU A 26 -10.51 6.01 -6.55
CA LEU A 26 -10.54 5.63 -5.15
C LEU A 26 -11.95 5.84 -4.56
N VAL A 27 -12.65 4.74 -4.32
CA VAL A 27 -14.00 4.81 -3.77
C VAL A 27 -14.10 4.00 -2.48
N ARG A 28 -15.26 4.08 -1.82
CA ARG A 28 -15.48 3.35 -0.57
C ARG A 28 -15.32 1.85 -0.79
N GLY A 29 -14.47 1.24 0.03
CA GLY A 29 -14.23 -0.19 -0.08
C GLY A 29 -13.04 -0.52 -0.95
N ALA A 30 -12.61 0.46 -1.75
CA ALA A 30 -11.47 0.27 -2.64
C ALA A 30 -10.21 -0.07 -1.84
N ARG A 31 -9.41 -1.00 -2.38
CA ARG A 31 -8.18 -1.41 -1.72
C ARG A 31 -6.99 -1.32 -2.68
N ILE A 32 -5.83 -0.93 -2.15
CA ILE A 32 -4.62 -0.81 -2.95
C ILE A 32 -3.65 -1.94 -2.65
N THR A 33 -3.16 -2.59 -3.70
CA THR A 33 -2.21 -3.68 -3.55
C THR A 33 -0.78 -3.20 -3.72
N TYR A 34 0.04 -3.39 -2.70
CA TYR A 34 1.43 -2.97 -2.74
C TYR A 34 2.34 -4.14 -3.06
N GLN A 35 3.05 -4.03 -4.19
CA GLN A 35 3.96 -5.09 -4.62
C GLN A 35 5.41 -4.61 -4.58
N CYS A 36 6.30 -5.49 -4.16
CA CYS A 36 7.72 -5.17 -4.08
C CYS A 36 8.55 -6.07 -4.99
N ASP A 37 9.84 -5.77 -5.09
CA ASP A 37 10.74 -6.56 -5.92
C ASP A 37 10.80 -8.01 -5.46
N PRO A 38 11.20 -8.91 -6.36
CA PRO A 38 11.29 -10.34 -6.06
C PRO A 38 12.44 -10.65 -5.10
N GLY A 39 12.08 -10.97 -3.86
CA GLY A 39 13.08 -11.29 -2.86
C GLY A 39 12.99 -10.40 -1.64
N TYR A 40 12.01 -9.50 -1.65
CA TYR A 40 11.82 -8.59 -0.52
C TYR A 40 10.48 -8.85 0.17
N ASP A 41 10.28 -8.21 1.32
CA ASP A 41 9.04 -8.37 2.08
C ASP A 41 8.46 -7.02 2.45
N ILE A 42 7.14 -6.98 2.65
CA ILE A 42 6.46 -5.74 3.02
C ILE A 42 6.26 -5.66 4.53
N VAL A 43 6.55 -4.48 5.09
CA VAL A 43 6.41 -4.26 6.52
C VAL A 43 5.19 -3.40 6.82
N GLY A 44 4.15 -4.02 7.40
CA GLY A 44 2.94 -3.28 7.73
C GLY A 44 1.69 -3.95 7.15
N SER A 45 0.73 -3.12 6.76
CA SER A 45 -0.52 -3.63 6.19
C SER A 45 -0.42 -3.75 4.68
N ASP A 46 -0.11 -4.94 4.19
CA ASP A 46 0.01 -5.19 2.77
C ASP A 46 -1.18 -4.59 2.02
N THR A 47 -2.37 -4.79 2.55
CA THR A 47 -3.59 -4.27 1.93
C THR A 47 -4.13 -3.07 2.71
N LEU A 48 -4.64 -2.08 1.98
CA LEU A 48 -5.19 -0.88 2.59
C LEU A 48 -6.60 -0.62 2.10
N THR A 49 -7.58 -0.80 2.98
CA THR A 49 -8.98 -0.58 2.63
C THR A 49 -9.42 0.82 3.01
N CYS A 50 -10.41 1.34 2.28
CA CYS A 50 -10.93 2.68 2.54
C CYS A 50 -12.12 2.63 3.48
N GLN A 51 -12.00 3.27 4.63
CA GLN A 51 -13.06 3.30 5.62
C GLN A 51 -14.21 4.19 5.15
N TRP A 52 -15.25 4.28 5.98
CA TRP A 52 -16.41 5.10 5.65
C TRP A 52 -16.08 6.58 5.73
N ASP A 53 -14.95 6.89 6.37
CA ASP A 53 -14.52 8.28 6.52
C ASP A 53 -13.42 8.61 5.52
N LEU A 54 -13.35 7.84 4.44
CA LEU A 54 -12.35 8.06 3.40
C LEU A 54 -10.95 8.08 4.01
N SER A 55 -10.78 7.42 5.14
CA SER A 55 -9.48 7.36 5.82
C SER A 55 -8.92 5.94 5.80
N TRP A 56 -7.72 5.80 5.25
CA TRP A 56 -7.07 4.50 5.17
C TRP A 56 -6.81 3.94 6.56
N SER A 57 -7.09 2.65 6.73
CA SER A 57 -6.89 1.99 8.02
C SER A 57 -5.62 2.49 8.70
N SER A 58 -4.55 2.60 7.92
CA SER A 58 -3.27 3.06 8.44
C SER A 58 -2.36 3.53 7.32
N ASP A 59 -1.16 3.97 7.67
CA ASP A 59 -0.19 4.44 6.69
C ASP A 59 0.25 3.31 5.77
N PRO A 60 0.74 3.69 4.58
CA PRO A 60 1.21 2.71 3.58
C PRO A 60 2.49 2.01 4.01
N PRO A 61 2.58 0.70 3.72
CA PRO A 61 3.76 -0.10 4.07
C PRO A 61 4.98 0.27 3.23
N PHE A 62 5.98 -0.61 3.24
CA PHE A 62 7.20 -0.38 2.48
C PHE A 62 7.90 -1.70 2.17
N CYS A 63 8.96 -1.63 1.37
CA CYS A 63 9.72 -2.81 0.98
C CYS A 63 11.01 -2.90 1.78
N GLU A 64 11.34 -4.11 2.23
CA GLU A 64 12.56 -4.33 3.00
C GLU A 64 13.18 -5.68 2.66
N LYS A 65 14.52 -5.72 2.63
CA LYS A 65 15.23 -6.95 2.32
C LYS A 65 15.39 -7.82 3.55
N THR A 66 14.96 -9.07 3.45
CA THR A 66 15.05 -10.01 4.55
C THR A 66 16.45 -10.02 5.16
N GLU A 67 16.52 -10.10 6.49
CA GLU A 67 17.80 -10.12 7.18
C GLU A 67 18.59 -11.38 6.84
N GLU A 68 19.80 -11.19 6.34
CA GLU A 68 20.67 -12.31 5.97
C GLU A 68 21.45 -12.81 7.18
N SER A 69 21.57 -14.13 7.28
CA SER A 69 22.30 -14.75 8.39
C SER A 69 23.73 -15.09 7.98
N GLY A 70 24.70 -14.55 8.71
CA GLY A 70 26.09 -14.82 8.40
C GLY A 70 26.83 -13.59 7.93
N PRO A 71 27.95 -13.80 7.22
CA PRO A 71 28.77 -12.70 6.69
C PRO A 71 28.08 -11.96 5.56
N SER A 72 28.78 -11.00 4.96
CA SER A 72 28.24 -10.21 3.87
C SER A 72 29.34 -9.68 2.96
N SER A 73 29.09 -9.68 1.66
CA SER A 73 30.07 -9.21 0.69
C SER A 73 29.84 -7.73 0.36
N GLY A 74 30.92 -6.95 0.38
CA GLY A 74 30.83 -5.55 0.08
C GLY A 74 31.57 -5.16 -1.17
N GLY A 1 -19.58 3.39 -15.92
CA GLY A 1 -20.52 2.73 -15.05
C GLY A 1 -20.42 3.19 -13.61
N SER A 2 -19.51 2.58 -12.86
CA SER A 2 -19.30 2.94 -11.46
C SER A 2 -19.23 4.45 -11.29
N SER A 3 -19.97 4.96 -10.31
CA SER A 3 -19.99 6.39 -10.04
C SER A 3 -19.54 6.69 -8.62
N GLY A 4 -19.23 7.95 -8.34
CA GLY A 4 -18.79 8.34 -7.02
C GLY A 4 -18.65 9.84 -6.87
N SER A 5 -18.77 10.33 -5.64
CA SER A 5 -18.67 11.75 -5.37
C SER A 5 -17.42 12.06 -4.54
N SER A 6 -17.25 11.34 -3.44
CA SER A 6 -16.11 11.53 -2.57
C SER A 6 -15.39 10.21 -2.31
N GLY A 7 -14.10 10.28 -2.02
CA GLY A 7 -13.32 9.09 -1.76
C GLY A 7 -12.03 9.38 -1.03
N CYS A 8 -11.29 8.33 -0.70
CA CYS A 8 -10.02 8.48 0.01
C CYS A 8 -9.06 9.38 -0.77
N SER A 9 -7.94 9.74 -0.13
CA SER A 9 -6.95 10.58 -0.77
C SER A 9 -5.91 9.76 -1.52
N ASP A 10 -5.11 10.41 -2.33
CA ASP A 10 -4.07 9.74 -3.11
C ASP A 10 -2.89 9.37 -2.22
N LEU A 11 -2.44 8.13 -2.33
CA LEU A 11 -1.31 7.64 -1.54
C LEU A 11 0.02 8.01 -2.20
N PRO A 12 1.06 8.16 -1.38
CA PRO A 12 2.41 8.50 -1.87
C PRO A 12 3.05 7.36 -2.65
N GLU A 13 4.15 7.65 -3.33
CA GLU A 13 4.85 6.64 -4.12
C GLU A 13 5.65 5.71 -3.20
N ILE A 14 5.74 4.45 -3.60
CA ILE A 14 6.48 3.46 -2.81
C ILE A 14 7.86 3.21 -3.41
N GLN A 15 8.82 2.93 -2.54
CA GLN A 15 10.19 2.66 -2.98
C GLN A 15 10.41 1.17 -3.21
N ASN A 16 10.97 0.83 -4.36
CA ASN A 16 11.23 -0.56 -4.71
C ASN A 16 9.93 -1.36 -4.77
N GLY A 17 8.92 -0.78 -5.40
CA GLY A 17 7.64 -1.45 -5.52
C GLY A 17 6.62 -0.63 -6.28
N TRP A 18 5.38 -1.11 -6.33
CA TRP A 18 4.31 -0.41 -7.03
C TRP A 18 2.94 -0.84 -6.51
N LYS A 19 1.90 -0.13 -6.92
CA LYS A 19 0.55 -0.43 -6.50
C LYS A 19 -0.33 -0.78 -7.69
N THR A 20 -1.49 -1.36 -7.42
CA THR A 20 -2.43 -1.75 -8.48
C THR A 20 -3.86 -1.37 -8.11
N THR A 21 -4.47 -0.53 -8.93
CA THR A 21 -5.84 -0.09 -8.70
C THR A 21 -6.70 -0.29 -9.93
N SER A 22 -7.99 -0.56 -9.71
CA SER A 22 -8.93 -0.78 -10.81
C SER A 22 -9.62 0.52 -11.20
N HIS A 23 -10.17 1.21 -10.20
CA HIS A 23 -10.86 2.47 -10.43
C HIS A 23 -9.96 3.66 -10.11
N THR A 24 -9.60 4.42 -11.13
CA THR A 24 -8.74 5.58 -10.95
C THR A 24 -9.07 6.32 -9.67
N GLU A 25 -10.36 6.56 -9.44
CA GLU A 25 -10.81 7.26 -8.24
C GLU A 25 -10.92 6.30 -7.06
N LEU A 26 -10.23 6.64 -5.97
CA LEU A 26 -10.24 5.80 -4.77
C LEU A 26 -11.43 6.15 -3.88
N VAL A 27 -12.43 5.27 -3.87
CA VAL A 27 -13.62 5.49 -3.05
C VAL A 27 -13.65 4.54 -1.86
N ARG A 28 -14.73 4.58 -1.10
CA ARG A 28 -14.89 3.72 0.06
C ARG A 28 -15.05 2.26 -0.35
N GLY A 29 -14.32 1.38 0.33
CA GLY A 29 -14.39 -0.04 0.02
C GLY A 29 -13.28 -0.48 -0.90
N ALA A 30 -12.69 0.47 -1.62
CA ALA A 30 -11.60 0.17 -2.54
C ALA A 30 -10.42 -0.46 -1.82
N ARG A 31 -9.65 -1.27 -2.54
CA ARG A 31 -8.49 -1.93 -1.96
C ARG A 31 -7.28 -1.81 -2.90
N ILE A 32 -6.12 -1.51 -2.31
CA ILE A 32 -4.90 -1.37 -3.08
C ILE A 32 -3.89 -2.46 -2.72
N THR A 33 -3.26 -3.04 -3.75
CA THR A 33 -2.28 -4.10 -3.53
C THR A 33 -0.87 -3.59 -3.81
N TYR A 34 0.00 -3.71 -2.81
CA TYR A 34 1.38 -3.26 -2.94
C TYR A 34 2.30 -4.43 -3.28
N GLN A 35 3.06 -4.28 -4.36
CA GLN A 35 3.98 -5.33 -4.80
C GLN A 35 5.40 -4.79 -4.90
N CYS A 36 6.36 -5.55 -4.39
CA CYS A 36 7.76 -5.16 -4.42
C CYS A 36 8.59 -6.14 -5.23
N ASP A 37 9.86 -5.81 -5.45
CA ASP A 37 10.75 -6.66 -6.22
C ASP A 37 10.91 -8.02 -5.55
N PRO A 38 11.35 -9.02 -6.33
CA PRO A 38 11.56 -10.39 -5.82
C PRO A 38 12.74 -10.48 -4.87
N GLY A 39 12.46 -10.80 -3.61
CA GLY A 39 13.53 -10.92 -2.62
C GLY A 39 13.28 -10.04 -1.41
N TYR A 40 12.52 -8.97 -1.59
CA TYR A 40 12.22 -8.04 -0.51
C TYR A 40 10.94 -8.45 0.21
N ASP A 41 10.66 -7.81 1.33
CA ASP A 41 9.47 -8.10 2.12
C ASP A 41 8.70 -6.82 2.44
N ILE A 42 7.39 -6.96 2.67
CA ILE A 42 6.55 -5.81 2.99
C ILE A 42 6.38 -5.66 4.49
N VAL A 43 6.46 -4.41 4.97
CA VAL A 43 6.31 -4.13 6.39
C VAL A 43 5.04 -3.32 6.66
N GLY A 44 4.06 -3.95 7.29
CA GLY A 44 2.82 -3.27 7.60
C GLY A 44 1.60 -4.04 7.13
N SER A 45 0.69 -3.35 6.47
CA SER A 45 -0.53 -3.99 5.98
C SER A 45 -0.50 -4.11 4.46
N ASP A 46 -0.33 -5.33 3.97
CA ASP A 46 -0.28 -5.59 2.54
C ASP A 46 -1.54 -5.05 1.85
N THR A 47 -2.66 -5.13 2.54
CA THR A 47 -3.93 -4.66 2.00
C THR A 47 -4.39 -3.39 2.72
N LEU A 48 -4.86 -2.43 1.94
CA LEU A 48 -5.34 -1.17 2.50
C LEU A 48 -6.76 -0.85 2.01
N THR A 49 -7.69 -0.76 2.94
CA THR A 49 -9.08 -0.47 2.60
C THR A 49 -9.44 0.96 2.98
N CYS A 50 -10.40 1.53 2.26
CA CYS A 50 -10.85 2.90 2.51
C CYS A 50 -12.07 2.92 3.42
N GLN A 51 -11.88 3.35 4.66
CA GLN A 51 -12.97 3.42 5.63
C GLN A 51 -14.07 4.37 5.15
N TRP A 52 -15.16 4.44 5.91
CA TRP A 52 -16.27 5.31 5.56
C TRP A 52 -15.92 6.77 5.82
N ASP A 53 -14.77 6.99 6.46
CA ASP A 53 -14.32 8.35 6.77
C ASP A 53 -13.30 8.83 5.75
N LEU A 54 -13.29 8.19 4.58
CA LEU A 54 -12.37 8.55 3.52
C LEU A 54 -10.92 8.52 4.01
N SER A 55 -10.64 7.61 4.95
CA SER A 55 -9.30 7.48 5.51
C SER A 55 -8.85 6.02 5.50
N TRP A 56 -7.62 5.79 5.10
CA TRP A 56 -7.06 4.44 5.04
C TRP A 56 -6.75 3.93 6.45
N SER A 57 -7.10 2.67 6.71
CA SER A 57 -6.87 2.06 8.00
C SER A 57 -5.56 2.56 8.61
N SER A 58 -4.50 2.55 7.80
CA SER A 58 -3.19 3.00 8.25
C SER A 58 -2.30 3.38 7.06
N ASP A 59 -1.21 4.08 7.35
CA ASP A 59 -0.28 4.51 6.31
C ASP A 59 0.17 3.33 5.47
N PRO A 60 0.62 3.61 4.24
CA PRO A 60 1.09 2.59 3.30
C PRO A 60 2.41 1.95 3.75
N PRO A 61 2.53 0.63 3.54
CA PRO A 61 3.73 -0.12 3.92
C PRO A 61 4.92 0.22 3.03
N PHE A 62 5.96 -0.59 3.12
CA PHE A 62 7.18 -0.37 2.34
C PHE A 62 7.91 -1.68 2.09
N CYS A 63 8.90 -1.65 1.20
CA CYS A 63 9.69 -2.83 0.88
C CYS A 63 11.05 -2.79 1.55
N GLU A 64 11.34 -3.80 2.36
CA GLU A 64 12.62 -3.88 3.07
C GLU A 64 13.36 -5.16 2.72
N LYS A 65 14.68 -5.09 2.72
CA LYS A 65 15.52 -6.25 2.40
C LYS A 65 15.64 -7.17 3.61
N THR A 66 15.35 -8.46 3.41
CA THR A 66 15.44 -9.44 4.47
C THR A 66 16.83 -9.46 5.09
N GLU A 67 16.94 -10.04 6.28
CA GLU A 67 18.22 -10.13 6.98
C GLU A 67 18.33 -11.45 7.73
N GLU A 68 19.56 -11.95 7.86
CA GLU A 68 19.81 -13.20 8.55
C GLU A 68 20.18 -12.95 10.01
N SER A 69 21.31 -12.26 10.22
CA SER A 69 21.77 -11.96 11.57
C SER A 69 22.05 -10.47 11.73
N GLY A 70 21.67 -9.92 12.88
CA GLY A 70 21.88 -8.51 13.12
C GLY A 70 23.34 -8.16 13.28
N PRO A 71 23.62 -6.88 13.60
CA PRO A 71 25.00 -6.39 13.78
C PRO A 71 25.66 -6.96 15.03
N SER A 72 26.53 -7.94 14.84
CA SER A 72 27.22 -8.57 15.95
C SER A 72 27.78 -7.52 16.91
N SER A 73 27.71 -7.80 18.21
CA SER A 73 28.20 -6.88 19.22
C SER A 73 29.66 -6.54 18.99
N GLY A 74 30.47 -7.58 18.73
CA GLY A 74 31.89 -7.37 18.49
C GLY A 74 32.75 -8.42 19.17
N GLY A 1 -19.72 20.74 -5.28
CA GLY A 1 -18.96 19.58 -5.73
C GLY A 1 -17.97 19.92 -6.82
N SER A 2 -17.26 21.03 -6.64
CA SER A 2 -16.27 21.47 -7.62
C SER A 2 -15.01 20.59 -7.55
N SER A 3 -14.96 19.58 -8.42
CA SER A 3 -13.82 18.67 -8.45
C SER A 3 -13.49 18.15 -7.06
N GLY A 4 -14.53 17.78 -6.31
CA GLY A 4 -14.34 17.27 -4.97
C GLY A 4 -14.79 15.83 -4.83
N SER A 5 -14.14 14.94 -5.57
CA SER A 5 -14.49 13.52 -5.53
C SER A 5 -14.49 13.00 -4.10
N SER A 6 -15.45 12.14 -3.78
CA SER A 6 -15.57 11.57 -2.44
C SER A 6 -14.84 10.24 -2.36
N GLY A 7 -13.57 10.30 -1.98
CA GLY A 7 -12.78 9.07 -1.86
C GLY A 7 -11.50 9.29 -1.08
N CYS A 8 -10.88 8.20 -0.65
CA CYS A 8 -9.63 8.27 0.11
C CYS A 8 -8.64 9.21 -0.56
N SER A 9 -7.69 9.71 0.22
CA SER A 9 -6.68 10.63 -0.30
C SER A 9 -5.56 9.86 -1.01
N ASP A 10 -4.98 10.48 -2.03
CA ASP A 10 -3.90 9.87 -2.79
C ASP A 10 -2.84 9.27 -1.86
N LEU A 11 -2.06 8.35 -2.39
CA LEU A 11 -1.01 7.71 -1.60
C LEU A 11 0.36 7.98 -2.21
N PRO A 12 1.39 8.08 -1.34
CA PRO A 12 2.76 8.34 -1.77
C PRO A 12 3.38 7.15 -2.50
N GLU A 13 4.12 7.44 -3.56
CA GLU A 13 4.76 6.38 -4.34
C GLU A 13 5.47 5.38 -3.43
N ILE A 14 5.67 4.17 -3.93
CA ILE A 14 6.33 3.12 -3.17
C ILE A 14 7.78 2.95 -3.60
N GLN A 15 8.67 2.75 -2.64
CA GLN A 15 10.09 2.57 -2.93
C GLN A 15 10.39 1.12 -3.30
N ASN A 16 11.10 0.93 -4.40
CA ASN A 16 11.46 -0.41 -4.86
C ASN A 16 10.21 -1.27 -5.03
N GLY A 17 9.19 -0.69 -5.65
CA GLY A 17 7.96 -1.43 -5.87
C GLY A 17 6.89 -0.58 -6.55
N TRP A 18 5.67 -1.12 -6.62
CA TRP A 18 4.56 -0.40 -7.24
C TRP A 18 3.24 -0.84 -6.65
N LYS A 19 2.16 -0.15 -7.04
CA LYS A 19 0.83 -0.47 -6.55
C LYS A 19 -0.18 -0.49 -7.68
N THR A 20 -1.41 -0.92 -7.38
CA THR A 20 -2.46 -0.99 -8.39
C THR A 20 -3.83 -1.15 -7.73
N THR A 21 -4.87 -0.63 -8.38
CA THR A 21 -6.22 -0.72 -7.86
C THR A 21 -7.13 -1.46 -8.82
N SER A 22 -8.05 -2.25 -8.28
CA SER A 22 -8.98 -3.02 -9.09
C SER A 22 -10.16 -2.15 -9.52
N HIS A 23 -10.75 -1.45 -8.57
CA HIS A 23 -11.89 -0.58 -8.85
C HIS A 23 -11.51 0.51 -9.84
N THR A 24 -12.53 1.13 -10.42
CA THR A 24 -12.31 2.20 -11.40
C THR A 24 -11.70 3.43 -10.73
N GLU A 25 -12.26 3.82 -9.59
CA GLU A 25 -11.78 4.98 -8.85
C GLU A 25 -11.63 4.66 -7.36
N LEU A 26 -10.93 5.53 -6.65
CA LEU A 26 -10.70 5.34 -5.22
C LEU A 26 -11.96 5.68 -4.42
N VAL A 27 -12.87 4.72 -4.33
CA VAL A 27 -14.11 4.92 -3.60
C VAL A 27 -14.17 4.03 -2.35
N ARG A 28 -15.06 4.37 -1.43
CA ARG A 28 -15.20 3.60 -0.20
C ARG A 28 -15.13 2.10 -0.47
N GLY A 29 -14.55 1.36 0.47
CA GLY A 29 -14.42 -0.07 0.30
C GLY A 29 -13.22 -0.46 -0.54
N ALA A 30 -12.94 0.35 -1.55
CA ALA A 30 -11.81 0.09 -2.45
C ALA A 30 -10.55 -0.24 -1.65
N ARG A 31 -9.71 -1.10 -2.22
CA ARG A 31 -8.47 -1.50 -1.56
C ARG A 31 -7.26 -1.24 -2.46
N ILE A 32 -6.08 -1.26 -1.87
CA ILE A 32 -4.85 -1.03 -2.62
C ILE A 32 -3.94 -2.25 -2.57
N THR A 33 -3.30 -2.55 -3.70
CA THR A 33 -2.40 -3.69 -3.80
C THR A 33 -0.95 -3.25 -3.93
N TYR A 34 -0.10 -3.73 -3.04
CA TYR A 34 1.31 -3.38 -3.05
C TYR A 34 2.16 -4.55 -3.52
N GLN A 35 3.21 -4.23 -4.28
CA GLN A 35 4.11 -5.27 -4.81
C GLN A 35 5.54 -4.74 -4.91
N CYS A 36 6.46 -5.44 -4.25
CA CYS A 36 7.86 -5.04 -4.27
C CYS A 36 8.70 -6.02 -5.11
N ASP A 37 9.97 -5.69 -5.28
CA ASP A 37 10.87 -6.54 -6.06
C ASP A 37 10.97 -7.93 -5.45
N PRO A 38 11.45 -8.90 -6.25
CA PRO A 38 11.61 -10.29 -5.82
C PRO A 38 12.73 -10.45 -4.80
N GLY A 39 12.39 -10.93 -3.61
CA GLY A 39 13.38 -11.13 -2.57
C GLY A 39 13.09 -10.32 -1.34
N TYR A 40 12.43 -9.17 -1.52
CA TYR A 40 12.10 -8.29 -0.41
C TYR A 40 10.74 -8.64 0.18
N ASP A 41 10.33 -7.91 1.20
CA ASP A 41 9.05 -8.14 1.85
C ASP A 41 8.40 -6.83 2.26
N ILE A 42 7.08 -6.83 2.37
CA ILE A 42 6.34 -5.63 2.76
C ILE A 42 6.22 -5.52 4.28
N VAL A 43 6.46 -4.31 4.79
CA VAL A 43 6.38 -4.07 6.23
C VAL A 43 5.09 -3.35 6.59
N GLY A 44 4.16 -4.09 7.18
CA GLY A 44 2.89 -3.51 7.57
C GLY A 44 1.70 -4.27 7.00
N SER A 45 0.79 -3.53 6.37
CA SER A 45 -0.40 -4.14 5.77
C SER A 45 -0.39 -4.01 4.27
N ASP A 46 -0.15 -5.12 3.58
CA ASP A 46 -0.11 -5.13 2.12
C ASP A 46 -1.40 -4.55 1.53
N THR A 47 -2.52 -4.85 2.19
CA THR A 47 -3.82 -4.37 1.73
C THR A 47 -4.28 -3.17 2.56
N LEU A 48 -4.86 -2.19 1.88
CA LEU A 48 -5.35 -0.98 2.55
C LEU A 48 -6.78 -0.67 2.14
N THR A 49 -7.71 -0.81 3.08
CA THR A 49 -9.11 -0.55 2.81
C THR A 49 -9.46 0.90 3.12
N CYS A 50 -10.44 1.44 2.39
CA CYS A 50 -10.88 2.82 2.58
C CYS A 50 -12.05 2.89 3.56
N GLN A 51 -11.77 3.38 4.76
CA GLN A 51 -12.80 3.51 5.79
C GLN A 51 -13.96 4.37 5.30
N TRP A 52 -14.94 4.57 6.16
CA TRP A 52 -16.11 5.38 5.82
C TRP A 52 -15.76 6.86 5.77
N ASP A 53 -14.72 7.24 6.50
CA ASP A 53 -14.27 8.62 6.54
C ASP A 53 -13.24 8.89 5.45
N LEU A 54 -13.32 8.13 4.37
CA LEU A 54 -12.40 8.29 3.25
C LEU A 54 -10.95 8.31 3.74
N SER A 55 -10.65 7.43 4.70
CA SER A 55 -9.31 7.35 5.25
C SER A 55 -8.82 5.90 5.29
N TRP A 56 -7.51 5.71 5.11
CA TRP A 56 -6.93 4.37 5.12
C TRP A 56 -6.70 3.89 6.55
N SER A 57 -7.07 2.64 6.81
CA SER A 57 -6.92 2.06 8.13
C SER A 57 -5.66 2.59 8.81
N SER A 58 -4.55 2.58 8.08
CA SER A 58 -3.28 3.05 8.61
C SER A 58 -2.32 3.41 7.48
N ASP A 59 -1.25 4.13 7.83
CA ASP A 59 -0.26 4.52 6.84
C ASP A 59 0.10 3.37 5.93
N PRO A 60 0.53 3.69 4.69
CA PRO A 60 0.92 2.69 3.70
C PRO A 60 2.20 1.97 4.06
N PRO A 61 2.29 0.68 3.69
CA PRO A 61 3.46 -0.14 3.97
C PRO A 61 4.68 0.28 3.15
N PHE A 62 5.72 -0.55 3.17
CA PHE A 62 6.95 -0.26 2.43
C PHE A 62 7.73 -1.54 2.16
N CYS A 63 8.79 -1.42 1.36
CA CYS A 63 9.63 -2.57 1.03
C CYS A 63 10.91 -2.55 1.85
N GLU A 64 11.29 -3.71 2.36
CA GLU A 64 12.51 -3.83 3.17
C GLU A 64 13.17 -5.20 2.96
N LYS A 65 14.48 -5.19 2.79
CA LYS A 65 15.23 -6.43 2.59
C LYS A 65 15.21 -7.29 3.85
N THR A 66 14.64 -8.49 3.73
CA THR A 66 14.55 -9.40 4.86
C THR A 66 15.83 -10.23 4.99
N GLU A 67 16.00 -10.88 6.15
CA GLU A 67 17.17 -11.71 6.38
C GLU A 67 17.42 -12.66 5.21
N GLU A 68 18.69 -12.81 4.84
CA GLU A 68 19.06 -13.69 3.74
C GLU A 68 19.25 -15.12 4.22
N SER A 69 19.56 -15.27 5.51
CA SER A 69 19.77 -16.59 6.09
C SER A 69 20.73 -17.42 5.24
N GLY A 70 21.86 -16.82 4.88
CA GLY A 70 22.84 -17.51 4.06
C GLY A 70 23.97 -18.11 4.89
N PRO A 71 25.08 -18.46 4.22
CA PRO A 71 26.25 -19.04 4.88
C PRO A 71 26.97 -18.03 5.76
N SER A 72 26.64 -16.76 5.60
CA SER A 72 27.26 -15.70 6.38
C SER A 72 26.54 -15.49 7.71
N SER A 73 27.09 -16.03 8.78
CA SER A 73 26.50 -15.91 10.11
C SER A 73 27.27 -14.91 10.96
N GLY A 74 26.54 -14.20 11.83
CA GLY A 74 27.18 -13.21 12.68
C GLY A 74 28.30 -12.47 11.99
N GLY A 1 -25.27 2.36 -10.55
CA GLY A 1 -24.21 3.09 -11.24
C GLY A 1 -23.13 3.57 -10.28
N SER A 2 -21.88 3.36 -10.67
CA SER A 2 -20.75 3.76 -9.84
C SER A 2 -20.63 5.29 -9.79
N SER A 3 -21.32 5.89 -8.83
CA SER A 3 -21.29 7.35 -8.68
C SER A 3 -20.73 7.74 -7.32
N GLY A 4 -20.05 8.88 -7.28
CA GLY A 4 -19.46 9.35 -6.03
C GLY A 4 -18.15 10.07 -6.25
N SER A 5 -18.06 11.30 -5.74
CA SER A 5 -16.85 12.09 -5.88
C SER A 5 -15.87 11.81 -4.75
N SER A 6 -16.38 11.75 -3.53
CA SER A 6 -15.56 11.48 -2.36
C SER A 6 -14.72 10.22 -2.56
N GLY A 7 -13.58 10.16 -1.88
CA GLY A 7 -12.71 9.00 -2.00
C GLY A 7 -11.37 9.22 -1.32
N CYS A 8 -10.82 8.15 -0.74
CA CYS A 8 -9.53 8.23 -0.06
C CYS A 8 -8.56 9.10 -0.85
N SER A 9 -7.60 9.68 -0.14
CA SER A 9 -6.60 10.54 -0.77
C SER A 9 -5.56 9.71 -1.52
N ASP A 10 -5.05 10.27 -2.61
CA ASP A 10 -4.05 9.57 -3.42
C ASP A 10 -2.79 9.31 -2.62
N LEU A 11 -2.47 8.02 -2.44
CA LEU A 11 -1.29 7.62 -1.68
C LEU A 11 -0.01 7.96 -2.44
N PRO A 12 1.07 8.26 -1.69
CA PRO A 12 2.37 8.60 -2.27
C PRO A 12 3.03 7.41 -2.95
N GLU A 13 3.98 7.70 -3.84
CA GLU A 13 4.70 6.64 -4.55
C GLU A 13 5.49 5.77 -3.58
N ILE A 14 5.67 4.51 -3.93
CA ILE A 14 6.41 3.58 -3.09
C ILE A 14 7.84 3.38 -3.61
N GLN A 15 8.76 3.14 -2.70
CA GLN A 15 10.16 2.92 -3.07
C GLN A 15 10.46 1.44 -3.26
N ASN A 16 10.95 1.09 -4.44
CA ASN A 16 11.28 -0.31 -4.75
C ASN A 16 10.01 -1.14 -4.88
N GLY A 17 9.00 -0.58 -5.53
CA GLY A 17 7.75 -1.30 -5.72
C GLY A 17 6.70 -0.46 -6.44
N TRP A 18 5.49 -0.99 -6.55
CA TRP A 18 4.41 -0.29 -7.22
C TRP A 18 3.06 -0.69 -6.63
N LYS A 19 2.03 0.08 -6.96
CA LYS A 19 0.68 -0.20 -6.47
C LYS A 19 -0.32 -0.23 -7.62
N THR A 20 -1.43 -0.93 -7.42
CA THR A 20 -2.47 -1.05 -8.44
C THR A 20 -3.85 -0.80 -7.85
N THR A 21 -4.58 0.14 -8.44
CA THR A 21 -5.92 0.47 -7.97
C THR A 21 -6.95 -0.51 -8.51
N SER A 22 -8.17 -0.42 -8.00
CA SER A 22 -9.25 -1.30 -8.43
C SER A 22 -10.16 -0.61 -9.44
N HIS A 23 -10.86 0.42 -8.99
CA HIS A 23 -11.77 1.18 -9.85
C HIS A 23 -11.11 2.46 -10.35
N THR A 24 -11.77 3.14 -11.27
CA THR A 24 -11.25 4.39 -11.83
C THR A 24 -11.33 5.52 -10.81
N GLU A 25 -11.92 5.23 -9.65
CA GLU A 25 -12.06 6.23 -8.61
C GLU A 25 -11.91 5.59 -7.23
N LEU A 26 -10.98 6.13 -6.43
CA LEU A 26 -10.73 5.61 -5.09
C LEU A 26 -11.96 5.82 -4.19
N VAL A 27 -12.99 5.02 -4.42
CA VAL A 27 -14.21 5.12 -3.63
C VAL A 27 -14.12 4.26 -2.37
N ARG A 28 -15.00 4.54 -1.41
CA ARG A 28 -15.02 3.79 -0.15
C ARG A 28 -15.09 2.29 -0.42
N GLY A 29 -14.24 1.54 0.28
CA GLY A 29 -14.21 0.09 0.09
C GLY A 29 -13.10 -0.36 -0.83
N ALA A 30 -12.66 0.54 -1.71
CA ALA A 30 -11.59 0.22 -2.65
C ALA A 30 -10.29 -0.09 -1.91
N ARG A 31 -9.65 -1.19 -2.28
CA ARG A 31 -8.40 -1.59 -1.65
C ARG A 31 -7.23 -1.46 -2.63
N ILE A 32 -6.05 -1.13 -2.10
CA ILE A 32 -4.87 -0.97 -2.93
C ILE A 32 -3.94 -2.17 -2.79
N THR A 33 -3.36 -2.60 -3.91
CA THR A 33 -2.44 -3.74 -3.91
C THR A 33 -0.99 -3.28 -4.04
N TYR A 34 -0.19 -3.62 -3.04
CA TYR A 34 1.23 -3.23 -3.04
C TYR A 34 2.11 -4.43 -3.37
N GLN A 35 3.03 -4.23 -4.31
CA GLN A 35 3.93 -5.30 -4.73
C GLN A 35 5.36 -4.77 -4.86
N CYS A 36 6.31 -5.51 -4.28
CA CYS A 36 7.71 -5.12 -4.33
C CYS A 36 8.52 -6.09 -5.18
N ASP A 37 9.77 -5.76 -5.44
CA ASP A 37 10.66 -6.60 -6.23
C ASP A 37 10.83 -7.96 -5.58
N PRO A 38 11.27 -8.95 -6.37
CA PRO A 38 11.49 -10.32 -5.89
C PRO A 38 12.68 -10.42 -4.95
N GLY A 39 12.41 -10.61 -3.66
CA GLY A 39 13.47 -10.72 -2.68
C GLY A 39 13.22 -9.88 -1.45
N TYR A 40 12.41 -8.83 -1.61
CA TYR A 40 12.08 -7.94 -0.50
C TYR A 40 10.80 -8.39 0.20
N ASP A 41 10.52 -7.77 1.35
CA ASP A 41 9.32 -8.10 2.11
C ASP A 41 8.55 -6.84 2.48
N ILE A 42 7.26 -6.99 2.73
CA ILE A 42 6.41 -5.87 3.09
C ILE A 42 6.33 -5.71 4.60
N VAL A 43 6.33 -4.46 5.06
CA VAL A 43 6.26 -4.16 6.49
C VAL A 43 4.97 -3.42 6.84
N GLY A 44 4.04 -4.12 7.48
CA GLY A 44 2.78 -3.51 7.86
C GLY A 44 1.59 -4.27 7.33
N SER A 45 0.71 -3.57 6.62
CA SER A 45 -0.49 -4.18 6.05
C SER A 45 -0.43 -4.18 4.53
N ASP A 46 -0.23 -5.36 3.95
CA ASP A 46 -0.15 -5.50 2.50
C ASP A 46 -1.42 -4.96 1.84
N THR A 47 -2.56 -5.13 2.52
CA THR A 47 -3.83 -4.65 2.00
C THR A 47 -4.37 -3.50 2.83
N LEU A 48 -4.75 -2.42 2.14
CA LEU A 48 -5.27 -1.23 2.81
C LEU A 48 -6.68 -0.90 2.30
N THR A 49 -7.65 -0.94 3.20
CA THR A 49 -9.03 -0.64 2.85
C THR A 49 -9.38 0.81 3.16
N CYS A 50 -10.34 1.34 2.41
CA CYS A 50 -10.77 2.73 2.60
C CYS A 50 -11.99 2.80 3.50
N GLN A 51 -11.81 3.36 4.69
CA GLN A 51 -12.90 3.49 5.65
C GLN A 51 -13.98 4.44 5.13
N TRP A 52 -15.10 4.49 5.83
CA TRP A 52 -16.21 5.36 5.44
C TRP A 52 -15.84 6.82 5.64
N ASP A 53 -14.69 7.07 6.25
CA ASP A 53 -14.22 8.43 6.50
C ASP A 53 -13.09 8.80 5.55
N LEU A 54 -13.04 8.13 4.40
CA LEU A 54 -12.01 8.40 3.40
C LEU A 54 -10.63 8.37 4.04
N SER A 55 -10.45 7.52 5.04
CA SER A 55 -9.18 7.40 5.73
C SER A 55 -8.73 5.94 5.80
N TRP A 56 -7.54 5.67 5.27
CA TRP A 56 -6.99 4.32 5.27
C TRP A 56 -6.70 3.84 6.68
N SER A 57 -7.05 2.59 6.97
CA SER A 57 -6.83 2.01 8.29
C SER A 57 -5.54 2.54 8.90
N SER A 58 -4.46 2.46 8.13
CA SER A 58 -3.15 2.91 8.60
C SER A 58 -2.26 3.28 7.42
N ASP A 59 -1.18 4.00 7.72
CA ASP A 59 -0.23 4.42 6.68
C ASP A 59 0.19 3.24 5.82
N PRO A 60 0.64 3.54 4.59
CA PRO A 60 1.08 2.52 3.63
C PRO A 60 2.39 1.86 4.06
N PRO A 61 2.49 0.54 3.83
CA PRO A 61 3.69 -0.24 4.18
C PRO A 61 4.88 0.11 3.29
N PHE A 62 5.89 -0.75 3.31
CA PHE A 62 7.10 -0.53 2.51
C PHE A 62 7.84 -1.85 2.28
N CYS A 63 8.86 -1.80 1.44
CA CYS A 63 9.66 -2.98 1.14
C CYS A 63 10.98 -2.96 1.90
N GLU A 64 11.37 -4.11 2.43
CA GLU A 64 12.62 -4.23 3.18
C GLU A 64 13.26 -5.60 2.97
N LYS A 65 14.58 -5.64 3.04
CA LYS A 65 15.31 -6.89 2.88
C LYS A 65 15.00 -7.87 4.00
N THR A 66 14.45 -9.03 3.63
CA THR A 66 14.09 -10.05 4.61
C THR A 66 15.34 -10.59 5.31
N GLU A 67 15.19 -10.98 6.57
CA GLU A 67 16.30 -11.52 7.34
C GLU A 67 16.16 -13.03 7.51
N GLU A 68 17.26 -13.75 7.33
CA GLU A 68 17.26 -15.20 7.46
C GLU A 68 18.29 -15.66 8.50
N SER A 69 19.54 -15.22 8.32
CA SER A 69 20.60 -15.58 9.24
C SER A 69 21.08 -14.38 10.04
N GLY A 70 21.77 -14.63 11.14
CA GLY A 70 22.27 -13.54 11.97
C GLY A 70 23.52 -12.91 11.40
N PRO A 71 23.67 -11.59 11.61
CA PRO A 71 24.82 -10.84 11.12
C PRO A 71 26.10 -11.19 11.87
N SER A 72 27.08 -11.70 11.13
CA SER A 72 28.36 -12.09 11.72
C SER A 72 29.40 -10.98 11.54
N SER A 73 29.31 -9.96 12.39
CA SER A 73 30.23 -8.83 12.34
C SER A 73 30.85 -8.56 13.71
N GLY A 74 31.74 -7.59 13.77
CA GLY A 74 32.40 -7.24 15.01
C GLY A 74 33.90 -7.17 14.89
N GLY A 1 -6.16 15.62 -10.53
CA GLY A 1 -6.40 16.50 -9.41
C GLY A 1 -7.86 16.92 -9.29
N SER A 2 -8.66 16.08 -8.64
CA SER A 2 -10.08 16.36 -8.47
C SER A 2 -10.29 17.57 -7.54
N SER A 3 -11.53 18.01 -7.43
CA SER A 3 -11.87 19.15 -6.59
C SER A 3 -12.96 18.78 -5.59
N GLY A 4 -12.56 18.59 -4.34
CA GLY A 4 -13.52 18.24 -3.30
C GLY A 4 -14.29 16.98 -3.63
N SER A 5 -13.57 15.93 -4.01
CA SER A 5 -14.20 14.66 -4.36
C SER A 5 -14.26 13.72 -3.15
N SER A 6 -15.14 12.73 -3.22
CA SER A 6 -15.29 11.77 -2.13
C SER A 6 -14.50 10.50 -2.41
N GLY A 7 -13.35 10.37 -1.76
CA GLY A 7 -12.51 9.20 -1.94
C GLY A 7 -11.18 9.32 -1.24
N CYS A 8 -10.72 8.22 -0.65
CA CYS A 8 -9.45 8.21 0.06
C CYS A 8 -8.39 9.01 -0.69
N SER A 9 -7.39 9.50 0.03
CA SER A 9 -6.32 10.29 -0.58
C SER A 9 -5.30 9.39 -1.27
N ASP A 10 -4.94 9.75 -2.49
CA ASP A 10 -3.98 8.98 -3.26
C ASP A 10 -2.79 8.57 -2.40
N LEU A 11 -2.31 7.34 -2.60
CA LEU A 11 -1.18 6.83 -1.83
C LEU A 11 0.13 7.41 -2.34
N PRO A 12 1.09 7.59 -1.43
CA PRO A 12 2.41 8.14 -1.75
C PRO A 12 3.24 7.18 -2.59
N GLU A 13 4.35 7.68 -3.13
CA GLU A 13 5.24 6.87 -3.96
C GLU A 13 6.04 5.89 -3.10
N ILE A 14 6.12 4.65 -3.56
CA ILE A 14 6.87 3.62 -2.84
C ILE A 14 8.16 3.27 -3.55
N GLN A 15 9.23 3.04 -2.78
CA GLN A 15 10.52 2.69 -3.35
C GLN A 15 10.59 1.20 -3.66
N ASN A 16 11.33 0.86 -4.71
CA ASN A 16 11.48 -0.54 -5.12
C ASN A 16 10.15 -1.28 -5.04
N GLY A 17 9.10 -0.67 -5.61
CA GLY A 17 7.79 -1.28 -5.58
C GLY A 17 6.73 -0.41 -6.20
N TRP A 18 5.53 -0.95 -6.36
CA TRP A 18 4.42 -0.20 -6.95
C TRP A 18 3.09 -0.75 -6.47
N LYS A 19 2.07 0.12 -6.45
CA LYS A 19 0.74 -0.27 -6.01
C LYS A 19 -0.23 -0.31 -7.18
N THR A 20 -1.38 -0.96 -6.97
CA THR A 20 -2.39 -1.07 -8.01
C THR A 20 -3.75 -1.38 -7.42
N THR A 21 -4.81 -0.98 -8.13
CA THR A 21 -6.17 -1.21 -7.66
C THR A 21 -7.16 -1.19 -8.83
N SER A 22 -8.02 -2.20 -8.89
CA SER A 22 -9.02 -2.29 -9.95
C SER A 22 -9.88 -1.03 -10.00
N HIS A 23 -10.62 -0.79 -8.93
CA HIS A 23 -11.48 0.39 -8.86
C HIS A 23 -10.70 1.67 -9.13
N THR A 24 -10.81 2.19 -10.34
CA THR A 24 -10.10 3.41 -10.72
C THR A 24 -10.37 4.54 -9.73
N GLU A 25 -11.64 4.85 -9.53
CA GLU A 25 -12.03 5.91 -8.61
C GLU A 25 -11.94 5.43 -7.16
N LEU A 26 -10.92 5.89 -6.45
CA LEU A 26 -10.73 5.50 -5.05
C LEU A 26 -11.95 5.87 -4.21
N VAL A 27 -12.85 4.92 -4.04
CA VAL A 27 -14.06 5.15 -3.26
C VAL A 27 -14.14 4.17 -2.08
N ARG A 28 -15.14 4.37 -1.23
CA ARG A 28 -15.34 3.51 -0.08
C ARG A 28 -15.24 2.04 -0.46
N GLY A 29 -14.49 1.27 0.33
CA GLY A 29 -14.32 -0.14 0.04
C GLY A 29 -13.11 -0.43 -0.83
N ALA A 30 -12.81 0.49 -1.74
CA ALA A 30 -11.67 0.34 -2.63
C ALA A 30 -10.49 -0.29 -1.91
N ARG A 31 -9.89 -1.30 -2.53
CA ARG A 31 -8.74 -1.99 -1.94
C ARG A 31 -7.50 -1.82 -2.82
N ILE A 32 -6.40 -1.43 -2.19
CA ILE A 32 -5.14 -1.24 -2.90
C ILE A 32 -4.10 -2.27 -2.49
N THR A 33 -3.33 -2.75 -3.47
CA THR A 33 -2.30 -3.75 -3.20
C THR A 33 -0.91 -3.16 -3.39
N TYR A 34 0.06 -3.73 -2.69
CA TYR A 34 1.44 -3.26 -2.77
C TYR A 34 2.37 -4.37 -3.25
N GLN A 35 2.98 -4.17 -4.41
CA GLN A 35 3.89 -5.16 -4.97
C GLN A 35 5.32 -4.65 -4.95
N CYS A 36 6.22 -5.43 -4.33
CA CYS A 36 7.62 -5.05 -4.24
C CYS A 36 8.49 -5.95 -5.12
N ASP A 37 9.77 -5.63 -5.20
CA ASP A 37 10.70 -6.40 -6.01
C ASP A 37 10.77 -7.84 -5.52
N PRO A 38 11.11 -8.76 -6.45
CA PRO A 38 11.22 -10.19 -6.14
C PRO A 38 12.42 -10.50 -5.25
N GLY A 39 12.18 -10.54 -3.94
CA GLY A 39 13.25 -10.84 -3.00
C GLY A 39 13.16 -10.00 -1.75
N TYR A 40 12.27 -9.00 -1.75
CA TYR A 40 12.09 -8.12 -0.61
C TYR A 40 10.86 -8.53 0.19
N ASP A 41 10.64 -7.84 1.32
CA ASP A 41 9.49 -8.12 2.18
C ASP A 41 8.71 -6.85 2.48
N ILE A 42 7.46 -7.00 2.88
CA ILE A 42 6.60 -5.87 3.20
C ILE A 42 6.44 -5.71 4.71
N VAL A 43 6.39 -4.47 5.16
CA VAL A 43 6.23 -4.18 6.58
C VAL A 43 5.02 -3.29 6.83
N GLY A 44 3.98 -3.87 7.43
CA GLY A 44 2.78 -3.12 7.71
C GLY A 44 1.53 -3.80 7.19
N SER A 45 0.64 -3.03 6.57
CA SER A 45 -0.60 -3.57 6.03
C SER A 45 -0.55 -3.62 4.50
N ASP A 46 -0.25 -4.80 3.97
CA ASP A 46 -0.18 -5.00 2.52
C ASP A 46 -1.42 -4.45 1.84
N THR A 47 -2.59 -4.82 2.35
CA THR A 47 -3.86 -4.37 1.79
C THR A 47 -4.38 -3.15 2.53
N LEU A 48 -4.85 -2.17 1.76
CA LEU A 48 -5.38 -0.94 2.34
C LEU A 48 -6.82 -0.70 1.90
N THR A 49 -7.73 -0.60 2.87
CA THR A 49 -9.14 -0.37 2.58
C THR A 49 -9.56 1.03 2.98
N CYS A 50 -10.56 1.57 2.27
CA CYS A 50 -11.06 2.91 2.55
C CYS A 50 -12.27 2.86 3.47
N GLN A 51 -12.16 3.50 4.63
CA GLN A 51 -13.24 3.52 5.60
C GLN A 51 -14.28 4.58 5.23
N TRP A 52 -15.29 4.74 6.09
CA TRP A 52 -16.33 5.72 5.85
C TRP A 52 -15.79 7.14 5.99
N ASP A 53 -14.63 7.26 6.61
CA ASP A 53 -14.00 8.57 6.80
C ASP A 53 -12.99 8.86 5.69
N LEU A 54 -13.09 8.11 4.60
CA LEU A 54 -12.19 8.27 3.47
C LEU A 54 -10.73 8.21 3.91
N SER A 55 -10.50 7.52 5.02
CA SER A 55 -9.14 7.39 5.55
C SER A 55 -8.69 5.92 5.52
N TRP A 56 -7.50 5.70 5.00
CA TRP A 56 -6.94 4.35 4.91
C TRP A 56 -6.76 3.74 6.29
N SER A 57 -7.11 2.47 6.43
CA SER A 57 -6.98 1.78 7.71
C SER A 57 -5.71 2.20 8.43
N SER A 58 -4.60 2.22 7.70
CA SER A 58 -3.31 2.61 8.28
C SER A 58 -2.36 3.09 7.20
N ASP A 59 -1.31 3.81 7.60
CA ASP A 59 -0.33 4.33 6.67
C ASP A 59 0.10 3.26 5.67
N PRO A 60 0.64 3.70 4.53
CA PRO A 60 1.10 2.78 3.48
C PRO A 60 2.34 2.01 3.87
N PRO A 61 2.39 0.73 3.49
CA PRO A 61 3.52 -0.15 3.81
C PRO A 61 4.78 0.23 3.03
N PHE A 62 5.80 -0.64 3.09
CA PHE A 62 7.06 -0.38 2.40
C PHE A 62 7.82 -1.69 2.20
N CYS A 63 8.85 -1.64 1.36
CA CYS A 63 9.67 -2.81 1.07
C CYS A 63 11.00 -2.73 1.81
N GLU A 64 11.44 -3.86 2.36
CA GLU A 64 12.69 -3.92 3.09
C GLU A 64 13.43 -5.23 2.80
N LYS A 65 14.57 -5.13 2.12
CA LYS A 65 15.37 -6.30 1.79
C LYS A 65 15.49 -7.24 2.99
N THR A 66 15.26 -8.53 2.75
CA THR A 66 15.35 -9.52 3.81
C THR A 66 16.80 -9.92 4.07
N GLU A 67 17.01 -10.71 5.12
CA GLU A 67 18.35 -11.16 5.48
C GLU A 67 18.37 -12.65 5.77
N GLU A 68 19.17 -13.39 5.03
CA GLU A 68 19.28 -14.84 5.21
C GLU A 68 20.53 -15.19 6.00
N SER A 69 21.65 -14.56 5.66
CA SER A 69 22.91 -14.81 6.33
C SER A 69 23.88 -13.64 6.13
N GLY A 70 24.94 -13.62 6.95
CA GLY A 70 25.91 -12.55 6.85
C GLY A 70 27.14 -12.82 7.69
N PRO A 71 27.17 -12.23 8.90
CA PRO A 71 28.30 -12.38 9.83
C PRO A 71 28.38 -13.79 10.40
N SER A 72 29.50 -14.46 10.18
CA SER A 72 29.69 -15.82 10.67
C SER A 72 30.39 -15.81 12.03
N SER A 73 31.47 -15.04 12.13
CA SER A 73 32.22 -14.94 13.37
C SER A 73 32.06 -13.56 14.00
N GLY A 74 31.16 -13.47 14.97
CA GLY A 74 30.91 -12.20 15.63
C GLY A 74 31.60 -12.11 16.98
N GLY A 1 -23.10 12.58 -12.55
CA GLY A 1 -24.33 13.16 -12.02
C GLY A 1 -24.09 14.45 -11.28
N SER A 2 -24.24 14.41 -9.96
CA SER A 2 -24.05 15.59 -9.14
C SER A 2 -22.71 15.53 -8.40
N SER A 3 -22.08 14.35 -8.41
CA SER A 3 -20.81 14.16 -7.75
C SER A 3 -19.75 13.70 -8.74
N GLY A 4 -18.48 13.99 -8.43
CA GLY A 4 -17.40 13.60 -9.30
C GLY A 4 -16.26 12.92 -8.55
N SER A 5 -15.11 13.58 -8.50
CA SER A 5 -13.95 13.03 -7.82
C SER A 5 -14.04 13.28 -6.31
N SER A 6 -14.14 12.20 -5.55
CA SER A 6 -14.24 12.30 -4.10
C SER A 6 -13.95 10.95 -3.44
N GLY A 7 -13.05 10.97 -2.46
CA GLY A 7 -12.69 9.74 -1.76
C GLY A 7 -11.35 9.85 -1.06
N CYS A 8 -10.83 8.71 -0.61
CA CYS A 8 -9.55 8.67 0.08
C CYS A 8 -8.51 9.52 -0.65
N SER A 9 -7.55 10.05 0.11
CA SER A 9 -6.50 10.88 -0.45
C SER A 9 -5.47 10.03 -1.20
N ASP A 10 -4.92 10.58 -2.28
CA ASP A 10 -3.93 9.88 -3.07
C ASP A 10 -2.75 9.44 -2.22
N LEU A 11 -2.38 8.17 -2.33
CA LEU A 11 -1.26 7.63 -1.56
C LEU A 11 0.07 8.01 -2.20
N PRO A 12 1.10 8.15 -1.35
CA PRO A 12 2.45 8.51 -1.80
C PRO A 12 3.12 7.39 -2.58
N GLU A 13 4.20 7.72 -3.28
CA GLU A 13 4.93 6.73 -4.07
C GLU A 13 5.73 5.81 -3.17
N ILE A 14 5.83 4.54 -3.56
CA ILE A 14 6.58 3.56 -2.79
C ILE A 14 7.96 3.31 -3.39
N GLN A 15 8.91 2.93 -2.54
CA GLN A 15 10.27 2.66 -2.99
C GLN A 15 10.49 1.17 -3.22
N ASN A 16 10.92 0.81 -4.42
CA ASN A 16 11.17 -0.58 -4.76
C ASN A 16 9.86 -1.38 -4.79
N GLY A 17 8.81 -0.75 -5.31
CA GLY A 17 7.51 -1.41 -5.39
C GLY A 17 6.49 -0.59 -6.15
N TRP A 18 5.30 -1.15 -6.32
CA TRP A 18 4.22 -0.47 -7.04
C TRP A 18 2.86 -1.03 -6.64
N LYS A 19 1.82 -0.23 -6.83
CA LYS A 19 0.47 -0.64 -6.49
C LYS A 19 -0.28 -1.13 -7.74
N THR A 20 -1.40 -1.82 -7.52
CA THR A 20 -2.20 -2.34 -8.62
C THR A 20 -3.63 -1.84 -8.54
N THR A 21 -3.80 -0.57 -8.18
CA THR A 21 -5.13 0.01 -8.06
C THR A 21 -5.90 -0.11 -9.36
N SER A 22 -6.84 -1.06 -9.42
CA SER A 22 -7.64 -1.27 -10.61
C SER A 22 -8.82 -0.30 -10.65
N HIS A 23 -8.93 0.53 -9.63
CA HIS A 23 -10.01 1.52 -9.56
C HIS A 23 -9.47 2.93 -9.80
N THR A 24 -10.03 3.59 -10.81
CA THR A 24 -9.61 4.95 -11.15
C THR A 24 -9.89 5.91 -10.00
N GLU A 25 -11.14 5.94 -9.55
CA GLU A 25 -11.54 6.83 -8.46
C GLU A 25 -11.62 6.06 -7.14
N LEU A 26 -10.80 6.46 -6.17
CA LEU A 26 -10.79 5.81 -4.87
C LEU A 26 -12.13 5.98 -4.15
N VAL A 27 -12.88 4.91 -4.06
CA VAL A 27 -14.19 4.93 -3.40
C VAL A 27 -14.18 4.11 -2.12
N ARG A 28 -15.07 4.44 -1.20
CA ARG A 28 -15.16 3.72 0.07
C ARG A 28 -15.19 2.21 -0.17
N GLY A 29 -14.17 1.52 0.33
CA GLY A 29 -14.09 0.09 0.17
C GLY A 29 -12.96 -0.34 -0.74
N ALA A 30 -12.57 0.55 -1.65
CA ALA A 30 -11.50 0.26 -2.59
C ALA A 30 -10.30 -0.36 -1.88
N ARG A 31 -9.82 -1.49 -2.40
CA ARG A 31 -8.68 -2.19 -1.81
C ARG A 31 -7.49 -2.18 -2.76
N ILE A 32 -6.38 -1.62 -2.30
CA ILE A 32 -5.17 -1.54 -3.11
C ILE A 32 -4.15 -2.60 -2.69
N THR A 33 -3.35 -3.07 -3.63
CA THR A 33 -2.33 -4.07 -3.35
C THR A 33 -0.95 -3.58 -3.75
N TYR A 34 0.00 -3.68 -2.82
CA TYR A 34 1.37 -3.25 -3.08
C TYR A 34 2.26 -4.44 -3.42
N GLN A 35 3.10 -4.26 -4.44
CA GLN A 35 4.00 -5.32 -4.88
C GLN A 35 5.43 -4.80 -4.98
N CYS A 36 6.37 -5.52 -4.38
CA CYS A 36 7.78 -5.14 -4.41
C CYS A 36 8.59 -6.11 -5.27
N ASP A 37 9.85 -5.78 -5.47
CA ASP A 37 10.74 -6.62 -6.28
C ASP A 37 10.90 -7.99 -5.64
N PRO A 38 11.34 -8.97 -6.44
CA PRO A 38 11.56 -10.34 -5.98
C PRO A 38 12.72 -10.46 -5.02
N GLY A 39 12.44 -10.88 -3.79
CA GLY A 39 13.48 -11.02 -2.79
C GLY A 39 13.23 -10.18 -1.56
N TYR A 40 12.43 -9.13 -1.71
CA TYR A 40 12.12 -8.23 -0.61
C TYR A 40 10.79 -8.61 0.03
N ASP A 41 10.47 -7.96 1.14
CA ASP A 41 9.23 -8.22 1.86
C ASP A 41 8.58 -6.92 2.32
N ILE A 42 7.25 -6.93 2.40
CA ILE A 42 6.51 -5.74 2.82
C ILE A 42 6.35 -5.71 4.34
N VAL A 43 6.60 -4.54 4.93
CA VAL A 43 6.48 -4.37 6.37
C VAL A 43 5.26 -3.54 6.72
N GLY A 44 4.24 -4.19 7.28
CA GLY A 44 3.03 -3.48 7.67
C GLY A 44 1.79 -4.08 7.04
N SER A 45 0.75 -3.27 6.92
CA SER A 45 -0.51 -3.73 6.33
C SER A 45 -0.41 -3.80 4.81
N ASP A 46 -0.10 -4.99 4.30
CA ASP A 46 0.03 -5.20 2.86
C ASP A 46 -1.18 -4.62 2.13
N THR A 47 -2.38 -5.06 2.51
CA THR A 47 -3.60 -4.60 1.88
C THR A 47 -4.17 -3.40 2.62
N LEU A 48 -4.72 -2.45 1.87
CA LEU A 48 -5.31 -1.25 2.46
C LEU A 48 -6.73 -1.03 1.95
N THR A 49 -7.61 -0.55 2.83
CA THR A 49 -8.99 -0.29 2.46
C THR A 49 -9.41 1.12 2.84
N CYS A 50 -10.37 1.67 2.10
CA CYS A 50 -10.86 3.02 2.37
C CYS A 50 -12.10 2.98 3.26
N GLN A 51 -11.93 3.38 4.52
CA GLN A 51 -13.03 3.38 5.47
C GLN A 51 -14.14 4.33 5.01
N TRP A 52 -15.20 4.42 5.79
CA TRP A 52 -16.33 5.28 5.47
C TRP A 52 -15.95 6.74 5.59
N ASP A 53 -14.87 7.02 6.33
CA ASP A 53 -14.40 8.38 6.52
C ASP A 53 -13.36 8.75 5.47
N LEU A 54 -13.40 8.05 4.34
CA LEU A 54 -12.45 8.30 3.26
C LEU A 54 -11.02 8.29 3.77
N SER A 55 -10.77 7.53 4.83
CA SER A 55 -9.45 7.43 5.42
C SER A 55 -8.91 6.01 5.33
N TRP A 56 -7.60 5.88 5.18
CA TRP A 56 -6.96 4.58 5.08
C TRP A 56 -6.71 3.99 6.46
N SER A 57 -7.03 2.71 6.62
CA SER A 57 -6.84 2.03 7.90
C SER A 57 -5.59 2.54 8.61
N SER A 58 -4.47 2.58 7.89
CA SER A 58 -3.21 3.05 8.45
C SER A 58 -2.22 3.40 7.35
N ASP A 59 -1.13 4.06 7.72
CA ASP A 59 -0.11 4.45 6.76
C ASP A 59 0.25 3.29 5.84
N PRO A 60 0.72 3.62 4.63
CA PRO A 60 1.11 2.62 3.63
C PRO A 60 2.39 1.88 4.02
N PRO A 61 2.47 0.60 3.62
CA PRO A 61 3.63 -0.24 3.92
C PRO A 61 4.88 0.20 3.15
N PHE A 62 5.90 -0.66 3.16
CA PHE A 62 7.15 -0.36 2.46
C PHE A 62 7.91 -1.65 2.16
N CYS A 63 8.89 -1.54 1.26
CA CYS A 63 9.71 -2.69 0.89
C CYS A 63 11.07 -2.65 1.56
N GLU A 64 11.31 -3.59 2.46
CA GLU A 64 12.59 -3.66 3.16
C GLU A 64 13.22 -5.03 3.02
N LYS A 65 14.47 -5.06 2.57
CA LYS A 65 15.20 -6.31 2.38
C LYS A 65 15.27 -7.09 3.70
N THR A 66 14.76 -8.32 3.68
CA THR A 66 14.77 -9.17 4.86
C THR A 66 16.09 -9.92 4.98
N GLU A 67 16.53 -10.15 6.22
CA GLU A 67 17.77 -10.86 6.47
C GLU A 67 17.93 -12.06 5.54
N GLU A 68 19.15 -12.56 5.41
CA GLU A 68 19.42 -13.71 4.55
C GLU A 68 19.19 -15.01 5.30
N SER A 69 17.97 -15.53 5.22
CA SER A 69 17.62 -16.78 5.89
C SER A 69 18.75 -17.79 5.77
N GLY A 70 19.36 -18.13 6.90
CA GLY A 70 20.45 -19.08 6.90
C GLY A 70 21.47 -18.80 7.99
N PRO A 71 22.63 -19.47 7.90
CA PRO A 71 23.72 -19.30 8.87
C PRO A 71 24.38 -17.93 8.78
N SER A 72 23.82 -16.96 9.48
CA SER A 72 24.36 -15.60 9.47
C SER A 72 25.22 -15.34 10.72
N SER A 73 26.50 -15.71 10.63
CA SER A 73 27.41 -15.52 11.74
C SER A 73 27.72 -14.04 11.96
N GLY A 74 28.33 -13.72 13.09
CA GLY A 74 28.67 -12.35 13.40
C GLY A 74 29.85 -12.24 14.34
N GLY A 1 -22.76 11.25 -15.37
CA GLY A 1 -22.99 11.19 -13.94
C GLY A 1 -22.07 10.19 -13.25
N SER A 2 -20.79 10.57 -13.11
CA SER A 2 -19.81 9.70 -12.47
C SER A 2 -20.28 9.28 -11.08
N SER A 3 -20.26 7.97 -10.83
CA SER A 3 -20.69 7.44 -9.54
C SER A 3 -19.77 7.89 -8.43
N GLY A 4 -20.36 8.46 -7.37
CA GLY A 4 -19.57 8.94 -6.25
C GLY A 4 -18.83 10.23 -6.57
N SER A 5 -18.45 10.96 -5.52
CA SER A 5 -17.74 12.22 -5.69
C SER A 5 -16.53 12.29 -4.76
N SER A 6 -16.75 11.91 -3.50
CA SER A 6 -15.68 11.93 -2.51
C SER A 6 -14.94 10.60 -2.47
N GLY A 7 -13.74 10.62 -1.91
CA GLY A 7 -12.95 9.40 -1.81
C GLY A 7 -11.60 9.64 -1.16
N CYS A 8 -11.01 8.57 -0.63
CA CYS A 8 -9.71 8.66 0.02
C CYS A 8 -8.71 9.42 -0.84
N SER A 9 -7.73 10.06 -0.21
CA SER A 9 -6.73 10.83 -0.93
C SER A 9 -5.75 9.89 -1.64
N ASP A 10 -5.10 10.42 -2.68
CA ASP A 10 -4.14 9.64 -3.45
C ASP A 10 -2.88 9.37 -2.63
N LEU A 11 -2.45 8.11 -2.62
CA LEU A 11 -1.25 7.72 -1.88
C LEU A 11 0.01 8.07 -2.65
N PRO A 12 1.09 8.38 -1.92
CA PRO A 12 2.38 8.74 -2.51
C PRO A 12 3.06 7.56 -3.18
N GLU A 13 4.19 7.81 -3.83
CA GLU A 13 4.93 6.76 -4.51
C GLU A 13 5.74 5.92 -3.52
N ILE A 14 5.92 4.65 -3.84
CA ILE A 14 6.66 3.74 -2.98
C ILE A 14 8.05 3.44 -3.55
N GLN A 15 9.03 3.27 -2.67
CA GLN A 15 10.39 2.96 -3.10
C GLN A 15 10.61 1.46 -3.21
N ASN A 16 11.19 1.04 -4.33
CA ASN A 16 11.46 -0.38 -4.56
C ASN A 16 10.17 -1.19 -4.55
N GLY A 17 9.14 -0.66 -5.22
CA GLY A 17 7.87 -1.34 -5.27
C GLY A 17 6.82 -0.57 -6.06
N TRP A 18 5.62 -1.13 -6.15
CA TRP A 18 4.53 -0.47 -6.88
C TRP A 18 3.18 -0.96 -6.39
N LYS A 19 2.12 -0.28 -6.79
CA LYS A 19 0.76 -0.64 -6.40
C LYS A 19 -0.09 -0.96 -7.62
N THR A 20 -1.24 -1.58 -7.39
CA THR A 20 -2.16 -1.94 -8.46
C THR A 20 -3.61 -1.85 -8.00
N THR A 21 -4.45 -1.24 -8.83
CA THR A 21 -5.86 -1.08 -8.51
C THR A 21 -6.74 -1.32 -9.74
N SER A 22 -7.94 -1.85 -9.52
CA SER A 22 -8.86 -2.13 -10.61
C SER A 22 -9.87 -0.99 -10.77
N HIS A 23 -10.45 -0.56 -9.65
CA HIS A 23 -11.42 0.52 -9.66
C HIS A 23 -10.77 1.86 -9.99
N THR A 24 -11.57 2.91 -10.07
CA THR A 24 -11.05 4.24 -10.37
C THR A 24 -11.20 5.18 -9.19
N GLU A 25 -12.41 5.22 -8.62
CA GLU A 25 -12.68 6.08 -7.47
C GLU A 25 -12.17 5.43 -6.18
N LEU A 26 -11.39 6.19 -5.42
CA LEU A 26 -10.85 5.70 -4.15
C LEU A 26 -11.85 5.87 -3.02
N VAL A 27 -13.10 5.47 -3.28
CA VAL A 27 -14.15 5.59 -2.27
C VAL A 27 -14.15 4.38 -1.35
N ARG A 28 -15.13 4.33 -0.45
CA ARG A 28 -15.24 3.23 0.51
C ARG A 28 -15.25 1.88 -0.23
N GLY A 29 -14.42 0.97 0.24
CA GLY A 29 -14.35 -0.35 -0.38
C GLY A 29 -13.12 -0.51 -1.27
N ALA A 30 -12.71 0.59 -1.90
CA ALA A 30 -11.54 0.57 -2.77
C ALA A 30 -10.35 -0.08 -2.08
N ARG A 31 -9.78 -1.10 -2.72
CA ARG A 31 -8.64 -1.82 -2.16
C ARG A 31 -7.41 -1.65 -3.06
N ILE A 32 -6.24 -1.58 -2.44
CA ILE A 32 -5.00 -1.43 -3.19
C ILE A 32 -4.01 -2.55 -2.85
N THR A 33 -3.30 -3.03 -3.87
CA THR A 33 -2.34 -4.10 -3.69
C THR A 33 -0.91 -3.58 -3.84
N TYR A 34 -0.11 -3.79 -2.80
CA TYR A 34 1.28 -3.34 -2.80
C TYR A 34 2.23 -4.49 -3.14
N GLN A 35 2.99 -4.31 -4.21
CA GLN A 35 3.94 -5.34 -4.63
C GLN A 35 5.37 -4.81 -4.59
N CYS A 36 6.30 -5.68 -4.21
CA CYS A 36 7.71 -5.30 -4.12
C CYS A 36 8.57 -6.23 -4.98
N ASP A 37 9.84 -5.87 -5.12
CA ASP A 37 10.78 -6.66 -5.91
C ASP A 37 10.94 -8.06 -5.32
N PRO A 38 11.42 -9.01 -6.14
CA PRO A 38 11.63 -10.40 -5.72
C PRO A 38 12.79 -10.53 -4.74
N GLY A 39 12.49 -11.03 -3.54
CA GLY A 39 13.52 -11.20 -2.54
C GLY A 39 13.27 -10.36 -1.30
N TYR A 40 12.45 -9.32 -1.45
CA TYR A 40 12.13 -8.44 -0.33
C TYR A 40 10.81 -8.84 0.33
N ASP A 41 10.44 -8.10 1.37
CA ASP A 41 9.20 -8.38 2.08
C ASP A 41 8.51 -7.09 2.50
N ILE A 42 7.18 -7.13 2.60
CA ILE A 42 6.40 -5.96 2.98
C ILE A 42 6.28 -5.87 4.50
N VAL A 43 6.27 -4.64 5.01
CA VAL A 43 6.15 -4.42 6.45
C VAL A 43 4.92 -3.57 6.77
N GLY A 44 3.89 -4.22 7.30
CA GLY A 44 2.67 -3.51 7.65
C GLY A 44 1.44 -4.15 7.04
N SER A 45 0.58 -3.32 6.43
CA SER A 45 -0.64 -3.81 5.81
C SER A 45 -0.48 -3.91 4.30
N ASP A 46 0.01 -5.05 3.82
CA ASP A 46 0.21 -5.28 2.40
C ASP A 46 -0.96 -4.72 1.60
N THR A 47 -2.16 -4.79 2.17
CA THR A 47 -3.35 -4.30 1.50
C THR A 47 -3.96 -3.11 2.25
N LEU A 48 -4.48 -2.15 1.50
CA LEU A 48 -5.07 -0.96 2.09
C LEU A 48 -6.49 -0.75 1.56
N THR A 49 -7.37 -0.25 2.43
CA THR A 49 -8.76 0.01 2.05
C THR A 49 -9.25 1.34 2.62
N CYS A 50 -10.28 1.89 1.99
CA CYS A 50 -10.85 3.17 2.43
C CYS A 50 -12.00 2.94 3.41
N GLN A 51 -11.83 3.42 4.63
CA GLN A 51 -12.86 3.28 5.65
C GLN A 51 -14.00 4.27 5.43
N TRP A 52 -15.07 4.11 6.20
CA TRP A 52 -16.23 5.00 6.09
C TRP A 52 -15.83 6.44 6.35
N ASP A 53 -14.64 6.64 6.88
CA ASP A 53 -14.14 7.98 7.18
C ASP A 53 -13.23 8.48 6.08
N LEU A 54 -13.42 7.95 4.86
CA LEU A 54 -12.61 8.35 3.72
C LEU A 54 -11.13 8.33 4.07
N SER A 55 -10.76 7.52 5.06
CA SER A 55 -9.37 7.42 5.49
C SER A 55 -8.87 5.98 5.36
N TRP A 56 -7.58 5.84 5.06
CA TRP A 56 -6.97 4.53 4.90
C TRP A 56 -6.70 3.88 6.26
N SER A 57 -6.92 2.58 6.35
CA SER A 57 -6.70 1.85 7.59
C SER A 57 -5.52 2.43 8.36
N SER A 58 -4.42 2.67 7.64
CA SER A 58 -3.21 3.22 8.26
C SER A 58 -2.17 3.55 7.20
N ASP A 59 -1.11 4.23 7.61
CA ASP A 59 -0.03 4.61 6.70
C ASP A 59 0.25 3.49 5.70
N PRO A 60 0.73 3.87 4.51
CA PRO A 60 1.06 2.91 3.45
C PRO A 60 2.28 2.07 3.78
N PRO A 61 2.25 0.79 3.37
CA PRO A 61 3.35 -0.14 3.61
C PRO A 61 4.59 0.20 2.80
N PHE A 62 5.65 -0.58 3.00
CA PHE A 62 6.90 -0.36 2.28
C PHE A 62 7.66 -1.68 2.08
N CYS A 63 8.73 -1.62 1.30
CA CYS A 63 9.54 -2.82 1.03
C CYS A 63 10.82 -2.80 1.86
N GLU A 64 11.08 -3.91 2.54
CA GLU A 64 12.28 -4.03 3.37
C GLU A 64 13.03 -5.32 3.05
N LYS A 65 14.33 -5.18 2.82
CA LYS A 65 15.16 -6.34 2.51
C LYS A 65 15.14 -7.36 3.64
N THR A 66 15.04 -8.63 3.29
CA THR A 66 14.99 -9.70 4.27
C THR A 66 16.32 -9.80 5.03
N GLU A 67 16.32 -10.58 6.11
CA GLU A 67 17.53 -10.75 6.92
C GLU A 67 18.17 -12.12 6.65
N GLU A 68 19.41 -12.27 7.08
CA GLU A 68 20.14 -13.52 6.89
C GLU A 68 21.11 -13.76 8.04
N SER A 69 21.06 -14.97 8.61
CA SER A 69 21.93 -15.33 9.72
C SER A 69 23.20 -16.01 9.21
N GLY A 70 24.34 -15.36 9.45
CA GLY A 70 25.61 -15.91 9.01
C GLY A 70 26.52 -14.86 8.42
N PRO A 71 27.85 -15.04 8.61
CA PRO A 71 28.85 -14.10 8.10
C PRO A 71 28.96 -14.16 6.58
N SER A 72 29.84 -13.33 6.02
CA SER A 72 30.05 -13.27 4.58
C SER A 72 31.44 -13.78 4.21
N SER A 73 31.48 -14.80 3.36
CA SER A 73 32.75 -15.38 2.93
C SER A 73 32.99 -15.10 1.45
N GLY A 74 32.03 -15.49 0.61
CA GLY A 74 32.16 -15.28 -0.81
C GLY A 74 30.82 -15.25 -1.52
N GLY A 1 -17.32 15.92 -15.55
CA GLY A 1 -17.89 16.61 -14.41
C GLY A 1 -18.94 15.76 -13.69
N SER A 2 -18.93 15.83 -12.37
CA SER A 2 -19.89 15.05 -11.57
C SER A 2 -20.38 15.87 -10.38
N SER A 3 -21.31 15.30 -9.63
CA SER A 3 -21.87 15.98 -8.46
C SER A 3 -20.77 16.66 -7.65
N GLY A 4 -19.77 15.87 -7.24
CA GLY A 4 -18.68 16.41 -6.46
C GLY A 4 -18.30 15.51 -5.29
N SER A 5 -18.15 14.22 -5.57
CA SER A 5 -17.79 13.25 -4.54
C SER A 5 -16.28 13.06 -4.49
N SER A 6 -15.76 12.86 -3.28
CA SER A 6 -14.33 12.66 -3.08
C SER A 6 -14.07 11.60 -2.01
N GLY A 7 -13.37 10.53 -2.40
CA GLY A 7 -13.07 9.46 -1.47
C GLY A 7 -11.73 9.65 -0.80
N CYS A 8 -11.08 8.54 -0.44
CA CYS A 8 -9.78 8.58 0.21
C CYS A 8 -8.84 9.52 -0.53
N SER A 9 -7.68 9.78 0.07
CA SER A 9 -6.69 10.66 -0.52
C SER A 9 -5.58 9.85 -1.20
N ASP A 10 -5.12 10.32 -2.35
CA ASP A 10 -4.06 9.65 -3.08
C ASP A 10 -2.91 9.25 -2.16
N LEU A 11 -2.30 8.11 -2.43
CA LEU A 11 -1.19 7.62 -1.62
C LEU A 11 0.15 8.02 -2.23
N PRO A 12 1.16 8.18 -1.37
CA PRO A 12 2.50 8.57 -1.80
C PRO A 12 3.20 7.45 -2.57
N GLU A 13 4.11 7.83 -3.47
CA GLU A 13 4.85 6.86 -4.26
C GLU A 13 5.72 5.97 -3.38
N ILE A 14 5.82 4.70 -3.75
CA ILE A 14 6.62 3.76 -2.98
C ILE A 14 7.98 3.52 -3.64
N GLN A 15 8.97 3.16 -2.84
CA GLN A 15 10.32 2.91 -3.34
C GLN A 15 10.55 1.42 -3.57
N ASN A 16 11.01 1.07 -4.76
CA ASN A 16 11.27 -0.32 -5.10
C ASN A 16 9.98 -1.15 -5.05
N GLY A 17 8.89 -0.57 -5.54
CA GLY A 17 7.61 -1.26 -5.53
C GLY A 17 6.54 -0.50 -6.28
N TRP A 18 5.36 -1.10 -6.38
CA TRP A 18 4.25 -0.48 -7.08
C TRP A 18 2.92 -0.97 -6.53
N LYS A 19 1.83 -0.32 -6.95
CA LYS A 19 0.50 -0.69 -6.49
C LYS A 19 -0.46 -0.85 -7.68
N THR A 20 -1.63 -1.40 -7.41
CA THR A 20 -2.63 -1.62 -8.45
C THR A 20 -3.97 -1.00 -8.06
N THR A 21 -4.67 -0.45 -9.04
CA THR A 21 -5.96 0.18 -8.80
C THR A 21 -7.03 -0.40 -9.72
N SER A 22 -8.19 -0.73 -9.15
CA SER A 22 -9.29 -1.30 -9.91
C SER A 22 -10.28 -0.21 -10.32
N HIS A 23 -10.79 0.52 -9.33
CA HIS A 23 -11.74 1.59 -9.58
C HIS A 23 -11.03 2.87 -10.02
N THR A 24 -11.52 3.47 -11.10
CA THR A 24 -10.94 4.70 -11.62
C THR A 24 -10.60 5.67 -10.49
N GLU A 25 -11.53 5.82 -9.55
CA GLU A 25 -11.33 6.72 -8.42
C GLU A 25 -11.37 5.96 -7.10
N LEU A 26 -10.53 6.36 -6.16
CA LEU A 26 -10.47 5.72 -4.85
C LEU A 26 -11.75 5.97 -4.07
N VAL A 27 -12.70 5.04 -4.17
CA VAL A 27 -13.97 5.15 -3.47
C VAL A 27 -14.02 4.20 -2.27
N ARG A 28 -14.84 4.55 -1.28
CA ARG A 28 -14.99 3.72 -0.09
C ARG A 28 -15.08 2.24 -0.46
N GLY A 29 -14.19 1.43 0.13
CA GLY A 29 -14.19 0.01 -0.15
C GLY A 29 -13.05 -0.41 -1.06
N ALA A 30 -12.57 0.53 -1.87
CA ALA A 30 -11.48 0.26 -2.78
C ALA A 30 -10.28 -0.34 -2.05
N ARG A 31 -9.66 -1.35 -2.65
CA ARG A 31 -8.51 -2.01 -2.06
C ARG A 31 -7.30 -1.93 -2.99
N ILE A 32 -6.16 -1.51 -2.44
CA ILE A 32 -4.93 -1.39 -3.21
C ILE A 32 -3.91 -2.44 -2.79
N THR A 33 -3.34 -3.13 -3.78
CA THR A 33 -2.34 -4.16 -3.51
C THR A 33 -0.93 -3.62 -3.69
N TYR A 34 -0.07 -3.86 -2.71
CA TYR A 34 1.31 -3.40 -2.76
C TYR A 34 2.24 -4.52 -3.22
N GLN A 35 2.93 -4.30 -4.33
CA GLN A 35 3.86 -5.29 -4.87
C GLN A 35 5.28 -4.75 -4.90
N CYS A 36 6.19 -5.48 -4.25
CA CYS A 36 7.60 -5.07 -4.20
C CYS A 36 8.45 -5.96 -5.09
N ASP A 37 9.73 -5.61 -5.23
CA ASP A 37 10.65 -6.37 -6.05
C ASP A 37 10.79 -7.80 -5.52
N PRO A 38 11.22 -8.72 -6.40
CA PRO A 38 11.40 -10.13 -6.06
C PRO A 38 12.58 -10.34 -5.12
N GLY A 39 12.27 -10.72 -3.87
CA GLY A 39 13.33 -10.95 -2.90
C GLY A 39 13.13 -10.13 -1.63
N TYR A 40 12.35 -9.07 -1.73
CA TYR A 40 12.09 -8.20 -0.59
C TYR A 40 10.76 -8.56 0.08
N ASP A 41 10.54 -8.00 1.26
CA ASP A 41 9.31 -8.26 2.00
C ASP A 41 8.61 -6.95 2.37
N ILE A 42 7.34 -7.06 2.72
CA ILE A 42 6.55 -5.88 3.09
C ILE A 42 6.36 -5.80 4.61
N VAL A 43 6.55 -4.60 5.16
CA VAL A 43 6.41 -4.38 6.58
C VAL A 43 5.20 -3.50 6.89
N GLY A 44 4.15 -4.11 7.43
CA GLY A 44 2.94 -3.36 7.76
C GLY A 44 1.70 -3.99 7.17
N SER A 45 0.70 -3.16 6.87
CA SER A 45 -0.55 -3.64 6.30
C SER A 45 -0.42 -3.87 4.80
N ASP A 46 -0.34 -5.13 4.41
CA ASP A 46 -0.22 -5.49 3.00
C ASP A 46 -1.42 -4.99 2.20
N THR A 47 -2.62 -5.30 2.69
CA THR A 47 -3.84 -4.89 2.03
C THR A 47 -4.48 -3.70 2.74
N LEU A 48 -4.65 -2.60 2.00
CA LEU A 48 -5.25 -1.39 2.56
C LEU A 48 -6.66 -1.20 2.03
N THR A 49 -7.52 -0.59 2.87
CA THR A 49 -8.91 -0.34 2.48
C THR A 49 -9.35 1.05 2.92
N CYS A 50 -10.31 1.61 2.19
CA CYS A 50 -10.83 2.93 2.51
C CYS A 50 -12.07 2.85 3.40
N GLN A 51 -11.95 3.37 4.62
CA GLN A 51 -13.05 3.35 5.57
C GLN A 51 -14.15 4.32 5.15
N TRP A 52 -15.19 4.41 5.98
CA TRP A 52 -16.30 5.31 5.70
C TRP A 52 -15.89 6.77 5.88
N ASP A 53 -14.77 6.98 6.55
CA ASP A 53 -14.27 8.33 6.80
C ASP A 53 -13.29 8.75 5.70
N LEU A 54 -13.42 8.12 4.54
CA LEU A 54 -12.54 8.42 3.41
C LEU A 54 -11.08 8.44 3.83
N SER A 55 -10.73 7.52 4.73
CA SER A 55 -9.36 7.42 5.22
C SER A 55 -8.89 5.97 5.24
N TRP A 56 -7.60 5.76 5.01
CA TRP A 56 -7.02 4.43 5.00
C TRP A 56 -6.71 3.95 6.41
N SER A 57 -6.96 2.66 6.66
CA SER A 57 -6.70 2.08 7.98
C SER A 57 -5.47 2.72 8.63
N SER A 58 -4.40 2.85 7.85
CA SER A 58 -3.16 3.43 8.34
C SER A 58 -2.17 3.66 7.20
N ASP A 59 -1.08 4.34 7.50
CA ASP A 59 -0.05 4.62 6.51
C ASP A 59 0.31 3.36 5.72
N PRO A 60 0.72 3.55 4.46
CA PRO A 60 1.09 2.43 3.58
C PRO A 60 2.40 1.77 4.01
N PRO A 61 2.51 0.45 3.74
CA PRO A 61 3.70 -0.33 4.10
C PRO A 61 4.91 0.05 3.25
N PHE A 62 5.99 -0.72 3.39
CA PHE A 62 7.20 -0.47 2.64
C PHE A 62 7.92 -1.78 2.31
N CYS A 63 8.90 -1.71 1.42
CA CYS A 63 9.67 -2.88 1.02
C CYS A 63 11.03 -2.90 1.72
N GLU A 64 11.27 -3.95 2.50
CA GLU A 64 12.53 -4.09 3.23
C GLU A 64 13.21 -5.42 2.87
N LYS A 65 14.50 -5.34 2.57
CA LYS A 65 15.27 -6.53 2.22
C LYS A 65 15.23 -7.55 3.35
N THR A 66 15.07 -8.82 2.99
CA THR A 66 15.02 -9.90 3.97
C THR A 66 16.38 -10.56 4.13
N GLU A 67 16.69 -10.98 5.36
CA GLU A 67 17.96 -11.62 5.64
C GLU A 67 17.77 -12.78 6.62
N GLU A 68 18.31 -13.94 6.26
CA GLU A 68 18.21 -15.12 7.11
C GLU A 68 19.54 -15.42 7.80
N SER A 69 19.54 -15.33 9.13
CA SER A 69 20.74 -15.59 9.92
C SER A 69 20.53 -16.77 10.85
N GLY A 70 21.05 -17.93 10.46
CA GLY A 70 20.91 -19.12 11.28
C GLY A 70 19.53 -19.73 11.18
N PRO A 71 19.47 -21.06 11.32
CA PRO A 71 18.19 -21.80 11.25
C PRO A 71 17.31 -21.53 12.46
N SER A 72 17.90 -21.56 13.64
CA SER A 72 17.16 -21.32 14.88
C SER A 72 17.92 -20.37 15.80
N SER A 73 17.19 -19.48 16.45
CA SER A 73 17.79 -18.51 17.36
C SER A 73 16.76 -17.96 18.33
N GLY A 74 17.21 -17.58 19.52
CA GLY A 74 16.32 -17.03 20.52
C GLY A 74 17.03 -16.73 21.83
#